data_8V29
#
_entry.id   8V29
#
_cell.length_a   1.00
_cell.length_b   1.00
_cell.length_c   1.00
_cell.angle_alpha   90.00
_cell.angle_beta   90.00
_cell.angle_gamma   90.00
#
_symmetry.space_group_name_H-M   'P 1'
#
loop_
_entity.id
_entity.type
_entity.pdbx_description
1 polymer Oncostatin-M
2 polymer 'Interleukin-6 receptor subunit beta'
3 polymer 'Leukemia inhibitory factor receptor'
4 branched 2-acetamido-2-deoxy-beta-D-glucopyranose-(1-4)-2-acetamido-2-deoxy-beta-D-glucopyranose
5 non-polymer 2-acetamido-2-deoxy-beta-D-glucopyranose
#
loop_
_entity_poly.entity_id
_entity_poly.type
_entity_poly.pdbx_seq_one_letter_code
_entity_poly.pdbx_strand_id
1 'polypeptide(L)'
;AAIGSCSKEYRVLLGQLQKQTDLMQDTSRLLDPYIRIQGLDVPKLREHCRERPGAFPSEETLRGLGRRGFLQTLNATLGC
VLHRLADLEQRLPKAQDLERSGLNIEDLEKLQMARPNILGLRNNIYCMAQLLDNSDTAEPTKAGRGASQPPTPTPASDAF
QRKLEGCRFLHGYHRFMHSVGRVFSKWGESPNRSRR
;
A
2 'polypeptide(L)'
;ELLDPCGYISPESPVVQLHSNFTAVCVLKEKCMDYFHVNANYIVWKTNHFTIPKEQYTIINRTASSVTFTDIASLNIQLT
CNILTFGQLEQNVYGITIISGLPPEKPKNLSCIVNEGKKMRCEWDGGRETHLETNFTLKSEWATHKFADCKAKRDTPTSC
TVDYSTVYFVNIEVWVEAENALGKVTSDHINFDPVYKVKPNPPHNLSVINSEELSSILKLTWTNPSIKSVIILKYNIQYR
TKDASTWSQIPPEDTASTRSSFTVQDLKPFTEYVFRIRCMKEDGKGYWSDWSEEASGITYEDRPSKAPSFWYKIDPSHTQ
GYRTVQLVWKTLPPFEANGKILDYEVTLTRWKSHLQNYTVNATKLTVNLTNDRYLATLTVRNLVGKSDAAVLTIPACDFQ
ATHPVMDLKAFPKDNMLWVEWTTPRESVKKYILEWCVLSDKAPCITDWQQEDGTVHRTYLRGNLAESKCYLITVTPVYAD
GPGSPESIKAYLKQAPPSKGPTVRTKKVGKNEAVLEWDQLPVDVQNGFIRNYTIFYRTIIGNETAVNVDSSHTEYTLSSL
TSDTLYMVRMAAYTDEGGKDGPEFTFTTPKFAQGEIEEQKLISEEDLGGEQKLISEEDLHHHHHH
;
B
3 'polypeptide(L)'
;QKKGAPHDLKCVTNNLQVWNCSWKAPSGTGRGTDYEVCIENRSRSCYQLEKTSIKIPALSHGDYEITINSLHDFGSSTSK
FTLNEQNVSLIPDTPEILNLSADFSTSTLYLKWNDRGSVFPHRSNVIWEIKVLRKESMELVKLVTHNTTLNGKDTLHHWS
WASDMPLECAIHFVEIRCYIDNLHFSGLEEWSDWSPVKNISWIPDSQTKVFPQDKVILVGSDITFCCVSQEKVLSALIGH
TNCPLIHLDGENVAIKIRNISVSASSGTNVVFTTEDNIFGTVIFAGYPPDTPQQLNCETHDLKEIICSWNPGRVTALVGP
RATSYTLVESFSGKYVRLKRAEAPTNESYQLLFQMLPNQEIYNFTLNAHNPLGRSQSTILVNITEKVYPHTPTSFKVKDI
NSTAVKLSWHLPGNFAKINFLCEIEIKKSNSVQEQRNVTIKGVENSSYLVALDKLNPYTLYTFRIRCSTETFWKWSKWSN
KKQHLTTEASPSKGPDTWREWSSDGKNLIIYWKPLPINEANGKILSYNVSCSSDEETQSLSEIPDPQHKAEIRLDKNDYI
ISVVAKNSVGSSPPSKIASMEIPNDDLKIEQVVGMGKGILLTWHYDPNMTCDYVIKWCNSSRSEPCLMDWRKVPSNSTET
VIESDEFRPGIRYNFFLYGCRNQGYQLLRSMIGYIEELAPIVAPNFTVEDTSADSILVKWEDIPVEELRGFLRGYLFYFG
KGERDTSKMRVLESGRSDIKVKNITDISQKTLRIADLQGKTSYHLVLRAYTDGGVGPEKSMYVVTKENSEQKLISEEDLG
GEQKLISEEDLHHHHHH
;
C
#
loop_
_chem_comp.id
_chem_comp.type
_chem_comp.name
_chem_comp.formula
NAG D-saccharide, beta linking 2-acetamido-2-deoxy-beta-D-glucopyranose 'C8 H15 N O6'
#
# COMPACT_ATOMS: atom_id res chain seq x y z
N ALA A 1 25.88 9.24 -35.25
CA ALA A 1 25.06 8.84 -34.11
C ALA A 1 24.08 7.74 -34.50
N ALA A 2 23.06 8.11 -35.27
CA ALA A 2 22.05 7.15 -35.72
C ALA A 2 22.54 6.43 -36.97
N ILE A 3 22.33 5.11 -36.99
CA ILE A 3 22.75 4.30 -38.12
C ILE A 3 21.81 4.54 -39.30
N GLY A 4 22.30 4.17 -40.49
CA GLY A 4 21.51 4.31 -41.70
C GLY A 4 20.34 3.35 -41.73
N SER A 5 20.64 2.05 -41.63
CA SER A 5 19.62 1.01 -41.56
C SER A 5 19.53 0.49 -40.14
N CYS A 6 18.32 0.40 -39.62
CA CYS A 6 18.13 -0.05 -38.24
C CYS A 6 18.50 -1.51 -38.03
N SER A 7 18.61 -2.29 -39.11
CA SER A 7 18.98 -3.69 -39.00
C SER A 7 19.69 -4.11 -40.29
N LYS A 8 20.55 -5.12 -40.17
CA LYS A 8 21.31 -5.61 -41.31
C LYS A 8 20.98 -7.04 -41.69
N GLU A 9 20.13 -7.73 -40.92
CA GLU A 9 19.77 -9.12 -41.20
C GLU A 9 18.44 -9.12 -41.95
N TYR A 10 18.50 -9.46 -43.24
CA TYR A 10 17.31 -9.45 -44.09
C TYR A 10 16.25 -10.41 -43.57
N ARG A 11 16.67 -11.56 -43.02
CA ARG A 11 15.70 -12.54 -42.54
C ARG A 11 14.89 -11.98 -41.38
N VAL A 12 15.56 -11.44 -40.37
CA VAL A 12 14.83 -10.93 -39.21
C VAL A 12 14.05 -9.68 -39.59
N LEU A 13 14.53 -8.91 -40.57
CA LEU A 13 13.78 -7.74 -41.02
C LEU A 13 12.48 -8.15 -41.68
N LEU A 14 12.54 -9.16 -42.56
CA LEU A 14 11.32 -9.66 -43.20
C LEU A 14 10.37 -10.27 -42.17
N GLY A 15 10.92 -10.99 -41.18
CA GLY A 15 10.07 -11.50 -40.12
C GLY A 15 9.38 -10.42 -39.34
N GLN A 16 10.12 -9.35 -39.00
CA GLN A 16 9.52 -8.22 -38.30
C GLN A 16 8.42 -7.57 -39.14
N LEU A 17 8.67 -7.40 -40.44
CA LEU A 17 7.65 -6.80 -41.30
C LEU A 17 6.39 -7.66 -41.34
N GLN A 18 6.56 -8.96 -41.52
CA GLN A 18 5.41 -9.86 -41.60
C GLN A 18 4.62 -9.87 -40.29
N LYS A 19 5.32 -9.92 -39.16
CA LYS A 19 4.63 -9.94 -37.87
C LYS A 19 3.92 -8.61 -37.62
N GLN A 20 4.54 -7.49 -37.99
CA GLN A 20 3.89 -6.19 -37.85
C GLN A 20 2.63 -6.11 -38.68
N THR A 21 2.68 -6.63 -39.92
CA THR A 21 1.50 -6.60 -40.77
C THR A 21 0.39 -7.48 -40.21
N ASP A 22 0.75 -8.68 -39.76
CA ASP A 22 -0.26 -9.57 -39.19
C ASP A 22 -0.85 -9.01 -37.91
N LEU A 23 -0.08 -8.20 -37.17
CA LEU A 23 -0.62 -7.56 -35.97
C LEU A 23 -1.51 -6.38 -36.31
N MET A 24 -1.14 -5.59 -37.32
CA MET A 24 -1.93 -4.42 -37.71
C MET A 24 -3.15 -4.77 -38.55
N GLN A 25 -3.26 -6.01 -39.02
CA GLN A 25 -4.44 -6.44 -39.77
C GLN A 25 -5.63 -6.81 -38.87
N ASP A 26 -5.66 -6.34 -37.63
CA ASP A 26 -6.69 -6.73 -36.66
C ASP A 26 -7.91 -5.84 -36.81
N THR A 27 -8.94 -6.37 -37.47
CA THR A 27 -10.19 -5.64 -37.63
C THR A 27 -10.86 -5.37 -36.28
N SER A 28 -10.95 -6.41 -35.43
CA SER A 28 -11.55 -6.24 -34.12
C SER A 28 -10.78 -5.27 -33.25
N ARG A 29 -9.51 -5.03 -33.54
CA ARG A 29 -8.72 -4.08 -32.77
C ARG A 29 -8.80 -2.66 -33.32
N LEU A 30 -9.00 -2.50 -34.63
CA LEU A 30 -9.00 -1.16 -35.22
C LEU A 30 -10.39 -0.65 -35.57
N LEU A 31 -11.15 -1.40 -36.37
CA LEU A 31 -12.41 -0.87 -36.89
C LEU A 31 -13.53 -0.94 -35.87
N ASP A 32 -13.70 -2.09 -35.22
CA ASP A 32 -14.78 -2.26 -34.25
C ASP A 32 -14.73 -1.23 -33.12
N PRO A 33 -13.57 -0.88 -32.54
CA PRO A 33 -13.57 0.21 -31.55
C PRO A 33 -14.13 1.51 -32.07
N TYR A 34 -13.86 1.85 -33.33
CA TYR A 34 -14.38 3.09 -33.90
C TYR A 34 -15.90 3.07 -33.99
N ILE A 35 -16.47 1.98 -34.50
CA ILE A 35 -17.92 1.89 -34.60
C ILE A 35 -18.56 1.85 -33.23
N ARG A 36 -17.88 1.25 -32.25
CA ARG A 36 -18.43 1.21 -30.90
C ARG A 36 -18.40 2.58 -30.25
N ILE A 37 -17.34 3.35 -30.47
CA ILE A 37 -17.22 4.67 -29.85
C ILE A 37 -18.03 5.73 -30.59
N GLN A 38 -18.40 5.50 -31.85
CA GLN A 38 -19.17 6.46 -32.62
C GLN A 38 -20.67 6.31 -32.42
N GLY A 39 -21.12 5.40 -31.55
CA GLY A 39 -22.54 5.22 -31.33
C GLY A 39 -23.27 4.49 -32.42
N LEU A 40 -22.57 3.87 -33.37
CA LEU A 40 -23.18 3.12 -34.46
C LEU A 40 -23.20 1.62 -34.19
N ASP A 41 -23.31 1.22 -32.92
CA ASP A 41 -23.25 -0.20 -32.55
C ASP A 41 -24.62 -0.87 -32.73
N VAL A 42 -25.13 -0.79 -33.96
CA VAL A 42 -26.36 -1.47 -34.34
C VAL A 42 -26.13 -2.18 -35.66
N PRO A 43 -26.77 -3.33 -35.90
CA PRO A 43 -26.49 -4.08 -37.13
C PRO A 43 -26.91 -3.34 -38.39
N LYS A 44 -28.02 -2.61 -38.36
CA LYS A 44 -28.49 -1.90 -39.55
C LYS A 44 -27.46 -0.88 -40.02
N LEU A 45 -26.94 -0.08 -39.08
CA LEU A 45 -25.93 0.91 -39.44
C LEU A 45 -24.57 0.27 -39.69
N ARG A 46 -24.31 -0.89 -39.09
CA ARG A 46 -23.05 -1.57 -39.34
C ARG A 46 -23.00 -2.18 -40.73
N GLU A 47 -24.15 -2.56 -41.27
CA GLU A 47 -24.20 -3.14 -42.62
C GLU A 47 -23.77 -2.17 -43.70
N HIS A 48 -23.75 -0.87 -43.42
CA HIS A 48 -23.38 0.12 -44.42
C HIS A 48 -21.92 0.57 -44.33
N CYS A 49 -21.24 0.27 -43.22
CA CYS A 49 -19.84 0.65 -43.06
C CYS A 49 -18.98 -0.30 -43.92
N ARG A 50 -18.98 -0.02 -45.21
CA ARG A 50 -18.28 -0.84 -46.19
C ARG A 50 -17.28 0.01 -46.98
N GLU A 51 -16.38 -0.66 -47.68
CA GLU A 51 -15.37 0.03 -48.47
C GLU A 51 -15.97 0.54 -49.78
N ARG A 52 -15.64 1.78 -50.13
CA ARG A 52 -16.05 2.35 -51.40
C ARG A 52 -14.99 2.09 -52.47
N PRO A 53 -15.39 1.86 -53.71
CA PRO A 53 -14.40 1.62 -54.77
C PRO A 53 -13.60 2.86 -55.08
N GLY A 54 -12.30 2.67 -55.33
CA GLY A 54 -11.42 3.76 -55.68
C GLY A 54 -10.76 4.47 -54.51
N ALA A 55 -10.76 3.85 -53.33
CA ALA A 55 -10.16 4.46 -52.14
C ALA A 55 -8.75 3.95 -51.87
N PHE A 56 -8.50 2.66 -52.06
CA PHE A 56 -7.21 2.05 -51.79
C PHE A 56 -6.80 1.18 -52.98
N PRO A 57 -5.50 1.00 -53.19
CA PRO A 57 -5.05 0.16 -54.31
C PRO A 57 -5.56 -1.27 -54.17
N SER A 58 -5.58 -1.97 -55.30
CA SER A 58 -6.16 -3.31 -55.36
C SER A 58 -5.09 -4.38 -55.18
N GLU A 59 -5.55 -5.59 -54.85
CA GLU A 59 -4.64 -6.71 -54.66
C GLU A 59 -3.92 -7.06 -55.97
N GLU A 60 -4.62 -6.96 -57.10
CA GLU A 60 -3.97 -7.22 -58.38
C GLU A 60 -2.86 -6.21 -58.66
N THR A 61 -3.11 -4.93 -58.35
CA THR A 61 -2.08 -3.92 -58.53
C THR A 61 -0.90 -4.16 -57.60
N LEU A 62 -1.17 -4.51 -56.35
CA LEU A 62 -0.09 -4.78 -55.40
C LEU A 62 0.73 -6.00 -55.81
N ARG A 63 0.08 -6.99 -56.43
CA ARG A 63 0.82 -8.16 -56.91
C ARG A 63 1.64 -7.83 -58.14
N GLY A 64 1.08 -7.02 -59.05
CA GLY A 64 1.80 -6.66 -60.26
C GLY A 64 2.94 -5.69 -60.03
N LEU A 65 2.87 -4.87 -58.97
CA LEU A 65 3.94 -3.93 -58.69
C LEU A 65 5.20 -4.66 -58.27
N GLY A 66 6.33 -3.98 -58.44
CA GLY A 66 7.63 -4.55 -58.13
C GLY A 66 7.99 -4.46 -56.66
N ARG A 67 9.20 -3.99 -56.37
CA ARG A 67 9.69 -3.87 -54.99
C ARG A 67 9.84 -2.41 -54.57
N ARG A 68 10.61 -1.62 -55.33
CA ARG A 68 10.79 -0.22 -54.96
C ARG A 68 9.50 0.58 -55.15
N GLY A 69 8.76 0.29 -56.22
CA GLY A 69 7.47 0.94 -56.40
C GLY A 69 6.48 0.51 -55.34
N PHE A 70 6.52 -0.76 -54.95
CA PHE A 70 5.68 -1.24 -53.85
C PHE A 70 5.99 -0.49 -52.57
N LEU A 71 7.27 -0.33 -52.25
CA LEU A 71 7.66 0.38 -51.03
C LEU A 71 7.24 1.85 -51.09
N GLN A 72 7.40 2.50 -52.25
CA GLN A 72 7.01 3.89 -52.37
C GLN A 72 5.50 4.07 -52.23
N THR A 73 4.73 3.18 -52.85
CA THR A 73 3.28 3.24 -52.72
C THR A 73 2.85 3.01 -51.28
N LEU A 74 3.48 2.06 -50.59
CA LEU A 74 3.15 1.81 -49.19
C LEU A 74 3.51 3.01 -48.32
N ASN A 75 4.63 3.68 -48.63
CA ASN A 75 5.02 4.87 -47.90
C ASN A 75 4.01 5.99 -48.07
N ALA A 76 3.59 6.24 -49.32
CA ALA A 76 2.61 7.29 -49.57
C ALA A 76 1.27 6.96 -48.91
N THR A 77 0.86 5.69 -48.96
CA THR A 77 -0.38 5.28 -48.34
C THR A 77 -0.32 5.46 -46.83
N LEU A 78 0.82 5.10 -46.22
CA LEU A 78 0.98 5.28 -44.78
C LEU A 78 0.93 6.75 -44.41
N GLY A 79 1.53 7.62 -45.23
CA GLY A 79 1.44 9.05 -44.98
C GLY A 79 0.00 9.55 -45.03
N CYS A 80 -0.75 9.12 -46.05
CA CYS A 80 -2.14 9.56 -46.17
C CYS A 80 -2.98 9.06 -45.00
N VAL A 81 -2.78 7.80 -44.60
CA VAL A 81 -3.53 7.27 -43.46
C VAL A 81 -3.12 7.96 -42.17
N LEU A 82 -1.85 8.35 -42.04
CA LEU A 82 -1.43 9.10 -40.86
C LEU A 82 -2.12 10.46 -40.81
N HIS A 83 -2.22 11.15 -41.94
CA HIS A 83 -2.91 12.43 -41.97
C HIS A 83 -4.38 12.26 -41.60
N ARG A 84 -5.05 11.27 -42.21
CA ARG A 84 -6.45 11.06 -41.90
C ARG A 84 -6.66 10.62 -40.45
N LEU A 85 -5.72 9.88 -39.89
CA LEU A 85 -5.84 9.46 -38.49
C LEU A 85 -5.62 10.62 -37.55
N ALA A 86 -4.73 11.54 -37.90
CA ALA A 86 -4.59 12.76 -37.12
C ALA A 86 -5.87 13.58 -37.16
N ASP A 87 -6.50 13.66 -38.34
CA ASP A 87 -7.79 14.35 -38.42
C ASP A 87 -8.84 13.68 -37.55
N LEU A 88 -8.93 12.35 -37.59
CA LEU A 88 -9.91 11.64 -36.79
C LEU A 88 -9.64 11.82 -35.30
N GLU A 89 -8.37 11.82 -34.89
CA GLU A 89 -8.03 12.07 -33.50
C GLU A 89 -8.42 13.48 -33.09
N GLN A 90 -8.28 14.45 -34.00
CA GLN A 90 -8.79 15.79 -33.73
C GLN A 90 -10.31 15.79 -33.62
N ARG A 91 -10.98 14.86 -34.29
CA ARG A 91 -12.44 14.84 -34.28
C ARG A 91 -13.01 14.14 -33.04
N LEU A 92 -12.36 13.10 -32.55
CA LEU A 92 -12.94 12.29 -31.48
C LEU A 92 -12.98 13.07 -30.16
N PRO A 93 -13.96 12.76 -29.29
CA PRO A 93 -14.07 13.48 -28.02
C PRO A 93 -13.02 13.09 -27.00
N LYS A 94 -13.14 13.61 -25.78
CA LYS A 94 -12.16 13.38 -24.73
C LYS A 94 -12.55 12.17 -23.87
N ALA A 95 -11.55 11.64 -23.16
CA ALA A 95 -11.75 10.43 -22.37
C ALA A 95 -12.72 10.66 -21.21
N GLN A 96 -12.66 11.84 -20.59
CA GLN A 96 -13.59 12.13 -19.50
C GLN A 96 -15.03 12.18 -20.01
N ASP A 97 -15.25 12.77 -21.19
CA ASP A 97 -16.58 12.80 -21.77
C ASP A 97 -17.04 11.40 -22.16
N LEU A 98 -16.12 10.58 -22.67
CA LEU A 98 -16.45 9.19 -22.99
C LEU A 98 -16.90 8.44 -21.74
N GLU A 99 -16.15 8.59 -20.65
CA GLU A 99 -16.50 7.90 -19.41
C GLU A 99 -17.81 8.43 -18.83
N ARG A 100 -18.07 9.72 -18.98
CA ARG A 100 -19.33 10.28 -18.50
C ARG A 100 -20.51 9.77 -19.30
N SER A 101 -20.37 9.69 -20.63
CA SER A 101 -21.45 9.21 -21.47
C SER A 101 -21.67 7.71 -21.29
N GLY A 102 -20.61 6.95 -20.99
CA GLY A 102 -20.76 5.53 -20.75
C GLY A 102 -19.97 4.67 -21.71
N LEU A 103 -19.15 5.31 -22.54
CA LEU A 103 -18.31 4.58 -23.49
C LEU A 103 -17.04 4.12 -22.78
N ASN A 104 -16.11 3.53 -23.53
CA ASN A 104 -14.87 2.99 -22.98
C ASN A 104 -13.67 3.66 -23.64
N ILE A 105 -12.62 3.88 -22.84
CA ILE A 105 -11.39 4.50 -23.35
C ILE A 105 -10.48 3.48 -24.03
N GLU A 106 -10.88 2.21 -24.08
CA GLU A 106 -10.07 1.21 -24.77
C GLU A 106 -9.96 1.50 -26.25
N ASP A 107 -11.00 2.10 -26.84
CA ASP A 107 -10.95 2.45 -28.26
C ASP A 107 -9.90 3.52 -28.52
N LEU A 108 -9.90 4.57 -27.70
CA LEU A 108 -8.89 5.62 -27.83
C LEU A 108 -7.49 5.07 -27.58
N GLU A 109 -7.36 4.15 -26.61
CA GLU A 109 -6.07 3.53 -26.35
C GLU A 109 -5.61 2.73 -27.56
N LYS A 110 -6.51 1.98 -28.19
CA LYS A 110 -6.15 1.19 -29.36
C LYS A 110 -5.74 2.08 -30.53
N LEU A 111 -6.42 3.21 -30.71
CA LEU A 111 -6.03 4.11 -31.79
C LEU A 111 -4.68 4.76 -31.51
N GLN A 112 -4.47 5.23 -30.29
CA GLN A 112 -3.20 5.85 -29.91
C GLN A 112 -2.06 4.85 -29.81
N MET A 113 -2.37 3.55 -29.83
CA MET A 113 -1.33 2.54 -29.97
C MET A 113 -1.10 2.13 -31.42
N ALA A 114 -2.15 2.20 -32.25
CA ALA A 114 -2.02 1.83 -33.65
C ALA A 114 -1.31 2.91 -34.46
N ARG A 115 -1.43 4.18 -34.06
CA ARG A 115 -0.68 5.22 -34.77
C ARG A 115 0.84 5.02 -34.67
N PRO A 116 1.43 4.81 -33.49
CA PRO A 116 2.86 4.46 -33.45
C PRO A 116 3.18 3.16 -34.16
N ASN A 117 2.21 2.24 -34.28
CA ASN A 117 2.42 1.06 -35.10
C ASN A 117 2.64 1.45 -36.57
N ILE A 118 1.86 2.41 -37.06
CA ILE A 118 2.05 2.90 -38.42
C ILE A 118 3.41 3.58 -38.55
N LEU A 119 3.80 4.36 -37.52
CA LEU A 119 5.11 5.00 -37.56
C LEU A 119 6.23 3.98 -37.63
N GLY A 120 6.14 2.93 -36.81
CA GLY A 120 7.16 1.90 -36.82
C GLY A 120 7.18 1.11 -38.11
N LEU A 121 6.01 0.89 -38.71
CA LEU A 121 5.96 0.24 -40.01
C LEU A 121 6.65 1.08 -41.07
N ARG A 122 6.42 2.40 -41.05
CA ARG A 122 7.11 3.28 -41.98
C ARG A 122 8.62 3.24 -41.77
N ASN A 123 9.05 3.25 -40.51
CA ASN A 123 10.48 3.18 -40.22
C ASN A 123 11.09 1.87 -40.71
N ASN A 124 10.37 0.76 -40.53
CA ASN A 124 10.87 -0.52 -41.00
C ASN A 124 10.91 -0.59 -42.52
N ILE A 125 9.94 0.04 -43.19
CA ILE A 125 9.97 0.12 -44.65
C ILE A 125 11.18 0.91 -45.11
N TYR A 126 11.49 2.01 -44.42
CA TYR A 126 12.69 2.78 -44.76
C TYR A 126 13.95 1.94 -44.53
N CYS A 127 13.99 1.18 -43.44
CA CYS A 127 15.14 0.31 -43.18
C CYS A 127 15.31 -0.72 -44.28
N MET A 128 14.21 -1.32 -44.73
CA MET A 128 14.30 -2.30 -45.81
C MET A 128 14.75 -1.65 -47.10
N ALA A 129 14.21 -0.47 -47.42
CA ALA A 129 14.61 0.22 -48.64
C ALA A 129 16.09 0.59 -48.62
N GLN A 130 16.63 0.91 -47.44
CA GLN A 130 18.05 1.21 -47.33
C GLN A 130 18.90 -0.05 -47.36
N LEU A 131 18.38 -1.16 -46.84
CA LEU A 131 19.14 -2.40 -46.78
C LEU A 131 19.23 -3.08 -48.14
N LEU A 132 18.16 -3.00 -48.95
CA LEU A 132 18.19 -3.67 -50.25
C LEU A 132 19.28 -3.10 -51.14
N ASP A 133 19.47 -1.79 -51.12
CA ASP A 133 20.57 -1.12 -51.82
C ASP A 133 20.59 -1.51 -53.31
N ASN A 134 19.50 -1.20 -54.00
CA ASN A 134 19.38 -1.53 -55.41
C ASN A 134 18.85 -0.34 -56.21
N THR A 154 -15.30 19.05 -51.13
CA THR A 154 -16.32 19.03 -50.10
C THR A 154 -16.19 20.23 -49.17
N PRO A 155 -16.96 21.29 -49.44
CA PRO A 155 -16.90 22.48 -48.57
C PRO A 155 -17.36 22.19 -47.14
N ALA A 156 -18.52 21.54 -46.99
CA ALA A 156 -19.05 21.22 -45.68
C ALA A 156 -19.71 19.85 -45.72
N SER A 157 -19.53 19.06 -44.68
CA SER A 157 -20.10 17.73 -44.57
C SER A 157 -20.98 17.64 -43.34
N ASP A 158 -21.83 16.62 -43.32
CA ASP A 158 -22.74 16.42 -42.21
C ASP A 158 -22.08 15.64 -41.08
N ALA A 159 -22.55 15.90 -39.86
CA ALA A 159 -22.00 15.20 -38.70
C ALA A 159 -22.26 13.70 -38.80
N PHE A 160 -23.40 13.31 -39.35
CA PHE A 160 -23.68 11.89 -39.53
C PHE A 160 -22.98 11.33 -40.77
N GLN A 161 -22.67 12.18 -41.74
CA GLN A 161 -21.94 11.72 -42.93
C GLN A 161 -20.47 11.46 -42.63
N ARG A 162 -19.90 12.23 -41.69
CA ARG A 162 -18.49 12.02 -41.34
C ARG A 162 -18.28 10.65 -40.73
N LYS A 163 -19.25 10.14 -39.96
CA LYS A 163 -19.11 8.82 -39.37
C LYS A 163 -19.12 7.73 -40.43
N LEU A 164 -19.99 7.86 -41.44
CA LEU A 164 -20.00 6.90 -42.53
C LEU A 164 -18.72 6.98 -43.35
N GLU A 165 -18.19 8.19 -43.53
CA GLU A 165 -16.91 8.35 -44.21
C GLU A 165 -15.79 7.66 -43.43
N GLY A 166 -15.81 7.78 -42.11
CA GLY A 166 -14.84 7.07 -41.29
C GLY A 166 -14.97 5.57 -41.41
N CYS A 167 -16.20 5.05 -41.39
CA CYS A 167 -16.42 3.64 -41.65
C CYS A 167 -15.79 3.20 -42.97
N ARG A 168 -16.08 3.92 -44.05
CA ARG A 168 -15.59 3.52 -45.36
C ARG A 168 -14.07 3.59 -45.43
N PHE A 169 -13.48 4.64 -44.86
CA PHE A 169 -12.02 4.76 -44.87
C PHE A 169 -11.36 3.64 -44.08
N LEU A 170 -11.91 3.32 -42.91
CA LEU A 170 -11.31 2.26 -42.09
C LEU A 170 -11.47 0.90 -42.75
N HIS A 171 -12.61 0.66 -43.41
CA HIS A 171 -12.78 -0.62 -44.11
C HIS A 171 -11.82 -0.73 -45.28
N GLY A 172 -11.63 0.36 -46.03
CA GLY A 172 -10.64 0.34 -47.09
C GLY A 172 -9.23 0.13 -46.57
N TYR A 173 -8.91 0.73 -45.43
CA TYR A 173 -7.59 0.54 -44.84
C TYR A 173 -7.39 -0.91 -44.40
N HIS A 174 -8.43 -1.53 -43.84
CA HIS A 174 -8.32 -2.94 -43.45
C HIS A 174 -8.16 -3.84 -44.67
N ARG A 175 -8.87 -3.53 -45.76
CA ARG A 175 -8.70 -4.30 -46.99
C ARG A 175 -7.28 -4.15 -47.52
N PHE A 176 -6.73 -2.94 -47.50
CA PHE A 176 -5.35 -2.73 -47.95
C PHE A 176 -4.36 -3.46 -47.05
N MET A 177 -4.64 -3.50 -45.75
CA MET A 177 -3.76 -4.23 -44.84
C MET A 177 -3.80 -5.73 -45.12
N HIS A 178 -4.99 -6.27 -45.39
CA HIS A 178 -5.08 -7.67 -45.77
C HIS A 178 -4.33 -7.94 -47.06
N SER A 179 -4.43 -7.04 -48.03
CA SER A 179 -3.73 -7.21 -49.29
C SER A 179 -2.22 -7.21 -49.10
N VAL A 180 -1.71 -6.25 -48.32
CA VAL A 180 -0.27 -6.17 -48.12
C VAL A 180 0.21 -7.34 -47.27
N GLY A 181 -0.63 -7.87 -46.37
CA GLY A 181 -0.25 -9.06 -45.63
C GLY A 181 -0.14 -10.28 -46.53
N ARG A 182 -1.12 -10.45 -47.43
CA ARG A 182 -1.02 -11.54 -48.40
C ARG A 182 0.21 -11.39 -49.29
N VAL A 183 0.53 -10.14 -49.66
CA VAL A 183 1.72 -9.90 -50.48
C VAL A 183 2.98 -10.31 -49.72
N PHE A 184 3.11 -9.84 -48.47
CA PHE A 184 4.28 -10.19 -47.66
C PHE A 184 4.39 -11.69 -47.45
N SER A 185 3.25 -12.37 -47.26
CA SER A 185 3.29 -13.82 -47.10
C SER A 185 3.57 -14.54 -48.41
N LYS A 186 3.39 -13.86 -49.55
CA LYS A 186 3.64 -14.49 -50.84
C LYS A 186 5.13 -14.75 -51.05
N TRP A 187 5.95 -13.70 -51.04
CA TRP A 187 7.38 -13.85 -51.26
C TRP A 187 8.06 -14.17 -49.94
N GLY A 188 8.71 -15.34 -49.88
CA GLY A 188 9.38 -15.78 -48.67
C GLY A 188 10.73 -15.13 -48.46
N GLU A 189 11.67 -15.38 -49.38
CA GLU A 189 13.01 -14.84 -49.28
C GLU A 189 13.43 -14.27 -50.63
N SER A 190 14.41 -13.37 -50.58
CA SER A 190 14.94 -12.72 -51.77
C SER A 190 16.38 -12.31 -51.51
N PRO A 191 17.29 -12.53 -52.48
CA PRO A 191 18.71 -12.18 -52.30
C PRO A 191 18.95 -10.67 -52.27
N PRO B 5 34.80 47.96 0.25
CA PRO B 5 35.58 46.97 -0.50
C PRO B 5 36.56 47.61 -1.48
N CYS B 6 37.75 47.02 -1.60
CA CYS B 6 38.78 47.54 -2.50
C CYS B 6 39.45 46.46 -3.35
N GLY B 7 39.23 45.18 -3.07
CA GLY B 7 39.87 44.13 -3.83
C GLY B 7 38.93 42.97 -4.08
N TYR B 8 39.35 42.09 -4.99
CA TYR B 8 38.58 40.91 -5.33
C TYR B 8 39.53 39.86 -5.89
N ILE B 9 39.27 38.60 -5.53
CA ILE B 9 40.11 37.47 -5.96
C ILE B 9 39.41 36.79 -7.13
N SER B 10 40.07 36.75 -8.28
CA SER B 10 39.50 36.13 -9.47
C SER B 10 40.14 34.76 -9.69
N PRO B 11 39.34 33.70 -9.95
CA PRO B 11 37.88 33.75 -10.02
C PRO B 11 37.22 33.80 -8.64
N GLU B 12 35.92 34.08 -8.61
CA GLU B 12 35.23 34.28 -7.33
C GLU B 12 35.05 32.96 -6.60
N SER B 13 34.33 32.01 -7.21
CA SER B 13 34.06 30.70 -6.61
C SER B 13 34.59 29.62 -7.55
N PRO B 14 35.88 29.31 -7.46
CA PRO B 14 36.46 28.27 -8.32
C PRO B 14 36.28 26.87 -7.75
N VAL B 15 36.07 25.92 -8.66
CA VAL B 15 35.96 24.50 -8.32
C VAL B 15 36.96 23.76 -9.21
N VAL B 16 38.16 23.53 -8.69
CA VAL B 16 39.23 22.89 -9.43
C VAL B 16 39.32 21.44 -8.97
N GLN B 17 39.80 20.58 -9.87
CA GLN B 17 39.96 19.17 -9.55
C GLN B 17 41.02 18.98 -8.46
N LEU B 18 40.81 17.97 -7.62
CA LEU B 18 41.77 17.66 -6.58
C LEU B 18 43.10 17.22 -7.18
N HIS B 19 44.19 17.66 -6.55
CA HIS B 19 45.55 17.36 -7.00
C HIS B 19 45.77 17.83 -8.44
N SER B 20 45.49 19.11 -8.68
CA SER B 20 45.62 19.69 -10.00
C SER B 20 46.24 21.08 -9.95
N ASN B 21 46.19 21.79 -11.08
CA ASN B 21 46.77 23.12 -11.19
C ASN B 21 45.72 24.18 -10.93
N PHE B 22 46.10 25.23 -10.19
CA PHE B 22 45.18 26.30 -9.86
C PHE B 22 45.98 27.59 -9.69
N THR B 23 45.33 28.71 -10.01
CA THR B 23 45.95 30.02 -9.91
C THR B 23 44.92 31.04 -9.44
N ALA B 24 45.24 31.75 -8.36
CA ALA B 24 44.36 32.77 -7.80
C ALA B 24 45.03 34.13 -7.92
N VAL B 25 44.25 35.14 -8.29
CA VAL B 25 44.75 36.50 -8.51
C VAL B 25 43.87 37.46 -7.71
N CYS B 26 44.48 38.21 -6.80
CA CYS B 26 43.78 39.20 -5.98
C CYS B 26 44.17 40.58 -6.49
N VAL B 27 43.23 41.24 -7.18
CA VAL B 27 43.45 42.56 -7.75
C VAL B 27 42.80 43.60 -6.85
N LEU B 28 43.55 44.66 -6.53
CA LEU B 28 43.06 45.73 -5.68
C LEU B 28 42.69 46.95 -6.53
N LYS B 29 42.00 47.89 -5.90
CA LYS B 29 41.61 49.13 -6.54
C LYS B 29 42.52 50.27 -6.10
N GLU B 30 42.48 51.36 -6.86
CA GLU B 30 43.35 52.50 -6.58
C GLU B 30 42.95 53.26 -5.32
N LYS B 31 41.74 53.05 -4.83
CA LYS B 31 41.28 53.76 -3.64
C LYS B 31 42.16 53.44 -2.44
N CYS B 32 42.21 52.16 -2.04
CA CYS B 32 43.08 51.77 -0.94
C CYS B 32 44.55 51.97 -1.29
N MET B 33 44.88 51.91 -2.58
CA MET B 33 46.27 52.11 -3.00
C MET B 33 46.77 53.50 -2.65
N ASP B 34 46.05 54.53 -3.09
CA ASP B 34 46.46 55.90 -2.80
C ASP B 34 45.96 56.39 -1.44
N TYR B 35 45.18 55.58 -0.71
CA TYR B 35 44.84 55.92 0.65
C TYR B 35 45.90 55.43 1.64
N PHE B 36 46.29 54.17 1.53
CA PHE B 36 47.30 53.59 2.43
C PHE B 36 48.71 53.68 1.86
N HIS B 37 48.88 54.23 0.66
CA HIS B 37 50.19 54.36 0.01
C HIS B 37 50.84 52.99 -0.17
N VAL B 38 50.07 52.05 -0.72
CA VAL B 38 50.52 50.68 -0.93
C VAL B 38 50.35 50.32 -2.40
N ASN B 39 50.85 49.13 -2.75
CA ASN B 39 50.74 48.61 -4.11
C ASN B 39 50.67 47.09 -4.03
N ALA B 40 50.88 46.43 -5.16
CA ALA B 40 50.83 44.98 -5.19
C ALA B 40 52.02 44.33 -4.51
N ASN B 41 53.10 45.08 -4.28
CA ASN B 41 54.27 44.53 -3.61
C ASN B 41 54.00 44.22 -2.14
N TYR B 42 53.02 44.88 -1.53
CA TYR B 42 52.66 44.63 -0.14
C TYR B 42 51.57 43.58 0.01
N ILE B 43 51.08 43.01 -1.09
CA ILE B 43 50.03 42.01 -1.01
C ILE B 43 50.62 40.69 -0.53
N VAL B 44 50.07 40.16 0.55
CA VAL B 44 50.51 38.88 1.11
C VAL B 44 49.35 37.90 1.03
N TRP B 45 49.71 36.61 1.02
CA TRP B 45 48.75 35.53 0.94
C TRP B 45 48.83 34.68 2.20
N LYS B 46 47.68 34.47 2.84
CA LYS B 46 47.60 33.68 4.07
C LYS B 46 46.40 32.76 3.97
N THR B 47 46.63 31.46 4.09
CA THR B 47 45.57 30.47 4.03
C THR B 47 44.99 30.24 5.43
N ASN B 48 44.02 29.33 5.51
CA ASN B 48 43.39 29.00 6.78
C ASN B 48 44.27 28.10 7.65
N HIS B 49 45.43 27.67 7.16
CA HIS B 49 46.33 26.81 7.90
C HIS B 49 47.73 27.39 8.05
N PHE B 50 48.24 28.08 7.05
CA PHE B 50 49.58 28.65 7.10
C PHE B 50 49.64 29.85 6.18
N THR B 51 50.78 30.56 6.26
CA THR B 51 51.03 31.74 5.44
C THR B 51 51.84 31.33 4.20
N ILE B 52 51.35 31.73 3.03
CA ILE B 52 52.04 31.41 1.78
C ILE B 52 53.35 32.19 1.72
N PRO B 53 54.48 31.53 1.46
CA PRO B 53 55.77 32.27 1.41
C PRO B 53 55.85 33.23 0.23
N LYS B 54 56.95 33.98 0.17
CA LYS B 54 57.11 34.98 -0.89
C LYS B 54 57.45 34.33 -2.23
N GLU B 55 58.24 33.26 -2.21
CA GLU B 55 58.67 32.59 -3.44
C GLU B 55 57.58 31.74 -4.07
N GLN B 56 56.36 31.77 -3.53
CA GLN B 56 55.27 30.97 -4.06
C GLN B 56 54.30 31.77 -4.94
N TYR B 57 54.27 33.09 -4.82
CA TYR B 57 53.41 33.93 -5.63
C TYR B 57 54.25 34.90 -6.44
N THR B 58 53.74 35.28 -7.61
CA THR B 58 54.43 36.17 -8.53
C THR B 58 53.60 37.43 -8.74
N ILE B 59 54.26 38.58 -8.66
CA ILE B 59 53.58 39.86 -8.85
C ILE B 59 53.40 40.11 -10.34
N ILE B 60 52.17 40.42 -10.74
CA ILE B 60 51.87 40.69 -12.14
C ILE B 60 52.27 42.11 -12.52
N ASN B 61 51.68 43.10 -11.84
CA ASN B 61 51.99 44.49 -12.10
C ASN B 61 51.87 45.26 -10.79
N ARG B 62 51.78 46.60 -10.89
CA ARG B 62 51.73 47.45 -9.70
C ARG B 62 50.49 47.20 -8.85
N THR B 63 49.41 46.66 -9.43
CA THR B 63 48.17 46.47 -8.70
C THR B 63 47.62 45.05 -8.84
N ALA B 64 48.47 44.06 -9.10
CA ALA B 64 48.02 42.69 -9.26
C ALA B 64 49.05 41.74 -8.67
N SER B 65 48.54 40.63 -8.12
CA SER B 65 49.38 39.57 -7.56
C SER B 65 48.73 38.23 -7.82
N SER B 66 49.54 37.26 -8.22
CA SER B 66 49.06 35.93 -8.60
C SER B 66 49.79 34.87 -7.80
N VAL B 67 49.03 33.92 -7.26
CA VAL B 67 49.58 32.78 -6.52
C VAL B 67 49.16 31.50 -7.21
N THR B 68 49.96 30.45 -7.05
CA THR B 68 49.73 29.18 -7.69
C THR B 68 49.75 28.05 -6.65
N PHE B 69 49.02 26.99 -6.97
CA PHE B 69 48.95 25.80 -6.12
C PHE B 69 49.24 24.58 -6.98
N THR B 70 50.28 23.83 -6.61
CA THR B 70 50.71 22.67 -7.38
C THR B 70 49.99 21.38 -6.97
N ASP B 71 49.30 21.38 -5.84
CA ASP B 71 48.63 20.18 -5.35
C ASP B 71 47.50 20.58 -4.41
N ILE B 72 46.28 20.23 -4.77
CA ILE B 72 45.10 20.49 -3.95
C ILE B 72 44.62 19.17 -3.41
N ALA B 73 44.87 18.93 -2.12
CA ALA B 73 44.48 17.69 -1.46
C ALA B 73 43.51 17.93 -0.30
N SER B 74 43.01 19.16 -0.14
CA SER B 74 42.10 19.50 0.93
C SER B 74 40.70 19.74 0.35
N LEU B 75 39.69 19.45 1.17
CA LEU B 75 38.31 19.65 0.73
C LEU B 75 37.94 21.13 0.73
N ASN B 76 38.42 21.88 1.72
CA ASN B 76 38.12 23.30 1.84
C ASN B 76 39.41 24.07 2.11
N ILE B 77 39.62 25.15 1.36
CA ILE B 77 40.79 26.00 1.52
C ILE B 77 40.33 27.45 1.43
N GLN B 78 40.55 28.21 2.51
CA GLN B 78 40.15 29.62 2.55
C GLN B 78 41.36 30.47 2.18
N LEU B 79 41.42 30.87 0.90
CA LEU B 79 42.51 31.71 0.41
C LEU B 79 42.12 33.17 0.57
N THR B 80 42.89 33.91 1.36
CA THR B 80 42.63 35.32 1.62
C THR B 80 43.87 36.14 1.32
N CYS B 81 43.69 37.22 0.55
CA CYS B 81 44.75 38.15 0.25
C CYS B 81 44.68 39.33 1.20
N ASN B 82 45.84 39.74 1.73
CA ASN B 82 45.92 40.80 2.70
C ASN B 82 46.95 41.84 2.25
N ILE B 83 46.81 43.05 2.80
CA ILE B 83 47.69 44.16 2.47
C ILE B 83 48.55 44.47 3.70
N LEU B 84 49.72 45.05 3.44
CA LEU B 84 50.65 45.46 4.48
C LEU B 84 50.71 46.97 4.47
N THR B 85 50.12 47.60 5.48
CA THR B 85 50.10 49.04 5.63
C THR B 85 51.24 49.48 6.54
N PHE B 86 51.26 50.76 6.89
CA PHE B 86 52.30 51.28 7.77
C PHE B 86 52.07 50.81 9.20
N GLY B 87 53.17 50.48 9.88
CA GLY B 87 53.09 50.00 11.25
C GLY B 87 52.89 48.52 11.40
N GLN B 88 53.25 47.72 10.39
CA GLN B 88 53.09 46.26 10.42
C GLN B 88 51.64 45.86 10.72
N LEU B 89 50.70 46.60 10.13
CA LEU B 89 49.28 46.33 10.31
C LEU B 89 48.73 45.56 9.11
N GLU B 90 47.99 44.50 9.38
CA GLU B 90 47.40 43.67 8.35
C GLU B 90 45.90 43.91 8.28
N GLN B 91 45.37 43.97 7.06
CA GLN B 91 43.97 44.23 6.82
C GLN B 91 43.43 43.21 5.83
N ASN B 92 42.28 42.62 6.14
CA ASN B 92 41.65 41.65 5.26
C ASN B 92 41.01 42.35 4.07
N VAL B 93 40.99 41.65 2.93
CA VAL B 93 40.44 42.21 1.70
C VAL B 93 39.32 41.31 1.19
N TYR B 94 39.65 40.07 0.86
CA TYR B 94 38.67 39.15 0.28
C TYR B 94 39.13 37.72 0.50
N GLY B 95 38.20 36.79 0.35
CA GLY B 95 38.50 35.38 0.51
C GLY B 95 37.65 34.53 -0.41
N ILE B 96 38.21 33.40 -0.83
CA ILE B 96 37.55 32.47 -1.73
C ILE B 96 37.61 31.07 -1.13
N THR B 97 37.08 30.10 -1.86
CA THR B 97 37.06 28.71 -1.41
C THR B 97 36.84 27.80 -2.61
N ILE B 98 37.37 26.58 -2.51
CA ILE B 98 37.25 25.57 -3.54
C ILE B 98 36.74 24.29 -2.89
N ILE B 99 35.61 23.77 -3.38
CA ILE B 99 34.92 22.64 -2.76
C ILE B 99 34.64 21.59 -3.82
N SER B 100 35.04 20.35 -3.55
CA SER B 100 34.55 19.14 -4.23
C SER B 100 34.79 19.22 -5.75
N GLY B 101 36.07 19.18 -6.11
CA GLY B 101 36.43 19.13 -7.52
C GLY B 101 36.96 17.77 -7.97
N LEU B 102 36.16 17.05 -8.77
CA LEU B 102 36.55 15.74 -9.28
C LEU B 102 35.66 15.33 -10.45
N PRO B 103 36.25 14.88 -11.57
CA PRO B 103 35.44 14.53 -12.74
C PRO B 103 34.94 13.10 -12.65
N PRO B 104 33.78 12.80 -13.26
CA PRO B 104 33.26 11.43 -13.23
C PRO B 104 33.76 10.58 -14.39
N GLU B 105 33.34 9.32 -14.43
CA GLU B 105 33.75 8.37 -15.46
C GLU B 105 32.51 7.75 -16.11
N LYS B 106 32.69 7.28 -17.35
CA LYS B 106 31.55 6.84 -18.14
C LYS B 106 30.94 5.55 -17.59
N PRO B 107 29.64 5.34 -17.80
CA PRO B 107 29.00 4.14 -17.24
C PRO B 107 29.11 2.92 -18.14
N LYS B 108 28.53 1.81 -17.71
CA LYS B 108 28.55 0.56 -18.46
C LYS B 108 27.34 -0.26 -18.02
N ASN B 109 27.29 -1.53 -18.44
CA ASN B 109 26.20 -2.44 -18.09
C ASN B 109 24.85 -1.90 -18.55
N LEU B 110 24.75 -1.70 -19.87
CA LEU B 110 23.55 -1.17 -20.49
C LEU B 110 22.59 -2.33 -20.79
N SER B 111 21.44 -2.33 -20.14
CA SER B 111 20.44 -3.37 -20.33
C SER B 111 19.05 -2.74 -20.23
N CYS B 112 18.17 -3.14 -21.14
CA CYS B 112 16.80 -2.63 -21.18
C CYS B 112 15.82 -3.78 -21.08
N ILE B 113 14.69 -3.53 -20.44
CA ILE B 113 13.64 -4.52 -20.23
C ILE B 113 12.30 -3.90 -20.62
N VAL B 114 11.48 -4.69 -21.31
CA VAL B 114 10.17 -4.24 -21.79
C VAL B 114 9.09 -5.03 -21.05
N ASN B 115 8.04 -4.33 -20.64
CA ASN B 115 6.91 -4.95 -19.97
C ASN B 115 5.77 -5.16 -20.96
N GLU B 116 4.74 -5.87 -20.50
CA GLU B 116 3.58 -6.17 -21.35
C GLU B 116 2.75 -4.92 -21.54
N GLY B 117 2.81 -4.34 -22.73
CA GLY B 117 2.02 -3.16 -23.03
C GLY B 117 2.41 -1.91 -22.27
N LYS B 118 3.68 -1.81 -21.88
CA LYS B 118 4.18 -0.65 -21.15
C LYS B 118 5.43 -0.12 -21.85
N LYS B 119 6.01 0.93 -21.26
CA LYS B 119 7.20 1.55 -21.83
C LYS B 119 8.45 0.76 -21.48
N MET B 120 9.52 1.01 -22.23
CA MET B 120 10.78 0.31 -22.04
C MET B 120 11.63 1.02 -21.00
N ARG B 121 12.19 0.24 -20.07
CA ARG B 121 13.03 0.76 -19.00
C ARG B 121 14.44 0.22 -19.14
N CYS B 122 15.42 1.12 -19.10
CA CYS B 122 16.83 0.76 -19.22
C CYS B 122 17.56 1.11 -17.93
N GLU B 123 18.58 0.32 -17.61
CA GLU B 123 19.36 0.51 -16.39
C GLU B 123 20.85 0.42 -16.72
N TRP B 124 21.66 0.90 -15.78
CA TRP B 124 23.11 0.86 -15.90
C TRP B 124 23.70 0.98 -14.50
N ASP B 125 25.01 1.22 -14.43
CA ASP B 125 25.70 1.40 -13.16
C ASP B 125 26.28 2.81 -13.09
N GLY B 126 26.47 3.29 -11.86
CA GLY B 126 27.00 4.62 -11.65
C GLY B 126 28.50 4.70 -11.87
N GLY B 127 29.24 3.70 -11.40
CA GLY B 127 30.67 3.68 -11.56
C GLY B 127 31.41 4.14 -10.31
N ARG B 128 32.61 4.68 -10.50
CA ARG B 128 33.40 5.14 -9.36
C ARG B 128 32.83 6.45 -8.82
N GLU B 129 33.14 6.72 -7.55
CA GLU B 129 32.67 7.94 -6.92
C GLU B 129 33.43 9.15 -7.46
N THR B 130 32.69 10.24 -7.71
CA THR B 130 33.27 11.47 -8.22
C THR B 130 33.04 12.67 -7.31
N HIS B 131 32.35 12.49 -6.18
CA HIS B 131 32.05 13.56 -5.23
C HIS B 131 31.33 14.73 -5.87
N LEU B 132 30.67 14.50 -7.00
CA LEU B 132 29.97 15.57 -7.71
C LEU B 132 28.76 14.98 -8.41
N GLU B 133 27.84 15.87 -8.80
CA GLU B 133 26.64 15.45 -9.50
C GLU B 133 26.95 15.21 -10.97
N THR B 134 26.27 14.21 -11.55
CA THR B 134 26.43 13.86 -12.95
C THR B 134 25.08 13.49 -13.52
N ASN B 135 24.62 14.24 -14.51
CA ASN B 135 23.32 14.02 -15.13
C ASN B 135 23.48 12.99 -16.25
N PHE B 136 23.00 11.78 -16.01
CA PHE B 136 23.08 10.70 -17.00
C PHE B 136 21.84 10.77 -17.90
N THR B 137 22.08 10.76 -19.21
CA THR B 137 21.01 10.81 -20.20
C THR B 137 21.30 9.77 -21.28
N LEU B 138 20.27 9.01 -21.66
CA LEU B 138 20.38 8.02 -22.70
C LEU B 138 19.65 8.49 -23.96
N LYS B 139 20.22 8.17 -25.11
CA LYS B 139 19.67 8.56 -26.40
C LYS B 139 19.09 7.34 -27.09
N SER B 140 17.80 7.40 -27.42
CA SER B 140 17.10 6.32 -28.10
C SER B 140 16.46 6.87 -29.36
N GLU B 141 16.79 6.27 -30.50
CA GLU B 141 16.26 6.73 -31.77
C GLU B 141 16.30 5.59 -32.77
N TRP B 142 15.45 5.69 -33.79
CA TRP B 142 15.38 4.70 -34.85
C TRP B 142 16.41 5.04 -35.93
N ALA B 143 16.32 4.36 -37.07
CA ALA B 143 17.23 4.67 -38.18
C ALA B 143 16.91 6.01 -38.82
N THR B 144 15.66 6.48 -38.69
CA THR B 144 15.26 7.74 -39.29
C THR B 144 14.43 8.63 -38.38
N HIS B 145 14.09 8.18 -37.17
CA HIS B 145 13.30 8.97 -36.25
C HIS B 145 14.03 9.08 -34.91
N LYS B 146 13.96 10.27 -34.32
CA LYS B 146 14.60 10.54 -33.04
C LYS B 146 13.54 10.74 -31.98
N PHE B 147 13.70 10.08 -30.84
CA PHE B 147 12.75 10.15 -29.74
C PHE B 147 13.23 11.15 -28.70
N ALA B 148 12.48 11.25 -27.61
CA ALA B 148 12.83 12.13 -26.50
C ALA B 148 13.91 11.48 -25.64
N ASP B 149 14.36 12.21 -24.62
CA ASP B 149 15.43 11.75 -23.73
C ASP B 149 14.91 11.68 -22.30
N CYS B 150 15.65 10.95 -21.46
CA CYS B 150 15.38 10.86 -20.04
C CYS B 150 16.48 11.56 -19.25
N LYS B 151 16.08 12.23 -18.18
CA LYS B 151 17.00 12.92 -17.28
C LYS B 151 17.17 12.08 -16.02
N ALA B 152 18.42 11.92 -15.58
CA ALA B 152 18.69 11.11 -14.41
C ALA B 152 18.11 11.77 -13.17
N LYS B 153 17.19 11.07 -12.50
CA LYS B 153 16.59 11.59 -11.29
C LYS B 153 17.54 11.45 -10.10
N ARG B 154 17.25 12.22 -9.05
CA ARG B 154 18.10 12.22 -7.86
C ARG B 154 17.86 11.01 -6.97
N ASP B 155 16.67 10.41 -7.02
CA ASP B 155 16.41 9.23 -6.22
C ASP B 155 17.20 8.03 -6.72
N THR B 156 17.18 7.80 -8.04
CA THR B 156 17.94 6.72 -8.64
C THR B 156 18.49 7.16 -9.99
N PRO B 157 19.80 7.37 -10.11
CA PRO B 157 20.39 7.81 -11.37
C PRO B 157 20.65 6.70 -12.39
N THR B 158 20.09 5.50 -12.19
CA THR B 158 20.31 4.37 -13.07
C THR B 158 19.00 3.75 -13.52
N SER B 159 18.01 4.60 -13.85
CA SER B 159 16.71 4.12 -14.27
C SER B 159 16.01 5.20 -15.09
N CYS B 160 15.32 4.77 -16.14
CA CYS B 160 14.58 5.68 -17.02
C CYS B 160 13.38 4.97 -17.61
N THR B 161 12.27 5.69 -17.69
CA THR B 161 11.05 5.23 -18.36
C THR B 161 10.73 6.20 -19.48
N VAL B 162 10.73 5.70 -20.71
CA VAL B 162 10.47 6.53 -21.88
C VAL B 162 9.01 6.98 -21.88
N ASP B 163 8.69 7.96 -22.72
CA ASP B 163 7.35 8.54 -22.77
C ASP B 163 6.56 8.10 -23.99
N TYR B 164 7.13 7.26 -24.85
CA TYR B 164 6.45 6.79 -26.05
C TYR B 164 6.15 5.30 -25.93
N SER B 165 5.10 4.87 -26.63
CA SER B 165 4.68 3.48 -26.58
C SER B 165 5.70 2.59 -27.27
N THR B 166 5.84 1.36 -26.76
CA THR B 166 6.79 0.42 -27.31
C THR B 166 6.29 -0.12 -28.65
N VAL B 167 7.05 0.11 -29.70
CA VAL B 167 6.72 -0.37 -31.04
C VAL B 167 7.53 -1.64 -31.28
N TYR B 168 6.84 -2.76 -31.34
CA TYR B 168 7.52 -4.05 -31.48
C TYR B 168 8.07 -4.23 -32.89
N PHE B 169 8.99 -5.18 -33.03
CA PHE B 169 9.57 -5.56 -34.31
C PHE B 169 10.29 -4.38 -34.98
N VAL B 170 10.91 -3.54 -34.18
CA VAL B 170 11.64 -2.37 -34.67
C VAL B 170 12.97 -2.30 -33.94
N ASN B 171 14.07 -2.62 -34.62
CA ASN B 171 15.39 -2.59 -34.02
C ASN B 171 15.78 -1.14 -33.74
N ILE B 172 15.90 -0.80 -32.46
CA ILE B 172 16.25 0.55 -32.03
C ILE B 172 17.64 0.53 -31.41
N GLU B 173 18.39 1.62 -31.63
CA GLU B 173 19.73 1.77 -31.08
C GLU B 173 19.66 2.73 -29.89
N VAL B 174 20.15 2.26 -28.74
CA VAL B 174 20.10 3.03 -27.50
C VAL B 174 21.50 3.09 -26.90
N TRP B 175 21.90 4.28 -26.46
CA TRP B 175 23.18 4.46 -25.79
C TRP B 175 23.04 5.56 -24.74
N VAL B 176 23.76 5.40 -23.64
CA VAL B 176 23.75 6.34 -22.53
C VAL B 176 24.95 7.28 -22.67
N GLU B 177 24.72 8.57 -22.52
CA GLU B 177 25.75 9.60 -22.63
C GLU B 177 25.93 10.26 -21.28
N ALA B 178 27.15 10.22 -20.75
CA ALA B 178 27.46 10.83 -19.46
C ALA B 178 27.94 12.26 -19.68
N GLU B 179 27.22 13.22 -19.10
CA GLU B 179 27.53 14.63 -19.27
C GLU B 179 27.64 15.29 -17.90
N ASN B 180 28.70 16.07 -17.71
CA ASN B 180 28.91 16.79 -16.46
C ASN B 180 29.49 18.16 -16.80
N ALA B 181 29.98 18.86 -15.79
CA ALA B 181 30.52 20.21 -15.97
C ALA B 181 31.96 20.22 -16.45
N LEU B 182 32.54 19.05 -16.76
CA LEU B 182 33.94 18.98 -17.19
C LEU B 182 34.11 18.22 -18.49
N GLY B 183 33.03 17.81 -19.14
CA GLY B 183 33.12 17.13 -20.41
C GLY B 183 31.95 16.18 -20.59
N LYS B 184 31.93 15.55 -21.77
CA LYS B 184 30.90 14.58 -22.12
C LYS B 184 31.56 13.30 -22.62
N VAL B 185 30.86 12.19 -22.44
CA VAL B 185 31.35 10.89 -22.88
C VAL B 185 30.15 9.97 -23.07
N THR B 186 30.18 9.18 -24.13
CA THR B 186 29.09 8.28 -24.47
C THR B 186 29.53 6.83 -24.26
N SER B 187 28.56 5.98 -23.95
CA SER B 187 28.81 4.56 -23.76
C SER B 187 28.73 3.84 -25.11
N ASP B 188 28.71 2.52 -25.08
CA ASP B 188 28.64 1.74 -26.31
C ASP B 188 27.25 1.84 -26.92
N HIS B 189 27.18 1.58 -28.23
CA HIS B 189 25.93 1.64 -28.99
C HIS B 189 25.48 0.22 -29.29
N ILE B 190 24.28 -0.13 -28.83
CA ILE B 190 23.72 -1.46 -29.02
C ILE B 190 22.36 -1.32 -29.69
N ASN B 191 21.98 -2.34 -30.46
CA ASN B 191 20.70 -2.39 -31.14
C ASN B 191 20.00 -3.70 -30.82
N PHE B 192 18.70 -3.62 -30.53
CA PHE B 192 17.96 -4.80 -30.12
C PHE B 192 16.48 -4.60 -30.43
N ASP B 193 15.78 -5.71 -30.59
CA ASP B 193 14.34 -5.75 -30.86
C ASP B 193 13.59 -5.75 -29.53
N PRO B 194 12.68 -4.79 -29.31
CA PRO B 194 11.98 -4.73 -28.01
C PRO B 194 11.14 -5.95 -27.69
N VAL B 195 10.75 -6.74 -28.70
CA VAL B 195 10.01 -7.97 -28.42
C VAL B 195 10.90 -9.02 -27.77
N TYR B 196 12.22 -8.91 -27.94
CA TYR B 196 13.15 -9.84 -27.31
C TYR B 196 13.39 -9.53 -25.83
N LYS B 197 12.94 -8.37 -25.35
CA LYS B 197 13.10 -7.99 -23.96
C LYS B 197 11.77 -7.92 -23.22
N VAL B 198 10.74 -8.59 -23.74
CA VAL B 198 9.42 -8.54 -23.14
C VAL B 198 9.36 -9.48 -21.94
N LYS B 199 8.93 -8.94 -20.79
CA LYS B 199 8.74 -9.74 -19.59
C LYS B 199 7.26 -10.08 -19.49
N PRO B 200 6.86 -11.33 -19.77
CA PRO B 200 5.43 -11.67 -19.77
C PRO B 200 4.82 -11.57 -18.38
N ASN B 201 3.50 -11.47 -18.36
CA ASN B 201 2.75 -11.42 -17.11
C ASN B 201 2.52 -12.84 -16.59
N PRO B 202 2.64 -13.06 -15.28
CA PRO B 202 2.42 -14.39 -14.72
C PRO B 202 0.97 -14.83 -14.94
N PRO B 203 0.76 -16.09 -15.30
CA PRO B 203 -0.61 -16.57 -15.52
C PRO B 203 -1.44 -16.53 -14.24
N HIS B 204 -2.71 -16.20 -14.40
CA HIS B 204 -3.63 -16.08 -13.28
C HIS B 204 -4.79 -17.05 -13.46
N ASN B 205 -5.56 -17.22 -12.37
CA ASN B 205 -6.75 -18.08 -12.36
C ASN B 205 -6.39 -19.52 -12.76
N LEU B 206 -5.55 -20.13 -11.92
CA LEU B 206 -5.15 -21.52 -12.11
C LEU B 206 -6.09 -22.44 -11.33
N SER B 207 -6.64 -23.44 -12.02
CA SER B 207 -7.57 -24.38 -11.41
C SER B 207 -7.13 -25.81 -11.69
N VAL B 208 -7.40 -26.69 -10.72
CA VAL B 208 -7.05 -28.10 -10.81
C VAL B 208 -8.35 -28.90 -10.86
N ILE B 209 -8.48 -29.76 -11.86
CA ILE B 209 -9.67 -30.59 -12.04
C ILE B 209 -9.23 -32.05 -12.05
N ASN B 210 -9.88 -32.86 -11.22
CA ASN B 210 -9.57 -34.28 -11.14
C ASN B 210 -10.41 -35.05 -12.15
N SER B 211 -10.39 -36.38 -12.06
CA SER B 211 -11.13 -37.23 -12.97
C SER B 211 -11.92 -38.26 -12.18
N GLU B 212 -12.99 -38.77 -12.80
CA GLU B 212 -13.83 -39.80 -12.19
C GLU B 212 -13.43 -41.20 -12.63
N GLU B 213 -13.01 -41.36 -13.89
CA GLU B 213 -12.65 -42.67 -14.40
C GLU B 213 -11.29 -43.11 -13.86
N LEU B 214 -10.24 -42.34 -14.16
CA LEU B 214 -8.90 -42.68 -13.72
C LEU B 214 -8.59 -42.00 -12.39
N SER B 215 -7.54 -42.50 -11.74
CA SER B 215 -7.11 -42.01 -10.43
C SER B 215 -5.66 -41.54 -10.47
N SER B 216 -5.17 -41.14 -11.65
CA SER B 216 -3.78 -40.70 -11.76
C SER B 216 -3.63 -39.49 -12.69
N ILE B 217 -4.71 -38.77 -12.97
CA ILE B 217 -4.67 -37.66 -13.91
C ILE B 217 -5.33 -36.44 -13.29
N LEU B 218 -4.80 -35.26 -13.62
CA LEU B 218 -5.35 -33.99 -13.17
C LEU B 218 -5.40 -33.04 -14.35
N LYS B 219 -6.56 -32.42 -14.57
CA LYS B 219 -6.75 -31.49 -15.67
C LYS B 219 -6.45 -30.08 -15.18
N LEU B 220 -5.31 -29.53 -15.61
CA LEU B 220 -4.90 -28.19 -15.23
C LEU B 220 -5.43 -27.17 -16.22
N THR B 221 -5.97 -26.06 -15.71
CA THR B 221 -6.50 -24.99 -16.53
C THR B 221 -6.05 -23.66 -15.97
N TRP B 222 -5.62 -22.76 -16.86
CA TRP B 222 -5.15 -21.45 -16.46
C TRP B 222 -5.47 -20.44 -17.56
N THR B 223 -5.23 -19.17 -17.26
CA THR B 223 -5.48 -18.09 -18.20
C THR B 223 -4.16 -17.59 -18.77
N ASN B 224 -4.09 -17.51 -20.11
CA ASN B 224 -2.89 -17.03 -20.78
C ASN B 224 -2.93 -15.51 -20.95
N PRO B 225 -1.77 -14.86 -20.94
CA PRO B 225 -1.74 -13.41 -21.14
C PRO B 225 -2.20 -13.01 -22.53
N SER B 226 -2.33 -11.71 -22.73
CA SER B 226 -2.85 -11.17 -23.98
C SER B 226 -1.80 -11.15 -25.10
N ILE B 227 -0.55 -11.49 -24.80
CA ILE B 227 0.50 -11.47 -25.81
C ILE B 227 0.65 -12.87 -26.40
N LYS B 228 -0.34 -13.73 -26.14
CA LYS B 228 -0.29 -15.09 -26.68
C LYS B 228 -0.48 -15.11 -28.19
N SER B 229 -1.10 -14.07 -28.76
CA SER B 229 -1.31 -14.01 -30.20
C SER B 229 -0.12 -13.41 -30.94
N VAL B 230 0.73 -12.64 -30.25
CA VAL B 230 1.86 -12.01 -30.90
C VAL B 230 3.01 -13.01 -31.08
N ILE B 231 3.44 -13.63 -29.99
CA ILE B 231 4.57 -14.56 -30.02
C ILE B 231 4.17 -15.85 -29.31
N ILE B 232 4.80 -16.94 -29.72
CA ILE B 232 4.57 -18.25 -29.11
C ILE B 232 5.35 -18.31 -27.81
N LEU B 233 4.71 -18.85 -26.77
CA LEU B 233 5.30 -18.91 -25.43
C LEU B 233 5.27 -20.33 -24.91
N LYS B 234 6.19 -20.62 -24.00
CA LYS B 234 6.29 -21.93 -23.36
C LYS B 234 5.97 -21.79 -21.87
N TYR B 235 5.90 -22.94 -21.19
CA TYR B 235 5.51 -22.97 -19.79
C TYR B 235 6.40 -23.94 -19.02
N ASN B 236 6.42 -23.76 -17.70
CA ASN B 236 7.13 -24.65 -16.79
C ASN B 236 6.23 -24.94 -15.60
N ILE B 237 5.83 -26.19 -15.44
CA ILE B 237 4.90 -26.60 -14.40
C ILE B 237 5.68 -27.31 -13.31
N GLN B 238 5.65 -26.77 -12.10
CA GLN B 238 6.30 -27.38 -10.94
C GLN B 238 5.22 -27.85 -9.98
N TYR B 239 5.21 -29.16 -9.69
CA TYR B 239 4.23 -29.76 -8.82
C TYR B 239 4.92 -30.46 -7.65
N ARG B 240 4.18 -30.59 -6.56
CA ARG B 240 4.71 -31.25 -5.37
C ARG B 240 3.54 -31.72 -4.51
N THR B 241 3.85 -32.60 -3.57
CA THR B 241 2.84 -33.11 -2.64
C THR B 241 2.63 -32.12 -1.50
N LYS B 242 1.73 -32.48 -0.58
CA LYS B 242 1.46 -31.63 0.57
C LYS B 242 2.43 -31.85 1.72
N ASP B 243 2.97 -33.07 1.85
CA ASP B 243 3.91 -33.37 2.93
C ASP B 243 5.35 -33.05 2.56
N ALA B 244 5.71 -33.17 1.29
CA ALA B 244 7.05 -32.89 0.81
C ALA B 244 7.14 -31.46 0.29
N SER B 245 8.25 -30.79 0.60
CA SER B 245 8.48 -29.43 0.16
C SER B 245 9.27 -29.34 -1.15
N THR B 246 9.90 -30.43 -1.57
CA THR B 246 10.66 -30.42 -2.82
C THR B 246 9.71 -30.31 -4.00
N TRP B 247 9.99 -29.37 -4.89
CA TRP B 247 9.15 -29.12 -6.06
C TRP B 247 9.65 -29.91 -7.24
N SER B 248 8.81 -30.81 -7.76
CA SER B 248 9.14 -31.57 -8.96
C SER B 248 8.70 -30.79 -10.19
N GLN B 249 9.62 -30.63 -11.13
CA GLN B 249 9.39 -29.80 -12.31
C GLN B 249 9.08 -30.69 -13.52
N ILE B 250 8.03 -30.34 -14.25
CA ILE B 250 7.70 -31.06 -15.48
C ILE B 250 8.69 -30.67 -16.57
N PRO B 251 9.20 -31.62 -17.34
CA PRO B 251 10.15 -31.28 -18.42
C PRO B 251 9.53 -30.29 -19.40
N PRO B 252 10.28 -29.26 -19.79
CA PRO B 252 9.72 -28.24 -20.70
C PRO B 252 9.46 -28.75 -22.10
N GLU B 253 9.86 -29.97 -22.44
CA GLU B 253 9.65 -30.50 -23.79
C GLU B 253 8.16 -30.72 -24.07
N ASP B 254 7.35 -30.89 -23.03
CA ASP B 254 5.92 -31.09 -23.21
C ASP B 254 5.12 -29.80 -23.16
N THR B 255 5.71 -28.71 -22.69
CA THR B 255 5.02 -27.42 -22.58
C THR B 255 5.72 -26.34 -23.41
N ALA B 256 6.34 -26.74 -24.51
CA ALA B 256 7.06 -25.82 -25.38
C ALA B 256 6.18 -25.16 -26.43
N SER B 257 4.87 -25.30 -26.32
CA SER B 257 3.93 -24.72 -27.28
C SER B 257 2.86 -23.95 -26.54
N THR B 258 2.15 -23.09 -27.28
CA THR B 258 1.06 -22.31 -26.70
C THR B 258 -0.10 -23.22 -26.34
N ARG B 259 -0.41 -23.32 -25.05
CA ARG B 259 -1.48 -24.18 -24.58
C ARG B 259 -2.00 -23.64 -23.26
N SER B 260 -3.24 -24.02 -22.93
CA SER B 260 -3.87 -23.62 -21.68
C SER B 260 -4.33 -24.82 -20.87
N SER B 261 -3.85 -26.01 -21.20
CA SER B 261 -4.27 -27.23 -20.50
C SER B 261 -3.14 -28.26 -20.55
N PHE B 262 -3.04 -29.04 -19.49
CA PHE B 262 -2.04 -30.11 -19.41
C PHE B 262 -2.47 -31.09 -18.34
N THR B 263 -2.04 -32.35 -18.51
CA THR B 263 -2.42 -33.44 -17.63
C THR B 263 -1.16 -34.05 -17.02
N VAL B 264 -1.15 -34.22 -15.70
CA VAL B 264 -0.05 -34.83 -14.98
C VAL B 264 -0.41 -36.30 -14.72
N GLN B 265 0.60 -37.16 -14.73
CA GLN B 265 0.40 -38.60 -14.59
C GLN B 265 1.18 -39.13 -13.39
N ASP B 266 0.97 -40.42 -13.11
CA ASP B 266 1.74 -41.16 -12.12
C ASP B 266 1.55 -40.61 -10.70
N LEU B 267 0.31 -40.26 -10.35
CA LEU B 267 -0.05 -39.87 -8.98
C LEU B 267 -1.29 -40.69 -8.59
N LYS B 268 -1.05 -41.92 -8.15
CA LYS B 268 -2.15 -42.83 -7.85
C LYS B 268 -2.85 -42.54 -6.53
N PRO B 269 -2.19 -42.66 -5.36
CA PRO B 269 -2.95 -42.74 -4.11
C PRO B 269 -3.31 -41.40 -3.49
N PHE B 270 -4.59 -41.02 -3.60
CA PHE B 270 -5.26 -40.07 -2.71
C PHE B 270 -4.38 -38.95 -2.18
N THR B 271 -3.75 -38.19 -3.08
CA THR B 271 -2.78 -37.18 -2.67
C THR B 271 -3.18 -35.82 -3.25
N GLU B 272 -3.12 -34.79 -2.42
CA GLU B 272 -3.35 -33.42 -2.87
C GLU B 272 -2.02 -32.81 -3.31
N TYR B 273 -2.07 -32.05 -4.40
CA TYR B 273 -0.86 -31.48 -4.99
C TYR B 273 -1.02 -29.98 -5.19
N VAL B 274 0.11 -29.29 -5.21
CA VAL B 274 0.16 -27.85 -5.44
C VAL B 274 0.86 -27.60 -6.77
N PHE B 275 0.34 -26.65 -7.55
CA PHE B 275 0.86 -26.38 -8.88
C PHE B 275 1.19 -24.90 -9.01
N ARG B 276 2.23 -24.63 -9.80
CA ARG B 276 2.61 -23.27 -10.13
C ARG B 276 3.23 -23.27 -11.53
N ILE B 277 3.07 -22.16 -12.24
CA ILE B 277 3.46 -22.09 -13.65
C ILE B 277 4.00 -20.70 -13.94
N ARG B 278 4.99 -20.64 -14.84
CA ARG B 278 5.51 -19.40 -15.37
C ARG B 278 5.56 -19.50 -16.89
N CYS B 279 5.96 -18.41 -17.54
CA CYS B 279 5.99 -18.38 -19.00
C CYS B 279 6.97 -17.32 -19.48
N MET B 280 7.53 -17.57 -20.67
CA MET B 280 8.41 -16.62 -21.34
C MET B 280 8.36 -16.93 -22.83
N LYS B 281 9.19 -16.23 -23.61
CA LYS B 281 9.23 -16.48 -25.05
C LYS B 281 9.71 -17.90 -25.34
N GLU B 282 9.34 -18.40 -26.53
CA GLU B 282 9.63 -19.78 -26.88
C GLU B 282 11.12 -20.02 -27.05
N ASP B 283 11.79 -19.16 -27.83
CA ASP B 283 13.22 -19.34 -28.11
C ASP B 283 14.11 -19.06 -26.90
N GLY B 284 13.55 -18.75 -25.74
CA GLY B 284 14.33 -18.51 -24.55
C GLY B 284 14.94 -17.13 -24.44
N LYS B 285 14.53 -16.20 -25.29
CA LYS B 285 15.04 -14.82 -25.26
C LYS B 285 14.07 -13.96 -24.46
N GLY B 286 14.57 -13.32 -23.41
CA GLY B 286 13.76 -12.50 -22.53
C GLY B 286 13.94 -12.90 -21.08
N TYR B 287 12.85 -12.73 -20.32
CA TYR B 287 12.85 -13.06 -18.90
C TYR B 287 11.63 -13.90 -18.57
N TRP B 288 11.80 -14.83 -17.64
CA TRP B 288 10.70 -15.67 -17.19
C TRP B 288 9.73 -14.85 -16.34
N SER B 289 8.44 -15.11 -16.51
CA SER B 289 7.43 -14.42 -15.74
C SER B 289 7.43 -14.91 -14.30
N ASP B 290 6.66 -14.23 -13.46
CA ASP B 290 6.55 -14.62 -12.07
C ASP B 290 5.77 -15.93 -11.94
N TRP B 291 5.88 -16.56 -10.78
CA TRP B 291 5.19 -17.82 -10.53
C TRP B 291 3.72 -17.56 -10.21
N SER B 292 2.86 -18.40 -10.77
CA SER B 292 1.42 -18.25 -10.56
C SER B 292 1.06 -18.55 -9.10
N GLU B 293 -0.19 -18.24 -8.75
CA GLU B 293 -0.66 -18.48 -7.40
C GLU B 293 -0.75 -19.98 -7.13
N GLU B 294 -0.42 -20.37 -5.90
CA GLU B 294 -0.44 -21.78 -5.53
C GLU B 294 -1.87 -22.29 -5.46
N ALA B 295 -2.22 -23.22 -6.35
CA ALA B 295 -3.54 -23.81 -6.41
C ALA B 295 -3.48 -25.26 -5.95
N SER B 296 -4.49 -25.67 -5.20
CA SER B 296 -4.57 -27.02 -4.66
C SER B 296 -5.52 -27.88 -5.48
N GLY B 297 -5.32 -29.19 -5.39
CA GLY B 297 -6.16 -30.13 -6.11
C GLY B 297 -5.99 -31.56 -5.63
N ILE B 298 -7.09 -32.25 -5.37
CA ILE B 298 -7.07 -33.62 -4.90
C ILE B 298 -7.39 -34.55 -6.06
N THR B 299 -6.56 -35.58 -6.25
CA THR B 299 -6.77 -36.53 -7.32
C THR B 299 -7.81 -37.56 -6.92
N TYR B 300 -8.14 -38.45 -7.85
CA TYR B 300 -9.05 -39.55 -7.56
C TYR B 300 -8.30 -40.66 -6.85
N GLU B 301 -9.04 -41.44 -6.06
CA GLU B 301 -8.47 -42.47 -5.21
C GLU B 301 -8.48 -43.82 -5.90
N ASP B 302 -7.41 -44.59 -5.70
CA ASP B 302 -7.31 -45.97 -6.15
C ASP B 302 -7.56 -46.90 -4.96
N ARG B 303 -8.10 -48.08 -5.26
CA ARG B 303 -8.52 -49.03 -4.23
C ARG B 303 -7.86 -50.39 -4.45
N PRO B 304 -6.57 -50.52 -4.12
CA PRO B 304 -5.95 -51.85 -4.11
C PRO B 304 -6.28 -52.61 -2.83
N SER B 305 -5.68 -53.79 -2.65
CA SER B 305 -5.94 -54.60 -1.47
C SER B 305 -4.63 -55.19 -0.98
N LYS B 306 -4.49 -55.29 0.34
CA LYS B 306 -3.32 -55.84 0.99
C LYS B 306 -3.74 -56.97 1.93
N ALA B 307 -2.75 -57.69 2.45
CA ALA B 307 -3.01 -58.81 3.35
C ALA B 307 -3.01 -58.33 4.80
N PRO B 308 -4.07 -58.58 5.55
CA PRO B 308 -4.13 -58.17 6.96
C PRO B 308 -3.44 -59.19 7.86
N SER B 309 -3.51 -58.92 9.16
CA SER B 309 -2.95 -59.79 10.18
C SER B 309 -4.07 -60.27 11.10
N PHE B 310 -4.03 -61.56 11.45
CA PHE B 310 -5.08 -62.17 12.26
C PHE B 310 -4.46 -63.08 13.29
N TRP B 311 -5.09 -63.15 14.46
CA TRP B 311 -4.63 -64.03 15.53
C TRP B 311 -5.80 -64.31 16.47
N TYR B 312 -5.76 -65.49 17.10
CA TYR B 312 -6.80 -65.93 18.00
C TYR B 312 -6.25 -66.13 19.40
N LYS B 313 -7.15 -66.10 20.38
CA LYS B 313 -6.79 -66.30 21.79
C LYS B 313 -7.88 -67.11 22.46
N ILE B 314 -7.47 -67.99 23.39
CA ILE B 314 -8.39 -68.87 24.10
C ILE B 314 -8.30 -68.55 25.59
N ASP B 315 -9.47 -68.51 26.27
CA ASP B 315 -9.50 -68.23 27.70
C ASP B 315 -9.44 -69.52 28.51
N PRO B 316 -8.88 -69.47 29.72
CA PRO B 316 -8.83 -70.67 30.56
C PRO B 316 -10.18 -71.12 31.07
N SER B 317 -11.17 -70.24 31.10
CA SER B 317 -12.51 -70.58 31.59
C SER B 317 -13.28 -71.26 30.47
N HIS B 318 -13.21 -72.59 30.44
CA HIS B 318 -13.87 -73.38 29.41
C HIS B 318 -15.23 -73.86 29.90
N THR B 319 -16.27 -73.58 29.11
CA THR B 319 -17.60 -74.06 29.41
C THR B 319 -17.70 -75.56 29.10
N GLN B 320 -18.64 -76.22 29.77
CA GLN B 320 -18.84 -77.65 29.56
C GLN B 320 -19.46 -77.92 28.20
N GLY B 321 -18.62 -78.17 27.20
CA GLY B 321 -19.07 -78.44 25.85
C GLY B 321 -18.70 -77.37 24.83
N TYR B 322 -18.34 -76.17 25.29
CA TYR B 322 -17.99 -75.08 24.40
C TYR B 322 -16.82 -74.31 24.99
N ARG B 323 -16.05 -73.66 24.11
CA ARG B 323 -14.91 -72.85 24.52
C ARG B 323 -15.05 -71.45 23.94
N THR B 324 -14.71 -70.45 24.75
CA THR B 324 -14.82 -69.05 24.35
C THR B 324 -13.48 -68.61 23.75
N VAL B 325 -13.43 -68.51 22.42
CA VAL B 325 -12.23 -68.12 21.69
C VAL B 325 -12.47 -66.76 21.07
N GLN B 326 -11.58 -65.81 21.35
CA GLN B 326 -11.70 -64.46 20.85
C GLN B 326 -10.77 -64.25 19.66
N LEU B 327 -11.24 -63.47 18.69
CA LEU B 327 -10.49 -63.18 17.48
C LEU B 327 -10.13 -61.69 17.46
N VAL B 328 -8.86 -61.40 17.20
CA VAL B 328 -8.36 -60.03 17.19
C VAL B 328 -7.52 -59.83 15.94
N TRP B 329 -7.65 -58.65 15.32
CA TRP B 329 -6.91 -58.30 14.13
C TRP B 329 -6.47 -56.84 14.21
N LYS B 330 -5.42 -56.51 13.47
CA LYS B 330 -4.84 -55.18 13.49
C LYS B 330 -5.36 -54.37 12.30
N THR B 331 -5.38 -53.05 12.47
CA THR B 331 -5.82 -52.16 11.42
C THR B 331 -4.77 -52.04 10.34
N LEU B 332 -5.22 -52.05 9.08
CA LEU B 332 -4.30 -51.93 7.97
C LEU B 332 -3.67 -50.54 7.93
N PRO B 333 -2.37 -50.44 7.65
CA PRO B 333 -1.72 -49.13 7.57
C PRO B 333 -2.27 -48.32 6.40
N PRO B 334 -2.13 -46.99 6.43
CA PRO B 334 -2.64 -46.19 5.32
C PRO B 334 -2.00 -46.53 3.98
N PHE B 335 -0.73 -46.92 3.98
CA PHE B 335 -0.08 -47.33 2.73
C PHE B 335 -0.50 -48.72 2.27
N GLU B 336 -1.13 -49.51 3.15
CA GLU B 336 -1.65 -50.81 2.80
C GLU B 336 -3.15 -50.86 2.64
N ALA B 337 -3.89 -50.06 3.43
CA ALA B 337 -5.34 -50.02 3.27
C ALA B 337 -5.72 -49.28 1.99
N ASN B 338 -5.07 -48.15 1.72
CA ASN B 338 -5.29 -47.37 0.50
C ASN B 338 -6.75 -46.94 0.36
N GLY B 339 -7.33 -46.52 1.48
CA GLY B 339 -8.72 -46.09 1.48
C GLY B 339 -9.31 -46.21 2.87
N LYS B 340 -10.58 -45.82 2.96
CA LYS B 340 -11.31 -45.86 4.22
C LYS B 340 -11.82 -47.28 4.47
N ILE B 341 -11.44 -47.85 5.61
CA ILE B 341 -11.89 -49.18 5.97
C ILE B 341 -13.38 -49.15 6.28
N LEU B 342 -14.13 -50.06 5.66
CA LEU B 342 -15.58 -50.10 5.84
C LEU B 342 -15.98 -51.05 6.96
N ASP B 343 -15.62 -52.32 6.84
CA ASP B 343 -15.96 -53.33 7.84
C ASP B 343 -15.07 -54.55 7.65
N TYR B 344 -15.13 -55.44 8.62
CA TYR B 344 -14.36 -56.68 8.61
C TYR B 344 -15.30 -57.87 8.50
N GLU B 345 -14.90 -58.85 7.69
CA GLU B 345 -15.68 -60.07 7.50
C GLU B 345 -14.82 -61.27 7.88
N VAL B 346 -15.27 -62.03 8.88
CA VAL B 346 -14.58 -63.22 9.36
C VAL B 346 -15.50 -64.42 9.16
N THR B 347 -14.97 -65.47 8.55
CA THR B 347 -15.72 -66.68 8.28
C THR B 347 -15.18 -67.84 9.11
N LEU B 348 -16.09 -68.62 9.69
CA LEU B 348 -15.74 -69.77 10.51
C LEU B 348 -16.26 -71.03 9.84
N THR B 349 -15.35 -71.93 9.48
CA THR B 349 -15.69 -73.16 8.77
C THR B 349 -15.14 -74.35 9.54
N ARG B 350 -16.03 -75.26 9.93
CA ARG B 350 -15.63 -76.48 10.60
C ARG B 350 -15.29 -77.56 9.56
N TRP B 351 -14.95 -78.75 10.05
CA TRP B 351 -14.60 -79.87 9.17
C TRP B 351 -15.87 -80.43 8.54
N LYS B 352 -16.17 -79.94 7.33
CA LYS B 352 -17.31 -80.41 6.53
C LYS B 352 -18.63 -80.24 7.30
N SER B 353 -18.95 -78.98 7.59
CA SER B 353 -20.18 -78.64 8.30
C SER B 353 -20.68 -77.30 7.78
N HIS B 354 -21.62 -76.71 8.52
CA HIS B 354 -22.21 -75.45 8.11
C HIS B 354 -21.20 -74.31 8.20
N LEU B 355 -21.36 -73.34 7.31
CA LEU B 355 -20.49 -72.17 7.24
C LEU B 355 -21.12 -71.01 8.00
N GLN B 356 -20.30 -70.30 8.78
CA GLN B 356 -20.75 -69.17 9.58
C GLN B 356 -19.91 -67.96 9.23
N ASN B 357 -20.57 -66.87 8.83
CA ASN B 357 -19.92 -65.62 8.48
C ASN B 357 -20.45 -64.51 9.38
N TYR B 358 -19.55 -63.61 9.79
CA TYR B 358 -19.92 -62.51 10.67
C TYR B 358 -19.24 -61.24 10.20
N THR B 359 -19.97 -60.13 10.25
CA THR B 359 -19.47 -58.81 9.87
C THR B 359 -19.23 -58.01 11.15
N VAL B 360 -18.00 -57.56 11.35
CA VAL B 360 -17.60 -56.83 12.55
C VAL B 360 -17.03 -55.48 12.13
N ASN B 361 -17.51 -54.42 12.78
CA ASN B 361 -17.03 -53.06 12.54
C ASN B 361 -15.97 -52.64 13.54
N ALA B 362 -15.29 -53.59 14.17
CA ALA B 362 -14.27 -53.31 15.17
C ALA B 362 -13.08 -54.23 14.89
N THR B 363 -12.14 -54.27 15.84
CA THR B 363 -10.94 -55.09 15.72
C THR B 363 -10.93 -56.26 16.69
N LYS B 364 -12.10 -56.69 17.15
CA LYS B 364 -12.19 -57.78 18.11
C LYS B 364 -13.55 -58.46 17.98
N LEU B 365 -13.54 -59.79 17.99
CA LEU B 365 -14.78 -60.57 17.91
C LEU B 365 -14.56 -61.90 18.61
N THR B 366 -15.34 -62.15 19.66
CA THR B 366 -15.32 -63.42 20.37
C THR B 366 -16.59 -64.21 20.04
N VAL B 367 -16.45 -65.52 19.88
CA VAL B 367 -17.57 -66.38 19.52
C VAL B 367 -17.48 -67.67 20.32
N ASN B 368 -18.63 -68.29 20.56
CA ASN B 368 -18.68 -69.58 21.23
C ASN B 368 -18.18 -70.66 20.27
N LEU B 369 -17.12 -71.36 20.65
CA LEU B 369 -16.48 -72.35 19.81
C LEU B 369 -16.62 -73.73 20.43
N THR B 370 -16.74 -74.75 19.58
CA THR B 370 -16.86 -76.12 20.04
C THR B 370 -15.47 -76.75 20.16
N ASN B 371 -15.42 -78.06 20.37
CA ASN B 371 -14.17 -78.77 20.57
C ASN B 371 -13.58 -79.35 19.29
N ASP B 372 -14.20 -79.09 18.14
CA ASP B 372 -13.73 -79.63 16.87
C ASP B 372 -12.66 -78.72 16.28
N ARG B 373 -12.13 -79.11 15.13
CA ARG B 373 -11.13 -78.34 14.42
C ARG B 373 -11.80 -77.34 13.50
N TYR B 374 -11.37 -76.08 13.56
CA TYR B 374 -11.97 -75.00 12.80
C TYR B 374 -10.91 -74.28 11.98
N LEU B 375 -11.36 -73.54 10.97
CA LEU B 375 -10.50 -72.77 10.09
C LEU B 375 -11.10 -71.38 9.94
N ALA B 376 -10.39 -70.37 10.40
CA ALA B 376 -10.88 -68.99 10.37
C ALA B 376 -10.18 -68.20 9.28
N THR B 377 -10.96 -67.38 8.57
CA THR B 377 -10.45 -66.50 7.53
C THR B 377 -10.78 -65.05 7.86
N LEU B 378 -9.94 -64.14 7.39
CA LEU B 378 -10.13 -62.72 7.61
C LEU B 378 -10.11 -61.99 6.27
N THR B 379 -11.21 -61.32 5.94
CA THR B 379 -11.35 -60.58 4.69
C THR B 379 -11.89 -59.21 5.00
N VAL B 380 -11.08 -58.18 4.79
CA VAL B 380 -11.50 -56.80 5.00
C VAL B 380 -12.11 -56.27 3.71
N ARG B 381 -13.19 -55.51 3.84
CA ARG B 381 -13.91 -54.98 2.69
C ARG B 381 -13.59 -53.51 2.49
N ASN B 382 -13.43 -53.11 1.23
CA ASN B 382 -13.16 -51.72 0.90
C ASN B 382 -14.17 -51.22 -0.12
N LEU B 383 -13.93 -50.03 -0.68
CA LEU B 383 -14.88 -49.43 -1.61
C LEU B 383 -14.95 -50.17 -2.94
N VAL B 384 -13.96 -51.00 -3.27
CA VAL B 384 -13.96 -51.73 -4.52
C VAL B 384 -14.29 -53.22 -4.34
N GLY B 385 -14.06 -53.77 -3.15
CA GLY B 385 -14.32 -55.19 -2.93
C GLY B 385 -13.75 -55.70 -1.62
N LYS B 386 -13.08 -56.85 -1.66
CA LYS B 386 -12.48 -57.45 -0.48
C LYS B 386 -11.02 -57.78 -0.77
N SER B 387 -10.25 -57.91 0.30
CA SER B 387 -8.84 -58.24 0.21
C SER B 387 -8.66 -59.76 0.28
N ASP B 388 -7.42 -60.20 0.43
CA ASP B 388 -7.15 -61.63 0.53
C ASP B 388 -7.59 -62.17 1.89
N ALA B 389 -7.76 -63.49 1.94
CA ALA B 389 -8.22 -64.16 3.15
C ALA B 389 -7.03 -64.59 3.99
N ALA B 390 -7.02 -64.17 5.26
CA ALA B 390 -5.95 -64.55 6.19
C ALA B 390 -6.28 -65.94 6.72
N VAL B 391 -5.56 -66.95 6.23
CA VAL B 391 -5.82 -68.33 6.61
C VAL B 391 -5.13 -68.63 7.93
N LEU B 392 -5.88 -69.15 8.89
CA LEU B 392 -5.34 -69.55 10.18
C LEU B 392 -6.18 -70.68 10.73
N THR B 393 -5.55 -71.81 11.04
CA THR B 393 -6.25 -72.99 11.51
C THR B 393 -6.31 -72.99 13.03
N ILE B 394 -7.50 -73.21 13.57
CA ILE B 394 -7.73 -73.28 15.01
C ILE B 394 -7.68 -74.76 15.42
N PRO B 395 -6.72 -75.18 16.23
CA PRO B 395 -6.62 -76.60 16.60
C PRO B 395 -7.74 -77.00 17.57
N ALA B 396 -7.88 -78.31 17.74
CA ALA B 396 -8.88 -78.86 18.63
C ALA B 396 -8.39 -78.79 20.08
N CYS B 397 -9.21 -79.29 21.00
CA CYS B 397 -8.85 -79.25 22.41
C CYS B 397 -7.77 -80.26 22.77
N ASP B 398 -7.63 -81.33 21.99
CA ASP B 398 -6.66 -82.39 22.27
C ASP B 398 -5.43 -82.30 21.38
N PHE B 399 -5.27 -81.21 20.62
CA PHE B 399 -4.12 -81.06 19.74
C PHE B 399 -2.93 -80.54 20.54
N GLN B 400 -1.82 -81.29 20.50
CA GLN B 400 -0.61 -80.93 21.22
C GLN B 400 0.29 -80.10 20.32
N ALA B 401 0.67 -78.91 20.80
CA ALA B 401 1.55 -78.03 20.04
C ALA B 401 2.98 -78.53 20.14
N THR B 402 3.56 -78.92 19.01
CA THR B 402 4.92 -79.45 18.95
C THR B 402 5.76 -78.60 18.01
N HIS B 403 7.00 -79.05 17.77
CA HIS B 403 7.97 -78.41 16.90
C HIS B 403 8.17 -76.95 17.26
N PRO B 404 8.83 -76.65 18.38
CA PRO B 404 9.07 -75.25 18.76
C PRO B 404 10.29 -74.70 18.04
N VAL B 405 10.46 -73.39 18.16
CA VAL B 405 11.60 -72.71 17.55
C VAL B 405 12.84 -72.94 18.41
N MET B 406 14.00 -72.64 17.83
CA MET B 406 15.28 -72.84 18.49
C MET B 406 16.09 -71.55 18.51
N ASP B 407 17.09 -71.52 19.37
CA ASP B 407 18.02 -70.40 19.49
C ASP B 407 17.28 -69.11 19.83
N LEU B 408 16.65 -69.10 21.00
CA LEU B 408 15.92 -67.92 21.47
C LEU B 408 16.91 -66.87 21.93
N LYS B 409 16.94 -65.72 21.26
CA LYS B 409 17.84 -64.64 21.58
C LYS B 409 17.08 -63.31 21.56
N ALA B 410 17.49 -62.39 22.42
CA ALA B 410 16.85 -61.09 22.53
C ALA B 410 17.84 -60.10 23.10
N PHE B 411 18.18 -59.06 22.32
CA PHE B 411 19.12 -58.03 22.75
C PHE B 411 18.77 -56.74 22.01
N PRO B 412 18.87 -55.60 22.68
CA PRO B 412 18.46 -54.34 22.04
C PRO B 412 19.49 -53.84 21.03
N LYS B 413 18.99 -53.38 19.89
CA LYS B 413 19.82 -52.75 18.86
C LYS B 413 19.14 -51.47 18.40
N ASP B 414 19.88 -50.36 18.45
CA ASP B 414 19.37 -49.04 18.08
C ASP B 414 18.13 -48.70 18.91
N ASN B 415 18.26 -48.83 20.23
CA ASN B 415 17.17 -48.57 21.18
C ASN B 415 15.93 -49.38 20.84
N MET B 416 16.12 -50.58 20.30
CA MET B 416 15.00 -51.42 19.89
C MET B 416 15.39 -52.88 20.09
N LEU B 417 14.51 -53.66 20.72
CA LEU B 417 14.76 -55.07 20.95
C LEU B 417 14.51 -55.87 19.68
N TRP B 418 15.46 -56.71 19.32
CA TRP B 418 15.34 -57.58 18.15
C TRP B 418 15.44 -59.02 18.61
N VAL B 419 14.37 -59.78 18.39
CA VAL B 419 14.28 -61.18 18.78
C VAL B 419 14.54 -62.03 17.56
N GLU B 420 15.60 -62.84 17.60
CA GLU B 420 15.96 -63.74 16.52
C GLU B 420 15.91 -65.18 17.01
N TRP B 421 15.62 -66.10 16.09
CA TRP B 421 15.51 -67.51 16.44
C TRP B 421 15.75 -68.34 15.19
N THR B 422 16.09 -69.61 15.41
CA THR B 422 16.29 -70.54 14.32
C THR B 422 14.96 -71.14 13.90
N THR B 423 14.67 -71.09 12.60
CA THR B 423 13.41 -71.62 12.10
C THR B 423 13.38 -73.14 12.27
N PRO B 424 12.22 -73.71 12.61
CA PRO B 424 12.13 -75.17 12.77
C PRO B 424 12.32 -75.88 11.44
N ARG B 425 12.43 -77.21 11.52
CA ARG B 425 12.65 -78.02 10.33
C ARG B 425 11.40 -78.08 9.46
N GLU B 426 10.22 -77.89 10.05
CA GLU B 426 8.98 -77.96 9.31
C GLU B 426 8.77 -76.67 8.50
N SER B 427 7.82 -76.74 7.57
CA SER B 427 7.49 -75.61 6.72
C SER B 427 6.59 -74.66 7.50
N VAL B 428 7.18 -73.62 8.07
CA VAL B 428 6.44 -72.64 8.84
C VAL B 428 5.66 -71.73 7.91
N LYS B 429 4.47 -71.31 8.35
CA LYS B 429 3.61 -70.42 7.57
C LYS B 429 3.70 -68.97 8.02
N LYS B 430 3.50 -68.72 9.32
CA LYS B 430 3.57 -67.38 9.86
C LYS B 430 4.21 -67.43 11.24
N TYR B 431 4.39 -66.27 11.85
CA TYR B 431 4.96 -66.14 13.17
C TYR B 431 4.19 -65.08 13.96
N ILE B 432 3.97 -65.35 15.24
CA ILE B 432 3.28 -64.44 16.13
C ILE B 432 4.17 -64.15 17.33
N LEU B 433 4.21 -62.89 17.75
CA LEU B 433 5.02 -62.45 18.88
C LEU B 433 4.13 -61.82 19.91
N GLU B 434 4.06 -62.42 21.10
CA GLU B 434 3.29 -61.89 22.22
C GLU B 434 4.26 -61.44 23.30
N TRP B 435 4.05 -60.23 23.81
CA TRP B 435 4.93 -59.66 24.83
C TRP B 435 4.10 -58.83 25.80
N CYS B 436 4.47 -58.90 27.08
CA CYS B 436 3.82 -58.11 28.11
C CYS B 436 4.86 -57.69 29.14
N VAL B 437 4.52 -56.66 29.91
CA VAL B 437 5.39 -56.20 30.97
C VAL B 437 5.10 -57.01 32.24
N LEU B 438 6.15 -57.36 32.97
CA LEU B 438 6.01 -58.14 34.19
C LEU B 438 5.84 -57.20 35.37
N SER B 439 4.85 -57.49 36.21
CA SER B 439 4.57 -56.67 37.38
C SER B 439 3.78 -57.50 38.38
N ASP B 440 4.14 -57.38 39.66
CA ASP B 440 3.44 -58.10 40.72
C ASP B 440 2.11 -57.46 41.09
N LYS B 441 1.70 -56.40 40.40
CA LYS B 441 0.44 -55.73 40.70
C LYS B 441 -0.48 -55.58 39.50
N ALA B 442 0.03 -55.58 38.27
CA ALA B 442 -0.79 -55.41 37.09
C ALA B 442 -0.61 -56.58 36.13
N PRO B 443 -1.69 -57.05 35.51
CA PRO B 443 -1.56 -58.17 34.56
C PRO B 443 -0.94 -57.75 33.24
N CYS B 444 -0.85 -58.68 32.29
CA CYS B 444 -0.24 -58.39 31.00
C CYS B 444 -1.24 -57.76 30.05
N ILE B 445 -0.81 -56.72 29.34
CA ILE B 445 -1.56 -56.13 28.24
C ILE B 445 -1.04 -56.78 26.96
N THR B 446 -1.72 -57.83 26.51
CA THR B 446 -1.22 -58.66 25.43
C THR B 446 -1.25 -57.89 24.11
N ASP B 447 -0.09 -57.43 23.66
CA ASP B 447 0.08 -56.81 22.36
C ASP B 447 0.81 -57.78 21.45
N TRP B 448 0.36 -57.87 20.19
CA TRP B 448 0.87 -58.87 19.27
C TRP B 448 1.13 -58.24 17.91
N GLN B 449 1.94 -58.94 17.11
CA GLN B 449 2.23 -58.54 15.75
C GLN B 449 2.55 -59.79 14.93
N GLN B 450 2.14 -59.76 13.67
CA GLN B 450 2.28 -60.90 12.78
C GLN B 450 3.23 -60.55 11.64
N GLU B 451 4.17 -61.46 11.35
CA GLU B 451 5.11 -61.31 10.26
C GLU B 451 5.17 -62.61 9.47
N ASP B 452 5.79 -62.54 8.30
CA ASP B 452 5.88 -63.70 7.43
C ASP B 452 6.82 -64.75 8.02
N GLY B 453 6.72 -65.97 7.48
CA GLY B 453 7.56 -67.07 7.92
C GLY B 453 8.93 -67.14 7.30
N THR B 454 9.25 -66.24 6.38
CA THR B 454 10.55 -66.23 5.73
C THR B 454 11.61 -65.48 6.52
N VAL B 455 11.22 -64.56 7.38
CA VAL B 455 12.15 -63.78 8.19
C VAL B 455 12.22 -64.38 9.58
N HIS B 456 13.44 -64.57 10.09
CA HIS B 456 13.67 -65.16 11.40
C HIS B 456 14.11 -64.14 12.45
N ARG B 457 14.07 -62.85 12.12
CA ARG B 457 14.50 -61.82 13.05
C ARG B 457 13.69 -60.55 12.77
N THR B 458 12.86 -60.14 13.72
CA THR B 458 12.03 -58.95 13.59
C THR B 458 12.14 -58.13 14.87
N TYR B 459 11.48 -56.97 14.87
CA TYR B 459 11.45 -56.09 16.02
C TYR B 459 10.02 -55.82 16.43
N LEU B 460 9.83 -55.48 17.70
CA LEU B 460 8.50 -55.24 18.26
C LEU B 460 8.03 -53.85 17.82
N ARG B 461 7.03 -53.81 16.94
CA ARG B 461 6.46 -52.55 16.46
C ARG B 461 5.48 -52.05 17.51
N GLY B 462 5.98 -51.24 18.44
CA GLY B 462 5.13 -50.69 19.48
C GLY B 462 5.89 -49.67 20.30
N ASN B 463 5.14 -49.01 21.18
CA ASN B 463 5.71 -47.99 22.07
C ASN B 463 6.20 -48.67 23.33
N LEU B 464 7.46 -49.12 23.30
CA LEU B 464 8.04 -49.80 24.44
C LEU B 464 8.54 -48.78 25.47
N ALA B 465 8.42 -49.16 26.74
CA ALA B 465 8.85 -48.32 27.85
C ALA B 465 10.16 -48.85 28.43
N GLU B 466 11.04 -47.94 28.80
CA GLU B 466 12.34 -48.31 29.35
C GLU B 466 12.19 -48.75 30.80
N SER B 467 13.24 -49.41 31.30
CA SER B 467 13.29 -49.91 32.68
C SER B 467 12.14 -50.86 32.97
N LYS B 468 11.71 -51.62 31.97
CA LYS B 468 10.61 -52.56 32.11
C LYS B 468 11.01 -53.90 31.51
N CYS B 469 10.63 -54.98 32.19
CA CYS B 469 10.93 -56.33 31.73
C CYS B 469 9.81 -56.82 30.82
N TYR B 470 10.16 -57.17 29.58
CA TYR B 470 9.21 -57.64 28.59
C TYR B 470 9.37 -59.15 28.41
N LEU B 471 8.26 -59.87 28.55
CA LEU B 471 8.26 -61.33 28.39
C LEU B 471 7.79 -61.64 26.97
N ILE B 472 8.75 -61.77 26.06
CA ILE B 472 8.45 -62.04 24.66
C ILE B 472 8.12 -63.51 24.49
N THR B 473 6.99 -63.79 23.83
CA THR B 473 6.55 -65.15 23.57
C THR B 473 6.37 -65.31 22.06
N VAL B 474 7.08 -66.26 21.48
CA VAL B 474 7.03 -66.54 20.05
C VAL B 474 6.40 -67.90 19.83
N THR B 475 5.56 -68.01 18.80
CA THR B 475 4.88 -69.25 18.49
C THR B 475 4.85 -69.47 16.98
N PRO B 476 5.45 -70.54 16.48
CA PRO B 476 5.41 -70.80 15.03
C PRO B 476 4.03 -71.27 14.59
N VAL B 477 3.61 -70.80 13.42
CA VAL B 477 2.30 -71.12 12.85
C VAL B 477 2.52 -72.08 11.69
N TYR B 478 1.98 -73.29 11.83
CA TYR B 478 2.06 -74.31 10.79
C TYR B 478 0.73 -74.41 10.06
N ALA B 479 0.62 -75.39 9.17
CA ALA B 479 -0.61 -75.60 8.42
C ALA B 479 -1.72 -76.25 9.25
N ASP B 480 -1.35 -77.00 10.29
CA ASP B 480 -2.33 -77.67 11.14
C ASP B 480 -2.64 -76.88 12.41
N GLY B 481 -1.64 -76.28 13.03
CA GLY B 481 -1.84 -75.51 14.23
C GLY B 481 -0.57 -74.82 14.70
N PRO B 482 -0.68 -74.02 15.76
CA PRO B 482 0.50 -73.32 16.27
C PRO B 482 1.45 -74.26 16.99
N GLY B 483 2.71 -73.86 17.04
CA GLY B 483 3.74 -74.64 17.70
C GLY B 483 3.78 -74.37 19.19
N SER B 484 4.81 -74.94 19.83
CA SER B 484 4.99 -74.76 21.27
C SER B 484 5.52 -73.35 21.54
N PRO B 485 4.87 -72.57 22.40
CA PRO B 485 5.35 -71.22 22.67
C PRO B 485 6.57 -71.21 23.59
N GLU B 486 7.49 -70.30 23.31
CA GLU B 486 8.69 -70.12 24.10
C GLU B 486 8.74 -68.69 24.63
N SER B 487 9.14 -68.54 25.89
CA SER B 487 9.17 -67.25 26.56
C SER B 487 10.61 -66.83 26.84
N ILE B 488 10.83 -65.51 26.82
CA ILE B 488 12.14 -64.94 27.09
C ILE B 488 11.94 -63.53 27.64
N LYS B 489 12.82 -63.14 28.55
CA LYS B 489 12.75 -61.83 29.20
C LYS B 489 13.87 -60.94 28.67
N ALA B 490 13.57 -59.63 28.62
CA ALA B 490 14.53 -58.64 28.13
C ALA B 490 14.13 -57.28 28.68
N TYR B 491 15.03 -56.31 28.49
CA TYR B 491 14.81 -54.94 28.93
C TYR B 491 15.12 -53.98 27.79
N LEU B 492 14.35 -52.89 27.73
CA LEU B 492 14.60 -51.87 26.72
C LEU B 492 15.88 -51.11 27.01
N LYS B 493 16.03 -50.64 28.25
CA LYS B 493 17.26 -49.97 28.68
C LYS B 493 17.40 -50.20 30.18
N GLN B 494 18.44 -50.93 30.57
CA GLN B 494 18.63 -51.28 31.96
C GLN B 494 18.99 -50.04 32.78
N ALA B 495 18.63 -50.08 34.07
CA ALA B 495 18.87 -48.98 34.98
C ALA B 495 19.16 -49.54 36.36
N PRO B 496 19.87 -48.81 37.21
CA PRO B 496 20.12 -49.30 38.56
C PRO B 496 18.82 -49.44 39.33
N PRO B 497 18.76 -50.37 40.28
CA PRO B 497 17.52 -50.57 41.03
C PRO B 497 17.15 -49.34 41.85
N SER B 498 15.86 -49.23 42.16
CA SER B 498 15.38 -48.09 42.94
C SER B 498 15.63 -48.26 44.43
N LYS B 499 15.66 -49.49 44.92
CA LYS B 499 15.91 -49.76 46.33
C LYS B 499 16.71 -51.05 46.47
N GLY B 500 17.52 -51.11 47.52
CA GLY B 500 18.33 -52.27 47.79
C GLY B 500 17.57 -53.33 48.56
N PRO B 501 18.09 -54.57 48.54
CA PRO B 501 17.40 -55.66 49.25
C PRO B 501 17.59 -55.55 50.75
N THR B 502 16.62 -56.09 51.48
CA THR B 502 16.65 -56.10 52.94
C THR B 502 17.23 -57.42 53.42
N VAL B 503 18.17 -57.34 54.35
CA VAL B 503 18.85 -58.52 54.88
C VAL B 503 18.33 -58.82 56.28
N ARG B 504 18.52 -60.07 56.70
CA ARG B 504 18.12 -60.51 58.03
C ARG B 504 19.02 -61.66 58.45
N THR B 505 19.25 -61.75 59.76
CA THR B 505 20.13 -62.76 60.33
C THR B 505 19.34 -64.03 60.62
N LYS B 506 19.77 -65.15 60.06
CA LYS B 506 19.12 -66.43 60.33
C LYS B 506 19.67 -67.07 61.60
N LYS B 507 20.99 -67.10 61.74
CA LYS B 507 21.63 -67.66 62.93
C LYS B 507 22.98 -66.99 63.11
N VAL B 508 23.20 -66.41 64.30
CA VAL B 508 24.44 -65.72 64.63
C VAL B 508 25.14 -66.52 65.71
N GLY B 509 26.37 -66.94 65.43
CA GLY B 509 27.17 -67.72 66.35
C GLY B 509 28.28 -66.91 66.99
N LYS B 510 29.24 -67.64 67.58
CA LYS B 510 30.37 -66.98 68.22
C LYS B 510 31.29 -66.33 67.20
N ASN B 511 31.49 -66.99 66.05
CA ASN B 511 32.35 -66.44 65.01
C ASN B 511 31.75 -66.63 63.62
N GLU B 512 30.45 -66.82 63.51
CA GLU B 512 29.80 -67.05 62.22
C GLU B 512 28.39 -66.48 62.25
N ALA B 513 27.94 -65.94 61.13
CA ALA B 513 26.61 -65.36 61.02
C ALA B 513 26.02 -65.71 59.66
N VAL B 514 24.76 -66.13 59.65
CA VAL B 514 24.04 -66.50 58.44
C VAL B 514 23.07 -65.39 58.10
N LEU B 515 23.12 -64.92 56.85
CA LEU B 515 22.24 -63.86 56.38
C LEU B 515 21.16 -64.44 55.47
N GLU B 516 20.15 -63.61 55.20
CA GLU B 516 19.04 -64.00 54.34
C GLU B 516 18.45 -62.75 53.70
N TRP B 517 18.12 -62.85 52.42
CA TRP B 517 17.54 -61.73 51.68
C TRP B 517 16.60 -62.28 50.62
N ASP B 518 15.58 -61.50 50.30
CA ASP B 518 14.61 -61.85 49.28
C ASP B 518 14.96 -61.21 47.95
N GLN B 519 14.50 -61.83 46.87
CA GLN B 519 14.75 -61.29 45.54
C GLN B 519 13.94 -60.01 45.33
N LEU B 520 14.54 -59.05 44.64
CA LEU B 520 13.88 -57.78 44.40
C LEU B 520 12.72 -57.96 43.42
N PRO B 521 11.60 -57.28 43.63
CA PRO B 521 10.49 -57.38 42.67
C PRO B 521 10.89 -56.88 41.29
N VAL B 522 10.21 -57.40 40.28
CA VAL B 522 10.54 -57.06 38.89
C VAL B 522 10.27 -55.59 38.60
N ASP B 523 9.43 -54.93 39.38
CA ASP B 523 9.12 -53.52 39.15
C ASP B 523 10.24 -52.59 39.63
N VAL B 524 11.14 -53.06 40.50
CA VAL B 524 12.21 -52.25 41.03
C VAL B 524 13.58 -52.71 40.56
N GLN B 525 13.66 -53.83 39.83
CA GLN B 525 14.96 -54.30 39.36
C GLN B 525 15.50 -53.41 38.25
N ASN B 526 14.65 -53.05 37.28
CA ASN B 526 15.03 -52.17 36.18
C ASN B 526 16.19 -52.71 35.37
N GLY B 527 16.35 -54.02 35.34
CA GLY B 527 17.43 -54.64 34.59
C GLY B 527 17.68 -56.05 35.08
N PHE B 528 18.66 -56.68 34.44
CA PHE B 528 19.06 -58.05 34.77
C PHE B 528 20.12 -58.00 35.87
N ILE B 529 19.75 -58.46 37.06
CA ILE B 529 20.68 -58.48 38.19
C ILE B 529 21.74 -59.56 37.93
N ARG B 530 23.00 -59.14 37.90
CA ARG B 530 24.09 -60.07 37.62
C ARG B 530 24.66 -60.69 38.90
N ASN B 531 25.03 -59.87 39.86
CA ASN B 531 25.61 -60.36 41.11
C ASN B 531 25.24 -59.40 42.23
N TYR B 532 25.46 -59.86 43.47
CA TYR B 532 25.18 -59.09 44.67
C TYR B 532 26.47 -58.88 45.46
N THR B 533 26.43 -57.92 46.37
CA THR B 533 27.55 -57.62 47.24
C THR B 533 27.04 -57.26 48.64
N ILE B 534 27.86 -57.54 49.64
CA ILE B 534 27.52 -57.28 51.03
C ILE B 534 28.64 -56.46 51.65
N PHE B 535 28.29 -55.32 52.24
CA PHE B 535 29.24 -54.43 52.89
C PHE B 535 29.04 -54.51 54.40
N TYR B 536 29.87 -55.31 55.05
CA TYR B 536 29.87 -55.44 56.50
C TYR B 536 31.12 -54.77 57.06
N ARG B 537 30.93 -53.93 58.07
CA ARG B 537 32.01 -53.13 58.63
C ARG B 537 31.88 -53.10 60.15
N THR B 538 32.84 -52.46 60.80
CA THR B 538 32.87 -52.29 62.24
C THR B 538 32.86 -50.80 62.56
N ILE B 539 32.36 -50.48 63.76
CA ILE B 539 32.30 -49.08 64.19
C ILE B 539 33.70 -48.47 64.22
N ILE B 540 34.69 -49.27 64.61
CA ILE B 540 36.07 -48.81 64.63
C ILE B 540 36.88 -49.35 63.45
N GLY B 541 36.60 -50.56 62.97
CA GLY B 541 37.35 -51.15 61.88
C GLY B 541 36.98 -50.56 60.53
N ASN B 542 37.61 -51.11 59.50
CA ASN B 542 37.39 -50.67 58.13
C ASN B 542 36.29 -51.49 57.46
N GLU B 543 35.76 -50.94 56.37
CA GLU B 543 34.68 -51.58 55.63
C GLU B 543 35.25 -52.49 54.56
N THR B 544 34.73 -53.71 54.47
CA THR B 544 35.16 -54.69 53.49
C THR B 544 34.00 -55.04 52.56
N ALA B 545 34.34 -55.65 51.43
CA ALA B 545 33.37 -56.05 50.43
C ALA B 545 33.53 -57.53 50.13
N VAL B 546 32.44 -58.16 49.69
CA VAL B 546 32.43 -59.58 49.36
C VAL B 546 31.50 -59.79 48.18
N ASN B 547 31.88 -60.70 47.28
CA ASN B 547 31.10 -61.00 46.09
C ASN B 547 30.26 -62.24 46.31
N VAL B 548 29.06 -62.23 45.74
CA VAL B 548 28.15 -63.38 45.83
C VAL B 548 27.26 -63.37 44.58
N ASP B 549 27.00 -64.56 44.05
CA ASP B 549 26.20 -64.68 42.85
C ASP B 549 24.72 -64.43 43.16
N SER B 550 23.96 -64.14 42.10
CA SER B 550 22.54 -63.89 42.24
C SER B 550 21.73 -65.16 42.46
N SER B 551 22.28 -66.33 42.13
CA SER B 551 21.56 -67.58 42.32
C SER B 551 21.44 -67.95 43.79
N HIS B 552 22.26 -67.38 44.66
CA HIS B 552 22.23 -67.65 46.09
C HIS B 552 21.51 -66.53 46.83
N THR B 553 20.68 -66.91 47.79
CA THR B 553 19.95 -65.95 48.61
C THR B 553 20.44 -65.90 50.05
N GLU B 554 21.39 -66.74 50.42
CA GLU B 554 21.99 -66.73 51.75
C GLU B 554 23.50 -66.66 51.62
N TYR B 555 24.16 -66.30 52.73
CA TYR B 555 25.61 -66.20 52.75
C TYR B 555 26.08 -66.34 54.19
N THR B 556 27.37 -66.66 54.34
CA THR B 556 27.99 -66.86 55.64
C THR B 556 29.18 -65.93 55.80
N LEU B 557 29.46 -65.56 57.04
CA LEU B 557 30.58 -64.70 57.38
C LEU B 557 31.56 -65.47 58.26
N SER B 558 32.83 -65.48 57.85
CA SER B 558 33.89 -66.14 58.58
C SER B 558 34.82 -65.11 59.19
N SER B 559 35.69 -65.59 60.09
CA SER B 559 36.68 -64.75 60.78
C SER B 559 36.00 -63.60 61.53
N LEU B 560 34.92 -63.91 62.25
CA LEU B 560 34.18 -62.92 63.01
C LEU B 560 34.66 -62.91 64.45
N THR B 561 34.74 -61.71 65.02
CA THR B 561 35.17 -61.54 66.41
C THR B 561 33.95 -61.46 67.33
N SER B 562 34.17 -61.80 68.59
CA SER B 562 33.11 -61.80 69.59
C SER B 562 33.11 -60.48 70.36
N ASP B 563 31.96 -60.18 70.97
CA ASP B 563 31.77 -58.97 71.77
C ASP B 563 32.07 -57.72 70.95
N THR B 564 31.52 -57.67 69.74
CA THR B 564 31.71 -56.53 68.85
C THR B 564 30.45 -56.33 68.03
N LEU B 565 30.07 -55.06 67.85
CA LEU B 565 28.90 -54.70 67.07
C LEU B 565 29.28 -54.54 65.61
N TYR B 566 28.53 -55.20 64.73
CA TYR B 566 28.80 -55.18 63.30
C TYR B 566 27.61 -54.59 62.56
N MET B 567 27.89 -53.77 61.55
CA MET B 567 26.87 -53.17 60.69
C MET B 567 27.06 -53.67 59.28
N VAL B 568 25.99 -54.21 58.68
CA VAL B 568 26.06 -54.79 57.35
C VAL B 568 25.18 -53.99 56.41
N ARG B 569 25.49 -54.11 55.12
CA ARG B 569 24.72 -53.46 54.06
C ARG B 569 24.87 -54.27 52.79
N MET B 570 23.80 -54.30 51.99
CA MET B 570 23.78 -55.10 50.77
C MET B 570 23.24 -54.25 49.63
N ALA B 571 23.90 -54.33 48.48
CA ALA B 571 23.50 -53.59 47.28
C ALA B 571 23.28 -54.57 46.13
N ALA B 572 22.39 -54.17 45.22
CA ALA B 572 22.08 -54.95 44.03
C ALA B 572 22.60 -54.21 42.81
N TYR B 573 23.56 -54.81 42.12
CA TYR B 573 24.22 -54.18 40.98
C TYR B 573 23.61 -54.67 39.67
N THR B 574 23.67 -53.79 38.66
CA THR B 574 23.17 -54.11 37.33
C THR B 574 24.24 -53.71 36.32
N ASP B 575 23.97 -53.86 35.02
CA ASP B 575 24.96 -53.49 34.01
C ASP B 575 25.23 -51.99 34.01
N GLU B 576 24.29 -51.19 34.49
CA GLU B 576 24.47 -49.74 34.56
C GLU B 576 25.03 -49.30 35.91
N GLY B 577 24.60 -49.93 36.99
CA GLY B 577 25.09 -49.57 38.30
C GLY B 577 24.28 -50.26 39.38
N GLY B 578 24.51 -49.84 40.62
CA GLY B 578 23.82 -50.40 41.75
C GLY B 578 23.57 -49.35 42.82
N LYS B 579 22.63 -49.67 43.71
CA LYS B 579 22.25 -48.79 44.80
C LYS B 579 22.24 -49.57 46.11
N ASP B 580 22.78 -48.96 47.15
CA ASP B 580 22.85 -49.61 48.46
C ASP B 580 21.49 -49.59 49.14
N GLY B 581 21.23 -50.62 49.95
CA GLY B 581 19.98 -50.75 50.64
C GLY B 581 20.05 -50.26 52.07
N PRO B 582 19.05 -50.62 52.88
CA PRO B 582 19.05 -50.18 54.28
C PRO B 582 20.11 -50.90 55.10
N GLU B 583 20.71 -50.17 56.03
CA GLU B 583 21.76 -50.73 56.88
C GLU B 583 21.13 -51.56 57.99
N PHE B 584 21.76 -52.70 58.29
CA PHE B 584 21.34 -53.58 59.36
C PHE B 584 22.44 -53.69 60.40
N THR B 585 22.04 -53.79 61.67
CA THR B 585 22.97 -53.84 62.79
C THR B 585 22.67 -55.07 63.63
N PHE B 586 23.72 -55.81 63.99
CA PHE B 586 23.57 -56.98 64.84
C PHE B 586 24.83 -57.13 65.69
N THR B 587 24.68 -57.81 66.82
CA THR B 587 25.76 -58.03 67.76
C THR B 587 26.20 -59.49 67.74
N THR B 588 27.40 -59.73 68.26
CA THR B 588 27.96 -61.06 68.32
C THR B 588 27.94 -61.58 69.76
N PRO B 589 27.37 -62.76 70.01
CA PRO B 589 27.33 -63.28 71.37
C PRO B 589 28.70 -63.73 71.84
N LYS B 590 28.85 -63.80 73.16
CA LYS B 590 30.09 -64.21 73.78
C LYS B 590 30.22 -65.74 73.82
N HIS C 7 -90.39 44.69 -51.43
CA HIS C 7 -91.15 44.54 -50.20
C HIS C 7 -90.22 44.24 -49.02
N ASP C 8 -88.96 43.93 -49.32
CA ASP C 8 -87.96 43.62 -48.31
C ASP C 8 -86.78 44.58 -48.50
N LEU C 9 -86.60 45.48 -47.54
CA LEU C 9 -85.53 46.47 -47.58
C LEU C 9 -84.52 46.15 -46.49
N LYS C 10 -83.28 45.85 -46.91
CA LYS C 10 -82.19 45.58 -46.00
C LYS C 10 -81.03 46.50 -46.34
N CYS C 11 -80.69 47.40 -45.42
CA CYS C 11 -79.65 48.40 -45.64
C CYS C 11 -78.38 47.99 -44.91
N VAL C 12 -77.24 48.16 -45.58
CA VAL C 12 -75.94 47.84 -45.02
C VAL C 12 -75.07 49.09 -45.07
N THR C 13 -74.06 49.11 -44.19
CA THR C 13 -73.15 50.24 -44.08
C THR C 13 -71.76 49.74 -43.74
N ASN C 14 -70.75 50.33 -44.38
CA ASN C 14 -69.37 49.95 -44.15
C ASN C 14 -68.49 51.11 -43.71
N ASN C 15 -69.05 52.31 -43.56
CA ASN C 15 -68.26 53.46 -43.16
C ASN C 15 -68.95 54.37 -42.14
N LEU C 16 -70.13 54.00 -41.65
CA LEU C 16 -70.91 54.77 -40.69
C LEU C 16 -71.27 56.16 -41.19
N GLN C 17 -71.12 56.43 -42.48
CA GLN C 17 -71.44 57.73 -43.06
C GLN C 17 -72.39 57.63 -44.24
N VAL C 18 -72.26 56.59 -45.06
CA VAL C 18 -73.12 56.39 -46.23
C VAL C 18 -73.78 55.03 -46.08
N TRP C 19 -75.12 55.02 -46.06
CA TRP C 19 -75.89 53.79 -45.92
C TRP C 19 -76.24 53.27 -47.29
N ASN C 20 -75.79 52.06 -47.60
CA ASN C 20 -76.07 51.41 -48.89
C ASN C 20 -77.29 50.52 -48.70
N CYS C 21 -78.47 51.07 -48.95
CA CYS C 21 -79.72 50.34 -48.79
C CYS C 21 -80.08 49.64 -50.10
N SER C 22 -80.39 48.36 -50.00
CA SER C 22 -80.77 47.55 -51.15
C SER C 22 -82.12 46.90 -50.89
N TRP C 23 -82.95 46.84 -51.93
CA TRP C 23 -84.28 46.25 -51.82
C TRP C 23 -84.53 45.34 -53.01
N LYS C 24 -85.62 44.60 -52.95
CA LYS C 24 -85.98 43.65 -53.99
C LYS C 24 -86.91 44.28 -55.01
N ALA C 25 -86.84 43.79 -56.24
CA ALA C 25 -87.70 44.30 -57.31
C ALA C 25 -89.10 43.70 -57.19
N PRO C 26 -90.14 44.47 -57.47
CA PRO C 26 -91.51 43.94 -57.38
C PRO C 26 -91.76 42.86 -58.41
N SER C 27 -92.82 42.09 -58.17
CA SER C 27 -93.19 41.01 -59.07
C SER C 27 -93.83 41.59 -60.33
N GLY C 28 -93.19 41.36 -61.48
CA GLY C 28 -93.67 41.85 -62.75
C GLY C 28 -92.82 42.94 -63.37
N THR C 29 -91.85 43.47 -62.63
CA THR C 29 -90.98 44.52 -63.14
C THR C 29 -89.85 43.89 -63.95
N GLY C 30 -89.74 44.28 -65.21
CA GLY C 30 -88.72 43.78 -66.10
C GLY C 30 -87.42 44.56 -66.02
N ARG C 31 -86.51 44.24 -66.93
CA ARG C 31 -85.23 44.92 -66.99
C ARG C 31 -85.40 46.36 -67.46
N GLY C 32 -84.46 47.22 -67.07
CA GLY C 32 -84.53 48.62 -67.43
C GLY C 32 -85.63 49.38 -66.70
N THR C 33 -85.82 49.10 -65.41
CA THR C 33 -86.86 49.75 -64.63
C THR C 33 -86.29 50.95 -63.89
N ASP C 34 -86.95 52.10 -64.03
CA ASP C 34 -86.55 53.31 -63.33
C ASP C 34 -87.20 53.36 -61.95
N TYR C 35 -86.42 53.75 -60.95
CA TYR C 35 -86.88 53.83 -59.58
C TYR C 35 -86.68 55.24 -59.04
N GLU C 36 -87.68 55.74 -58.33
CA GLU C 36 -87.63 57.05 -57.67
C GLU C 36 -87.78 56.81 -56.18
N VAL C 37 -86.66 56.59 -55.50
CA VAL C 37 -86.64 56.27 -54.07
C VAL C 37 -85.94 57.40 -53.34
N CYS C 38 -86.50 57.79 -52.20
CA CYS C 38 -85.92 58.83 -51.36
C CYS C 38 -86.44 58.67 -49.94
N ILE C 39 -86.01 59.56 -49.06
CA ILE C 39 -86.31 59.49 -47.64
C ILE C 39 -87.10 60.73 -47.24
N GLU C 40 -88.17 60.53 -46.47
CA GLU C 40 -88.96 61.64 -45.93
C GLU C 40 -88.18 62.28 -44.80
N ASN C 41 -87.58 63.43 -45.07
CA ASN C 41 -86.77 64.14 -44.08
C ASN C 41 -87.17 65.61 -44.01
N ARG C 42 -86.37 66.41 -43.30
CA ARG C 42 -86.68 67.83 -43.19
C ARG C 42 -86.70 68.52 -44.55
N SER C 43 -85.83 68.09 -45.47
CA SER C 43 -85.79 68.63 -46.82
C SER C 43 -85.96 67.48 -47.80
N ARG C 44 -87.07 67.49 -48.54
CA ARG C 44 -87.37 66.42 -49.48
C ARG C 44 -86.52 66.60 -50.73
N SER C 45 -85.50 65.75 -50.88
CA SER C 45 -84.62 65.76 -52.04
C SER C 45 -84.58 64.34 -52.60
N CYS C 46 -85.38 64.08 -53.62
CA CYS C 46 -85.47 62.76 -54.22
C CYS C 46 -84.64 62.70 -55.51
N TYR C 47 -84.09 61.52 -55.77
CA TYR C 47 -83.24 61.28 -56.93
C TYR C 47 -83.88 60.20 -57.81
N GLN C 48 -83.18 59.86 -58.89
CA GLN C 48 -83.62 58.85 -59.84
C GLN C 48 -82.46 57.92 -60.14
N LEU C 49 -82.67 56.62 -59.96
CA LEU C 49 -81.64 55.63 -60.19
C LEU C 49 -82.22 54.47 -61.01
N GLU C 50 -81.33 53.62 -61.52
CA GLU C 50 -81.72 52.55 -62.43
C GLU C 50 -81.71 51.17 -61.79
N LYS C 51 -81.03 50.99 -60.67
CA LYS C 51 -80.92 49.69 -60.01
C LYS C 51 -81.59 49.72 -58.65
N THR C 52 -81.69 48.55 -58.04
CA THR C 52 -82.30 48.42 -56.71
C THR C 52 -81.25 48.49 -55.60
N SER C 53 -80.44 49.55 -55.63
CA SER C 53 -79.41 49.75 -54.62
C SER C 53 -79.11 51.24 -54.55
N ILE C 54 -79.50 51.87 -53.44
CA ILE C 54 -79.32 53.31 -53.24
C ILE C 54 -78.34 53.52 -52.10
N LYS C 55 -77.46 54.51 -52.26
CA LYS C 55 -76.46 54.87 -51.25
C LYS C 55 -76.87 56.21 -50.64
N ILE C 56 -77.36 56.18 -49.41
CA ILE C 56 -77.85 57.39 -48.74
C ILE C 56 -76.90 57.73 -47.60
N PRO C 57 -76.78 59.00 -47.23
CA PRO C 57 -75.91 59.37 -46.11
C PRO C 57 -76.50 58.93 -44.78
N ALA C 58 -75.65 58.98 -43.75
CA ALA C 58 -76.07 58.60 -42.40
C ALA C 58 -76.99 59.67 -41.83
N LEU C 59 -78.22 59.28 -41.50
CA LEU C 59 -79.20 60.20 -40.94
C LEU C 59 -79.09 60.25 -39.42
N SER C 60 -79.97 61.04 -38.82
CA SER C 60 -80.00 61.19 -37.36
C SER C 60 -80.74 60.01 -36.73
N HIS C 61 -80.81 60.03 -35.40
CA HIS C 61 -81.50 58.98 -34.66
C HIS C 61 -83.00 59.19 -34.75
N GLY C 62 -83.70 58.21 -35.32
CA GLY C 62 -85.14 58.29 -35.45
C GLY C 62 -85.61 57.47 -36.63
N ASP C 63 -86.93 57.35 -36.72
CA ASP C 63 -87.57 56.61 -37.80
C ASP C 63 -87.75 57.50 -39.02
N TYR C 64 -87.41 56.97 -40.19
CA TYR C 64 -87.52 57.70 -41.45
C TYR C 64 -88.40 56.92 -42.42
N GLU C 65 -89.19 57.64 -43.20
CA GLU C 65 -90.10 57.05 -44.18
C GLU C 65 -89.42 57.02 -45.53
N ILE C 66 -89.38 55.84 -46.14
CA ILE C 66 -88.78 55.63 -47.45
C ILE C 66 -89.86 55.15 -48.41
N THR C 67 -90.12 55.94 -49.44
CA THR C 67 -91.15 55.63 -50.43
C THR C 67 -90.49 55.30 -51.77
N ILE C 68 -90.83 54.12 -52.31
CA ILE C 68 -90.29 53.67 -53.59
C ILE C 68 -91.30 53.99 -54.68
N ASN C 69 -90.80 54.19 -55.89
CA ASN C 69 -91.63 54.52 -57.04
C ASN C 69 -91.08 53.79 -58.27
N SER C 70 -91.73 52.70 -58.66
CA SER C 70 -91.33 51.96 -59.85
C SER C 70 -91.93 52.63 -61.08
N LEU C 71 -91.07 53.20 -61.92
CA LEU C 71 -91.50 53.93 -63.10
C LEU C 71 -91.63 52.96 -64.27
N HIS C 72 -92.85 52.78 -64.76
CA HIS C 72 -93.13 51.91 -65.90
C HIS C 72 -94.05 52.63 -66.86
N ASP C 73 -94.23 52.03 -68.04
CA ASP C 73 -95.13 52.55 -69.06
C ASP C 73 -96.54 52.01 -68.95
N PHE C 74 -96.82 51.18 -67.94
CA PHE C 74 -98.14 50.61 -67.74
C PHE C 74 -98.70 50.91 -66.35
N GLY C 75 -98.02 51.74 -65.57
CA GLY C 75 -98.45 52.08 -64.23
C GLY C 75 -97.27 52.19 -63.28
N SER C 76 -97.52 52.80 -62.13
CA SER C 76 -96.49 53.00 -61.12
C SER C 76 -96.90 52.33 -59.82
N SER C 77 -95.91 51.94 -59.03
CA SER C 77 -96.11 51.31 -57.74
C SER C 77 -95.54 52.18 -56.64
N THR C 78 -96.28 52.32 -55.55
CA THR C 78 -95.89 53.16 -54.42
C THR C 78 -95.96 52.34 -53.14
N SER C 79 -94.82 52.15 -52.50
CA SER C 79 -94.73 51.43 -51.24
C SER C 79 -93.85 52.21 -50.28
N LYS C 80 -94.16 52.10 -48.98
CA LYS C 80 -93.46 52.82 -47.94
C LYS C 80 -92.68 51.86 -47.05
N PHE C 81 -91.57 52.34 -46.51
CA PHE C 81 -90.73 51.54 -45.61
C PHE C 81 -90.26 52.43 -44.46
N THR C 82 -90.07 51.81 -43.30
CA THR C 82 -89.61 52.50 -42.10
C THR C 82 -88.27 51.90 -41.69
N LEU C 83 -87.20 52.68 -41.85
CA LEU C 83 -85.85 52.25 -41.50
C LEU C 83 -85.33 53.05 -40.32
N ASN C 84 -84.66 52.36 -39.41
CA ASN C 84 -84.07 52.98 -38.23
C ASN C 84 -82.61 52.58 -38.13
N GLU C 85 -81.89 53.24 -37.23
CA GLU C 85 -80.48 52.92 -37.02
C GLU C 85 -80.31 51.50 -36.45
N GLN C 86 -81.27 51.05 -35.66
CA GLN C 86 -81.22 49.70 -35.11
C GLN C 86 -81.50 48.62 -36.15
N ASN C 87 -82.01 48.99 -37.33
CA ASN C 87 -82.32 48.04 -38.38
C ASN C 87 -81.21 47.91 -39.42
N VAL C 88 -80.29 48.87 -39.48
CA VAL C 88 -79.20 48.82 -40.44
C VAL C 88 -78.08 47.95 -39.90
N SER C 89 -77.57 47.04 -40.73
CA SER C 89 -76.51 46.14 -40.32
C SER C 89 -75.14 46.73 -40.65
N LEU C 90 -74.20 46.53 -39.74
CA LEU C 90 -72.83 47.03 -39.89
C LEU C 90 -71.97 45.92 -40.50
N ILE C 91 -71.64 46.07 -41.78
CA ILE C 91 -70.80 45.12 -42.49
C ILE C 91 -69.60 45.86 -43.04
N PRO C 92 -68.47 45.82 -42.34
CA PRO C 92 -67.26 46.51 -42.84
C PRO C 92 -66.70 45.80 -44.07
N ASP C 93 -65.78 46.49 -44.74
CA ASP C 93 -65.14 45.93 -45.92
C ASP C 93 -64.14 44.85 -45.51
N THR C 94 -63.91 43.91 -46.44
CA THR C 94 -63.00 42.82 -46.16
C THR C 94 -61.56 43.32 -46.14
N PRO C 95 -60.72 42.80 -45.24
CA PRO C 95 -59.31 43.20 -45.22
C PRO C 95 -58.54 42.56 -46.37
N GLU C 96 -57.33 43.07 -46.58
CA GLU C 96 -56.47 42.59 -47.66
C GLU C 96 -55.05 42.45 -47.14
N ILE C 97 -54.43 41.31 -47.40
CA ILE C 97 -53.06 41.06 -46.96
C ILE C 97 -52.10 41.80 -47.90
N LEU C 98 -51.28 42.68 -47.32
CA LEU C 98 -50.33 43.46 -48.12
C LEU C 98 -49.10 42.63 -48.48
N ASN C 99 -48.37 42.16 -47.47
CA ASN C 99 -47.17 41.37 -47.69
C ASN C 99 -47.15 40.20 -46.72
N LEU C 100 -46.62 39.07 -47.18
CA LEU C 100 -46.53 37.86 -46.39
C LEU C 100 -45.12 37.30 -46.52
N SER C 101 -44.35 37.34 -45.43
CA SER C 101 -43.00 36.81 -45.40
C SER C 101 -42.88 35.77 -44.30
N ALA C 102 -41.96 34.83 -44.51
CA ALA C 102 -41.76 33.73 -43.56
C ALA C 102 -40.26 33.53 -43.36
N ASP C 103 -39.86 33.42 -42.09
CA ASP C 103 -38.46 33.15 -41.76
C ASP C 103 -38.14 31.69 -42.07
N PHE C 104 -37.02 31.46 -42.75
CA PHE C 104 -36.68 30.10 -43.16
C PHE C 104 -35.78 29.41 -42.15
N SER C 105 -34.99 30.16 -41.38
CA SER C 105 -34.08 29.55 -40.42
C SER C 105 -34.80 29.18 -39.13
N THR C 106 -35.70 30.04 -38.65
CA THR C 106 -36.41 29.81 -37.41
C THR C 106 -37.82 29.28 -37.63
N SER C 107 -38.29 29.22 -38.88
CA SER C 107 -39.65 28.79 -39.21
C SER C 107 -40.68 29.65 -38.50
N THR C 108 -40.64 30.95 -38.83
CA THR C 108 -41.53 31.95 -38.22
C THR C 108 -42.20 32.75 -39.32
N LEU C 109 -43.50 32.96 -39.18
CA LEU C 109 -44.28 33.69 -40.17
C LEU C 109 -44.38 35.16 -39.81
N TYR C 110 -44.60 35.99 -40.83
CA TYR C 110 -44.77 37.43 -40.65
C TYR C 110 -45.92 37.90 -41.53
N LEU C 111 -46.84 38.66 -40.95
CA LEU C 111 -48.00 39.18 -41.67
C LEU C 111 -48.07 40.69 -41.52
N LYS C 112 -48.44 41.37 -42.60
CA LYS C 112 -48.60 42.82 -42.61
C LYS C 112 -49.89 43.18 -43.33
N TRP C 113 -50.72 44.00 -42.68
CA TRP C 113 -52.00 44.39 -43.26
C TRP C 113 -52.36 45.78 -42.76
N ASN C 114 -53.11 46.50 -43.59
CA ASN C 114 -53.55 47.86 -43.28
C ASN C 114 -54.98 47.83 -42.76
N ASP C 115 -55.27 48.68 -41.77
CA ASP C 115 -56.58 48.72 -41.15
C ASP C 115 -57.52 49.73 -41.81
N ARG C 116 -56.98 50.66 -42.61
CA ARG C 116 -57.77 51.70 -43.27
C ARG C 116 -58.54 52.52 -42.24
N GLY C 117 -57.80 53.16 -41.34
CA GLY C 117 -58.40 53.95 -40.29
C GLY C 117 -59.07 55.22 -40.77
N SER C 118 -58.67 55.73 -41.95
CA SER C 118 -59.23 56.96 -42.48
C SER C 118 -60.69 56.83 -42.88
N VAL C 119 -61.22 55.61 -42.97
CA VAL C 119 -62.62 55.44 -43.36
C VAL C 119 -63.55 55.84 -42.22
N PHE C 120 -63.16 55.55 -40.98
CA PHE C 120 -63.98 55.87 -39.82
C PHE C 120 -63.43 57.11 -39.12
N PRO C 121 -64.26 58.13 -38.87
CA PRO C 121 -63.75 59.33 -38.21
C PRO C 121 -63.64 59.21 -36.70
N HIS C 122 -64.43 58.34 -36.07
CA HIS C 122 -64.42 58.18 -34.63
C HIS C 122 -63.63 56.94 -34.22
N ARG C 123 -63.17 56.95 -32.98
CA ARG C 123 -62.42 55.81 -32.45
C ARG C 123 -63.33 54.60 -32.28
N SER C 124 -62.81 53.43 -32.60
CA SER C 124 -63.57 52.19 -32.48
C SER C 124 -62.60 51.04 -32.23
N ASN C 125 -63.01 50.12 -31.35
CA ASN C 125 -62.20 48.96 -31.06
C ASN C 125 -62.36 47.91 -32.16
N VAL C 126 -61.23 47.49 -32.73
CA VAL C 126 -61.21 46.53 -33.83
C VAL C 126 -60.67 45.22 -33.30
N ILE C 127 -61.34 44.12 -33.64
CA ILE C 127 -60.95 42.79 -33.22
C ILE C 127 -60.56 42.00 -34.46
N TRP C 128 -59.29 41.62 -34.56
CA TRP C 128 -58.78 40.85 -35.67
C TRP C 128 -58.65 39.38 -35.27
N GLU C 129 -58.94 38.49 -36.21
CA GLU C 129 -58.86 37.05 -36.00
C GLU C 129 -57.98 36.44 -37.08
N ILE C 130 -56.75 36.08 -36.72
CA ILE C 130 -55.81 35.48 -37.66
C ILE C 130 -55.97 33.97 -37.60
N LYS C 131 -55.98 33.32 -38.76
CA LYS C 131 -56.12 31.88 -38.87
C LYS C 131 -54.98 31.32 -39.68
N VAL C 132 -54.22 30.38 -39.09
CA VAL C 132 -53.08 29.75 -39.74
C VAL C 132 -53.52 28.36 -40.20
N LEU C 133 -53.23 28.05 -41.46
CA LEU C 133 -53.61 26.76 -42.04
C LEU C 133 -52.38 26.07 -42.62
N ARG C 134 -52.51 24.78 -42.84
CA ARG C 134 -51.49 23.95 -43.47
C ARG C 134 -52.17 22.68 -43.97
N LYS C 135 -51.36 21.71 -44.40
CA LYS C 135 -51.87 20.42 -44.87
C LYS C 135 -52.88 20.63 -46.00
N GLU C 136 -52.33 21.04 -47.15
CA GLU C 136 -53.07 21.61 -48.28
C GLU C 136 -54.39 20.92 -48.56
N SER C 137 -54.49 19.62 -48.26
CA SER C 137 -55.78 18.94 -48.35
C SER C 137 -56.80 19.63 -47.46
N MET C 138 -56.60 19.56 -46.14
CA MET C 138 -57.42 20.29 -45.18
C MET C 138 -56.81 20.14 -43.78
N GLU C 139 -56.75 21.25 -43.06
CA GLU C 139 -56.36 21.26 -41.64
C GLU C 139 -56.50 22.67 -41.10
N LEU C 140 -56.56 22.76 -39.77
CA LEU C 140 -56.59 24.04 -39.06
C LEU C 140 -55.72 23.90 -37.82
N VAL C 141 -54.87 24.89 -37.58
CA VAL C 141 -53.88 24.79 -36.51
C VAL C 141 -54.07 25.89 -35.47
N LYS C 142 -53.91 27.15 -35.89
CA LYS C 142 -53.86 28.27 -34.97
C LYS C 142 -55.02 29.23 -35.23
N LEU C 143 -55.47 29.88 -34.15
CA LEU C 143 -56.52 30.89 -34.23
C LEU C 143 -56.33 31.82 -33.03
N VAL C 144 -55.75 32.98 -33.27
CA VAL C 144 -55.42 33.94 -32.22
C VAL C 144 -56.17 35.24 -32.47
N THR C 145 -56.67 35.85 -31.40
CA THR C 145 -57.37 37.11 -31.49
C THR C 145 -56.41 38.28 -31.35
N HIS C 146 -56.69 39.36 -32.07
CA HIS C 146 -55.85 40.56 -32.03
C HIS C 146 -56.75 41.78 -31.97
N ASN C 147 -56.57 42.61 -30.94
CA ASN C 147 -57.37 43.81 -30.75
C ASN C 147 -56.52 45.04 -31.04
N THR C 148 -57.07 45.95 -31.85
CA THR C 148 -56.39 47.20 -32.19
C THR C 148 -57.33 48.37 -31.89
N THR C 149 -56.83 49.58 -32.11
CA THR C 149 -57.59 50.80 -31.84
C THR C 149 -57.48 51.72 -33.05
N LEU C 150 -58.62 52.18 -33.55
CA LEU C 150 -58.67 53.07 -34.70
C LEU C 150 -58.61 54.51 -34.23
N ASN C 151 -57.86 55.33 -34.98
CA ASN C 151 -57.69 56.75 -34.63
C ASN C 151 -57.83 57.65 -35.85
N GLY C 152 -58.64 57.25 -36.82
CA GLY C 152 -58.83 58.04 -38.03
C GLY C 152 -57.65 58.05 -38.97
N LYS C 153 -56.65 57.23 -38.74
CA LYS C 153 -55.46 57.18 -39.59
C LYS C 153 -55.11 55.73 -39.89
N ASP C 154 -54.65 55.48 -41.11
CA ASP C 154 -54.27 54.14 -41.53
C ASP C 154 -52.97 53.73 -40.86
N THR C 155 -53.01 52.65 -40.09
CA THR C 155 -51.85 52.14 -39.36
C THR C 155 -51.53 50.72 -39.83
N LEU C 156 -50.26 50.47 -40.10
CA LEU C 156 -49.80 49.17 -40.56
C LEU C 156 -49.37 48.33 -39.37
N HIS C 157 -50.10 47.24 -39.12
CA HIS C 157 -49.81 46.37 -37.99
C HIS C 157 -48.91 45.21 -38.42
N HIS C 158 -48.28 44.58 -37.43
CA HIS C 158 -47.39 43.46 -37.64
C HIS C 158 -47.78 42.31 -36.72
N TRP C 159 -47.65 41.09 -37.23
CA TRP C 159 -47.94 39.89 -36.46
C TRP C 159 -46.93 38.81 -36.78
N SER C 160 -46.47 38.12 -35.74
CA SER C 160 -45.47 37.07 -35.88
C SER C 160 -45.87 35.86 -35.05
N TRP C 161 -45.49 34.68 -35.54
CA TRP C 161 -45.79 33.44 -34.84
C TRP C 161 -44.77 32.39 -35.27
N ALA C 162 -44.23 31.66 -34.30
CA ALA C 162 -43.24 30.62 -34.56
C ALA C 162 -43.92 29.27 -34.68
N SER C 163 -43.45 28.47 -35.63
CA SER C 163 -44.00 27.16 -35.90
C SER C 163 -43.15 26.07 -35.25
N ASP C 164 -43.74 24.88 -35.12
CA ASP C 164 -43.06 23.74 -34.53
C ASP C 164 -42.57 22.73 -35.55
N MET C 165 -43.25 22.61 -36.70
CA MET C 165 -42.86 21.70 -37.77
C MET C 165 -42.08 22.45 -38.83
N PRO C 166 -40.99 21.85 -39.33
CA PRO C 166 -40.19 22.53 -40.36
C PRO C 166 -41.03 22.87 -41.59
N LEU C 167 -40.82 24.07 -42.11
CA LEU C 167 -41.61 24.56 -43.24
C LEU C 167 -41.25 23.85 -44.55
N GLU C 168 -40.13 23.14 -44.60
CA GLU C 168 -39.73 22.43 -45.82
C GLU C 168 -40.51 21.13 -46.02
N CYS C 169 -41.49 20.84 -45.18
CA CYS C 169 -42.25 19.60 -45.27
C CYS C 169 -43.74 19.81 -45.48
N ALA C 170 -44.21 21.06 -45.51
CA ALA C 170 -45.63 21.33 -45.69
C ALA C 170 -45.82 22.75 -46.18
N ILE C 171 -46.91 22.96 -46.93
CA ILE C 171 -47.30 24.27 -47.41
C ILE C 171 -48.38 24.82 -46.48
N HIS C 172 -48.32 26.13 -46.22
CA HIS C 172 -49.20 26.77 -45.26
C HIS C 172 -50.11 27.78 -45.94
N PHE C 173 -51.18 28.15 -45.22
CA PHE C 173 -52.13 29.14 -45.69
C PHE C 173 -52.44 30.11 -44.55
N VAL C 174 -52.81 31.33 -44.91
CA VAL C 174 -53.07 32.39 -43.95
C VAL C 174 -54.37 33.09 -44.32
N GLU C 175 -55.26 33.26 -43.33
CA GLU C 175 -56.50 33.99 -43.51
C GLU C 175 -56.76 34.82 -42.27
N ILE C 176 -57.40 35.98 -42.47
CA ILE C 176 -57.64 36.93 -41.39
C ILE C 176 -58.87 37.76 -41.74
N ARG C 177 -59.65 38.08 -40.72
CA ARG C 177 -60.83 38.94 -40.85
C ARG C 177 -60.83 39.96 -39.72
N CYS C 178 -61.83 40.83 -39.72
CA CYS C 178 -61.91 41.88 -38.71
C CYS C 178 -63.35 42.02 -38.24
N TYR C 179 -63.51 42.65 -37.07
CA TYR C 179 -64.83 42.93 -36.51
C TYR C 179 -64.70 44.15 -35.62
N ILE C 180 -65.22 45.28 -36.07
CA ILE C 180 -65.07 46.53 -35.34
C ILE C 180 -66.17 46.64 -34.28
N ASP C 181 -65.90 47.45 -33.26
CA ASP C 181 -66.84 47.69 -32.17
C ASP C 181 -67.05 49.20 -32.05
N ASN C 182 -68.25 49.67 -32.36
CA ASN C 182 -68.59 51.08 -32.30
C ASN C 182 -69.65 51.27 -31.22
N LEU C 183 -69.29 51.97 -30.14
CA LEU C 183 -70.23 52.21 -29.05
C LEU C 183 -71.31 53.19 -29.43
N HIS C 184 -71.08 54.05 -30.43
CA HIS C 184 -72.07 55.02 -30.86
C HIS C 184 -73.07 54.44 -31.86
N PHE C 185 -72.82 53.25 -32.38
CA PHE C 185 -73.71 52.61 -33.34
C PHE C 185 -74.65 51.67 -32.60
N SER C 186 -75.94 51.98 -32.62
CA SER C 186 -76.95 51.19 -31.93
C SER C 186 -77.51 50.06 -32.79
N GLY C 187 -77.05 49.92 -34.02
CA GLY C 187 -77.52 48.87 -34.90
C GLY C 187 -76.78 47.56 -34.68
N LEU C 188 -76.97 46.66 -35.63
CA LEU C 188 -76.35 45.33 -35.57
C LEU C 188 -74.95 45.40 -36.18
N GLU C 189 -73.98 44.83 -35.48
CA GLU C 189 -72.59 44.79 -35.94
C GLU C 189 -72.27 43.38 -36.40
N GLU C 190 -71.89 43.25 -37.67
CA GLU C 190 -71.57 41.96 -38.27
C GLU C 190 -70.08 41.85 -38.53
N TRP C 191 -69.62 40.60 -38.65
CA TRP C 191 -68.22 40.33 -38.91
C TRP C 191 -67.90 40.57 -40.39
N SER C 192 -66.66 40.98 -40.64
CA SER C 192 -66.22 41.18 -42.02
C SER C 192 -65.88 39.85 -42.67
N ASP C 193 -65.90 39.84 -44.00
CA ASP C 193 -65.59 38.63 -44.74
C ASP C 193 -64.11 38.29 -44.61
N TRP C 194 -63.79 37.03 -44.92
CA TRP C 194 -62.40 36.59 -44.86
C TRP C 194 -61.61 37.11 -46.04
N SER C 195 -60.36 37.48 -45.78
CA SER C 195 -59.50 37.98 -46.84
C SER C 195 -59.14 36.86 -47.80
N PRO C 196 -58.75 37.20 -49.04
CA PRO C 196 -58.29 36.16 -49.97
C PRO C 196 -57.11 35.40 -49.40
N VAL C 197 -57.07 34.10 -49.69
CA VAL C 197 -56.05 33.23 -49.12
C VAL C 197 -54.69 33.61 -49.68
N LYS C 198 -53.72 33.83 -48.78
CA LYS C 198 -52.34 34.14 -49.15
C LYS C 198 -51.45 33.04 -48.58
N ASN C 199 -50.96 32.17 -49.46
CA ASN C 199 -50.14 31.04 -49.05
C ASN C 199 -48.66 31.33 -49.29
N ILE C 200 -47.82 30.60 -48.56
CA ILE C 200 -46.37 30.65 -48.72
C ILE C 200 -45.90 29.30 -49.24
N SER C 201 -45.04 29.32 -50.25
CA SER C 201 -44.57 28.11 -50.89
C SER C 201 -43.05 28.07 -50.86
N TRP C 202 -42.50 26.89 -50.59
CA TRP C 202 -41.06 26.67 -50.56
C TRP C 202 -40.66 25.83 -51.76
N ILE C 203 -39.54 26.20 -52.39
CA ILE C 203 -39.04 25.50 -53.57
C ILE C 203 -38.30 24.25 -53.11
N PRO C 204 -38.79 23.06 -53.44
CA PRO C 204 -38.14 21.80 -52.99
C PRO C 204 -36.85 21.49 -53.75
N ASP C 205 -35.77 22.16 -53.33
CA ASP C 205 -34.47 21.88 -53.91
C ASP C 205 -33.92 20.54 -53.42
N SER C 206 -34.28 20.14 -52.20
CA SER C 206 -33.94 18.83 -51.65
C SER C 206 -32.42 18.60 -51.64
N GLN C 207 -31.73 19.46 -50.89
CA GLN C 207 -30.29 19.27 -50.72
C GLN C 207 -29.99 18.31 -49.57
N THR C 208 -30.80 18.35 -48.51
CA THR C 208 -30.73 17.37 -47.44
C THR C 208 -32.06 16.64 -47.32
N LYS C 209 -32.15 15.80 -46.29
CA LYS C 209 -33.36 15.02 -46.04
C LYS C 209 -34.01 15.33 -44.70
N VAL C 210 -33.24 15.30 -43.62
CA VAL C 210 -33.78 15.43 -42.27
C VAL C 210 -33.64 16.88 -41.80
N PHE C 211 -34.67 17.38 -41.14
CA PHE C 211 -34.68 18.71 -40.55
C PHE C 211 -35.09 18.61 -39.08
N PRO C 212 -34.45 19.40 -38.19
CA PRO C 212 -33.37 20.34 -38.49
C PRO C 212 -32.00 19.67 -38.54
N GLN C 213 -30.94 20.46 -38.43
CA GLN C 213 -29.57 19.97 -38.50
C GLN C 213 -28.75 20.60 -37.39
N ASP C 214 -28.35 19.78 -36.41
CA ASP C 214 -27.47 20.20 -35.32
C ASP C 214 -28.06 21.37 -34.54
N LYS C 215 -29.21 21.12 -33.93
CA LYS C 215 -29.86 22.11 -33.08
C LYS C 215 -29.46 21.90 -31.62
N VAL C 216 -29.51 22.98 -30.85
CA VAL C 216 -29.16 22.95 -29.43
C VAL C 216 -30.43 23.28 -28.66
N ILE C 217 -31.06 22.25 -28.09
CA ILE C 217 -32.29 22.40 -27.33
C ILE C 217 -32.05 21.89 -25.91
N LEU C 218 -32.92 22.31 -24.99
CA LEU C 218 -32.78 21.93 -23.60
C LEU C 218 -33.38 20.55 -23.35
N VAL C 219 -32.82 19.86 -22.34
CA VAL C 219 -33.30 18.54 -21.97
C VAL C 219 -34.67 18.68 -21.31
N GLY C 220 -35.69 18.09 -21.92
CA GLY C 220 -37.04 18.14 -21.39
C GLY C 220 -38.04 18.91 -22.22
N SER C 221 -37.67 19.31 -23.45
CA SER C 221 -38.56 20.09 -24.30
C SER C 221 -39.09 19.21 -25.43
N ASP C 222 -39.98 19.79 -26.24
CA ASP C 222 -40.59 19.10 -27.37
C ASP C 222 -39.89 19.50 -28.66
N ILE C 223 -39.66 18.53 -29.52
CA ILE C 223 -39.01 18.77 -30.81
C ILE C 223 -39.58 17.78 -31.82
N THR C 224 -39.95 18.30 -32.99
CA THR C 224 -40.56 17.50 -34.04
C THR C 224 -39.60 17.45 -35.23
N PHE C 225 -39.25 16.25 -35.66
CA PHE C 225 -38.38 16.04 -36.81
C PHE C 225 -39.20 15.75 -38.05
N CYS C 226 -38.56 15.90 -39.20
CA CYS C 226 -39.17 15.57 -40.48
C CYS C 226 -38.11 15.03 -41.41
N CYS C 227 -38.56 14.41 -42.50
CA CYS C 227 -37.65 13.83 -43.49
C CYS C 227 -38.35 13.87 -44.84
N VAL C 228 -37.91 14.76 -45.71
CA VAL C 228 -38.43 14.86 -47.07
C VAL C 228 -37.69 13.85 -47.94
N SER C 229 -38.45 13.07 -48.72
CA SER C 229 -37.86 12.06 -49.58
C SER C 229 -38.82 11.77 -50.73
N GLN C 230 -38.25 11.35 -51.85
CA GLN C 230 -39.03 10.93 -53.01
C GLN C 230 -39.19 9.41 -53.10
N GLU C 231 -38.45 8.65 -52.31
CA GLU C 231 -38.55 7.21 -52.26
C GLU C 231 -39.25 6.77 -50.98
N LYS C 232 -39.74 5.54 -51.00
CA LYS C 232 -40.45 5.01 -49.83
C LYS C 232 -39.50 4.82 -48.66
N VAL C 233 -39.99 5.10 -47.46
CA VAL C 233 -39.23 4.94 -46.24
C VAL C 233 -39.77 3.73 -45.47
N LEU C 234 -39.01 3.32 -44.45
CA LEU C 234 -39.38 2.15 -43.66
C LEU C 234 -39.74 2.51 -42.23
N SER C 235 -38.84 3.18 -41.50
CA SER C 235 -39.10 3.52 -40.10
C SER C 235 -38.11 4.61 -39.69
N ALA C 236 -38.27 5.09 -38.45
CA ALA C 236 -37.40 6.08 -37.87
C ALA C 236 -36.89 5.57 -36.53
N LEU C 237 -35.59 5.77 -36.28
CA LEU C 237 -34.96 5.26 -35.07
C LEU C 237 -34.23 6.39 -34.36
N ILE C 238 -34.38 6.45 -33.04
CA ILE C 238 -33.63 7.37 -32.19
C ILE C 238 -32.70 6.50 -31.34
N GLY C 239 -31.49 6.29 -31.83
CA GLY C 239 -30.58 5.36 -31.19
C GLY C 239 -31.04 3.93 -31.34
N HIS C 240 -31.51 3.32 -30.26
CA HIS C 240 -32.06 1.98 -30.30
C HIS C 240 -33.58 1.94 -30.17
N THR C 241 -34.21 3.08 -29.94
CA THR C 241 -35.66 3.14 -29.74
C THR C 241 -36.35 3.49 -31.05
N ASN C 242 -37.51 2.88 -31.28
CA ASN C 242 -38.31 3.17 -32.46
C ASN C 242 -39.22 4.37 -32.22
N CYS C 243 -39.88 4.80 -33.30
CA CYS C 243 -40.80 5.94 -33.24
C CYS C 243 -41.92 5.74 -34.25
N PRO C 244 -43.14 6.13 -33.93
CA PRO C 244 -44.23 6.00 -34.90
C PRO C 244 -44.14 7.07 -35.97
N LEU C 245 -44.46 6.67 -37.21
CA LEU C 245 -44.38 7.55 -38.35
C LEU C 245 -45.71 8.27 -38.57
N ILE C 246 -45.62 9.54 -38.99
CA ILE C 246 -46.79 10.35 -39.30
C ILE C 246 -46.74 10.67 -40.80
N HIS C 247 -47.65 10.07 -41.55
CA HIS C 247 -47.66 10.25 -43.01
C HIS C 247 -48.11 11.66 -43.35
N LEU C 248 -47.18 12.49 -43.83
CA LEU C 248 -47.50 13.84 -44.28
C LEU C 248 -47.81 13.81 -45.78
N ASP C 249 -47.88 14.99 -46.38
CA ASP C 249 -48.15 15.08 -47.81
C ASP C 249 -47.04 14.41 -48.60
N GLY C 250 -47.41 13.52 -49.51
CA GLY C 250 -46.42 12.81 -50.30
C GLY C 250 -45.75 11.72 -49.49
N GLU C 251 -44.45 11.54 -49.73
CA GLU C 251 -43.66 10.53 -49.04
C GLU C 251 -43.00 11.07 -47.79
N ASN C 252 -43.31 12.31 -47.40
CA ASN C 252 -42.70 12.91 -46.23
C ASN C 252 -43.29 12.33 -44.95
N VAL C 253 -42.42 12.08 -43.97
CA VAL C 253 -42.83 11.54 -42.68
C VAL C 253 -42.30 12.44 -41.57
N ALA C 254 -42.95 12.35 -40.41
CA ALA C 254 -42.56 13.14 -39.26
C ALA C 254 -42.71 12.32 -37.99
N ILE C 255 -41.95 12.68 -36.97
CA ILE C 255 -41.98 12.00 -35.68
C ILE C 255 -41.97 13.05 -34.57
N LYS C 256 -42.45 12.63 -33.40
CA LYS C 256 -42.55 13.50 -32.23
C LYS C 256 -41.72 12.93 -31.09
N ILE C 257 -41.03 13.81 -30.37
CA ILE C 257 -40.20 13.42 -29.24
C ILE C 257 -40.60 14.27 -28.05
N ARG C 258 -40.98 13.62 -26.95
CA ARG C 258 -41.39 14.31 -25.73
C ARG C 258 -40.45 13.94 -24.60
N ASN C 259 -39.96 14.95 -23.88
CA ASN C 259 -39.01 14.77 -22.78
C ASN C 259 -37.78 13.98 -23.25
N ILE C 260 -37.06 14.58 -24.19
CA ILE C 260 -35.87 13.94 -24.74
C ILE C 260 -34.82 13.80 -23.66
N SER C 261 -34.16 12.64 -23.64
CA SER C 261 -33.15 12.37 -22.62
C SER C 261 -31.87 13.17 -22.89
N VAL C 262 -30.87 12.96 -22.04
CA VAL C 262 -29.62 13.68 -22.17
C VAL C 262 -28.85 13.16 -23.38
N SER C 263 -28.28 14.08 -24.15
CA SER C 263 -27.52 13.70 -25.34
C SER C 263 -26.18 13.10 -24.95
N ALA C 264 -25.65 12.26 -25.83
CA ALA C 264 -24.36 11.61 -25.61
C ALA C 264 -23.25 12.50 -26.16
N SER C 265 -22.04 11.94 -26.25
CA SER C 265 -20.91 12.71 -26.77
C SER C 265 -21.10 13.02 -28.26
N SER C 266 -21.47 12.02 -29.04
CA SER C 266 -21.70 12.20 -30.47
C SER C 266 -23.10 12.67 -30.79
N GLY C 267 -23.98 12.78 -29.80
CA GLY C 267 -25.34 13.24 -30.04
C GLY C 267 -26.26 12.10 -30.40
N THR C 268 -27.54 12.27 -30.04
CA THR C 268 -28.57 11.27 -30.30
C THR C 268 -28.95 11.36 -31.78
N ASN C 269 -28.26 10.56 -32.61
CA ASN C 269 -28.50 10.59 -34.04
C ASN C 269 -29.86 10.00 -34.36
N VAL C 270 -30.72 10.81 -34.97
CA VAL C 270 -32.05 10.38 -35.40
C VAL C 270 -31.98 10.07 -36.88
N VAL C 271 -32.12 8.79 -37.24
CA VAL C 271 -31.96 8.35 -38.62
C VAL C 271 -33.30 7.88 -39.16
N PHE C 272 -33.43 7.94 -40.48
CA PHE C 272 -34.59 7.45 -41.21
C PHE C 272 -34.13 6.39 -42.19
N THR C 273 -34.45 5.13 -41.90
CA THR C 273 -34.02 4.03 -42.75
C THR C 273 -34.87 3.96 -44.00
N THR C 274 -34.23 3.61 -45.12
CA THR C 274 -34.92 3.48 -46.40
C THR C 274 -34.62 2.12 -47.02
N GLU C 275 -35.00 1.95 -48.29
CA GLU C 275 -34.80 0.67 -48.97
C GLU C 275 -33.33 0.32 -49.08
N ASP C 276 -32.54 1.21 -49.67
CA ASP C 276 -31.12 0.94 -49.91
C ASP C 276 -30.17 1.88 -49.20
N ASN C 277 -30.64 3.04 -48.72
CA ASN C 277 -29.75 4.00 -48.07
C ASN C 277 -30.28 4.36 -46.68
N ILE C 278 -29.66 5.35 -46.05
CA ILE C 278 -30.09 5.82 -44.74
C ILE C 278 -29.70 7.29 -44.60
N PHE C 279 -30.63 8.08 -44.06
CA PHE C 279 -30.41 9.50 -43.84
C PHE C 279 -30.69 9.84 -42.38
N GLY C 280 -29.93 10.77 -41.83
CA GLY C 280 -30.13 11.18 -40.46
C GLY C 280 -29.27 12.37 -40.10
N THR C 281 -29.62 13.00 -38.99
CA THR C 281 -28.89 14.15 -38.48
C THR C 281 -28.57 13.91 -37.00
N VAL C 282 -28.04 14.94 -36.35
CA VAL C 282 -27.65 14.86 -34.94
C VAL C 282 -28.35 15.98 -34.19
N ILE C 283 -28.90 15.66 -33.02
CA ILE C 283 -29.51 16.64 -32.13
C ILE C 283 -28.70 16.71 -30.85
N PHE C 284 -28.51 17.91 -30.32
CA PHE C 284 -27.71 18.14 -29.13
C PHE C 284 -28.62 18.68 -28.03
N ALA C 285 -28.87 17.87 -27.01
CA ALA C 285 -29.66 18.26 -25.86
C ALA C 285 -28.73 18.66 -24.72
N GLY C 286 -28.89 19.89 -24.23
CA GLY C 286 -28.01 20.39 -23.19
C GLY C 286 -28.74 20.97 -21.99
N TYR C 287 -28.04 21.78 -21.22
CA TYR C 287 -28.57 22.39 -20.01
C TYR C 287 -28.11 23.83 -19.93
N PRO C 288 -28.85 24.68 -19.23
CA PRO C 288 -28.41 26.07 -19.04
C PRO C 288 -27.14 26.12 -18.20
N PRO C 289 -26.36 27.19 -18.32
CA PRO C 289 -25.09 27.25 -17.57
C PRO C 289 -25.33 27.51 -16.10
N ASP C 290 -24.64 26.75 -15.27
CA ASP C 290 -24.76 26.89 -13.82
C ASP C 290 -24.03 28.14 -13.33
N THR C 291 -24.47 28.63 -12.18
CA THR C 291 -23.82 29.79 -11.58
C THR C 291 -22.44 29.41 -11.08
N PRO C 292 -21.40 30.17 -11.40
CA PRO C 292 -20.06 29.84 -10.91
C PRO C 292 -19.98 29.92 -9.40
N GLN C 293 -19.68 28.79 -8.78
CA GLN C 293 -19.60 28.68 -7.33
C GLN C 293 -18.14 28.71 -6.86
N GLN C 294 -17.97 29.09 -5.60
CA GLN C 294 -16.65 29.17 -4.97
C GLN C 294 -15.73 30.12 -5.74
N LEU C 295 -16.27 31.29 -6.07
CA LEU C 295 -15.52 32.31 -6.81
C LEU C 295 -14.78 33.19 -5.79
N ASN C 296 -13.51 32.92 -5.59
CA ASN C 296 -12.68 33.67 -4.64
C ASN C 296 -11.36 34.00 -5.33
N CYS C 297 -11.10 35.29 -5.53
CA CYS C 297 -9.88 35.75 -6.19
C CYS C 297 -8.85 36.16 -5.15
N GLU C 298 -7.58 35.85 -5.43
CA GLU C 298 -6.48 36.22 -4.55
C GLU C 298 -5.24 36.41 -5.40
N THR C 299 -4.15 36.83 -4.75
CA THR C 299 -2.90 37.11 -5.43
C THR C 299 -1.75 36.50 -4.65
N HIS C 300 -0.60 36.37 -5.32
CA HIS C 300 0.59 35.79 -4.73
C HIS C 300 1.74 36.78 -4.59
N ASP C 301 1.85 37.77 -5.49
CA ASP C 301 2.96 38.72 -5.41
C ASP C 301 2.49 40.15 -5.67
N LEU C 302 1.19 40.43 -5.55
CA LEU C 302 0.63 41.76 -5.76
C LEU C 302 0.88 42.27 -7.17
N LYS C 303 0.96 41.38 -8.13
CA LYS C 303 1.10 41.74 -9.54
C LYS C 303 0.05 41.11 -10.43
N GLU C 304 -0.35 39.88 -10.15
CA GLU C 304 -1.37 39.18 -10.93
C GLU C 304 -2.47 38.70 -10.01
N ILE C 305 -3.68 38.64 -10.55
CA ILE C 305 -4.85 38.17 -9.81
C ILE C 305 -5.29 36.84 -10.42
N ILE C 306 -5.03 35.75 -9.71
CA ILE C 306 -5.42 34.42 -10.14
C ILE C 306 -6.69 34.04 -9.39
N CYS C 307 -7.78 33.83 -10.13
CA CYS C 307 -9.08 33.53 -9.56
C CYS C 307 -9.58 32.20 -10.11
N SER C 308 -10.11 31.37 -9.22
CA SER C 308 -10.65 30.07 -9.57
C SER C 308 -12.11 29.99 -9.16
N TRP C 309 -12.84 29.07 -9.79
CA TRP C 309 -14.25 28.89 -9.52
C TRP C 309 -14.66 27.48 -9.90
N ASN C 310 -15.77 27.02 -9.32
CA ASN C 310 -16.30 25.70 -9.59
C ASN C 310 -17.55 25.81 -10.45
N PRO C 311 -17.59 25.19 -11.62
CA PRO C 311 -18.80 25.30 -12.46
C PRO C 311 -20.00 24.56 -11.92
N GLY C 312 -19.81 23.59 -11.03
CA GLY C 312 -20.92 22.85 -10.47
C GLY C 312 -21.49 21.82 -11.43
N ARG C 313 -22.78 21.96 -11.74
CA ARG C 313 -23.43 21.03 -12.66
C ARG C 313 -22.88 21.21 -14.07
N VAL C 314 -22.63 20.08 -14.75
CA VAL C 314 -22.08 20.12 -16.09
C VAL C 314 -23.13 20.67 -17.07
N THR C 315 -22.64 21.22 -18.18
CA THR C 315 -23.51 21.78 -19.20
C THR C 315 -23.87 20.78 -20.30
N ALA C 316 -23.26 19.60 -20.30
CA ALA C 316 -23.51 18.55 -21.27
C ALA C 316 -23.24 19.00 -22.71
N LEU C 317 -22.41 20.01 -22.89
CA LEU C 317 -22.07 20.51 -24.22
C LEU C 317 -20.57 20.73 -24.28
N VAL C 318 -19.90 20.00 -25.18
CA VAL C 318 -18.46 20.10 -25.35
C VAL C 318 -18.14 20.33 -26.83
N GLY C 319 -16.86 20.56 -27.11
CA GLY C 319 -16.42 20.79 -28.46
C GLY C 319 -16.58 22.25 -28.86
N PRO C 320 -17.05 22.49 -30.09
CA PRO C 320 -17.26 23.87 -30.54
C PRO C 320 -18.42 24.57 -29.88
N ARG C 321 -19.10 23.94 -28.92
CA ARG C 321 -20.24 24.54 -28.24
C ARG C 321 -20.06 24.52 -26.72
N ALA C 322 -18.81 24.51 -26.26
CA ALA C 322 -18.55 24.52 -24.83
C ALA C 322 -18.84 25.89 -24.24
N THR C 323 -19.14 25.90 -22.94
CA THR C 323 -19.45 27.16 -22.26
C THR C 323 -18.20 27.98 -22.06
N SER C 324 -18.19 29.18 -22.62
CA SER C 324 -17.05 30.09 -22.53
C SER C 324 -17.26 31.07 -21.38
N TYR C 325 -16.20 31.31 -20.60
CA TYR C 325 -16.25 32.22 -19.47
C TYR C 325 -15.59 33.54 -19.84
N THR C 326 -16.12 34.63 -19.29
CA THR C 326 -15.62 35.97 -19.57
C THR C 326 -15.62 36.78 -18.28
N LEU C 327 -14.44 37.25 -17.87
CA LEU C 327 -14.28 38.05 -16.68
C LEU C 327 -13.98 39.49 -17.09
N VAL C 328 -14.80 40.43 -16.64
CA VAL C 328 -14.66 41.83 -16.99
C VAL C 328 -14.51 42.66 -15.71
N GLU C 329 -13.74 43.74 -15.81
CA GLU C 329 -13.53 44.65 -14.71
C GLU C 329 -14.64 45.70 -14.67
N SER C 330 -14.98 46.14 -13.47
CA SER C 330 -16.03 47.13 -13.28
C SER C 330 -15.52 48.55 -13.42
N PHE C 331 -14.46 48.89 -12.68
CA PHE C 331 -13.95 50.27 -12.70
C PHE C 331 -13.18 50.59 -13.97
N SER C 332 -12.51 49.58 -14.55
CA SER C 332 -11.69 49.80 -15.73
C SER C 332 -12.28 49.25 -17.01
N GLY C 333 -13.29 48.40 -16.94
CA GLY C 333 -13.89 47.84 -18.13
C GLY C 333 -13.04 46.83 -18.87
N LYS C 334 -11.87 46.47 -18.33
CA LYS C 334 -11.01 45.49 -18.99
C LYS C 334 -11.61 44.10 -18.85
N TYR C 335 -11.61 43.35 -19.95
CA TYR C 335 -12.18 42.01 -19.99
C TYR C 335 -11.15 41.02 -20.50
N VAL C 336 -11.31 39.77 -20.07
CA VAL C 336 -10.43 38.68 -20.49
C VAL C 336 -11.28 37.46 -20.82
N ARG C 337 -10.85 36.70 -21.81
CA ARG C 337 -11.57 35.52 -22.27
C ARG C 337 -10.64 34.32 -22.25
N LEU C 338 -11.15 33.19 -21.77
CA LEU C 338 -10.37 31.96 -21.70
C LEU C 338 -10.33 31.29 -23.07
N LYS C 339 -9.19 30.66 -23.37
CA LYS C 339 -9.00 29.99 -24.64
C LYS C 339 -9.70 28.63 -24.64
N ARG C 340 -9.56 27.90 -25.75
CA ARG C 340 -10.19 26.58 -25.86
C ARG C 340 -9.54 25.56 -24.95
N ALA C 341 -8.23 25.66 -24.74
CA ALA C 341 -7.50 24.72 -23.89
C ALA C 341 -7.95 24.90 -22.45
N GLU C 342 -8.65 23.91 -21.91
CA GLU C 342 -9.15 23.95 -20.54
C GLU C 342 -8.34 23.02 -19.66
N ALA C 343 -8.45 23.24 -18.36
CA ALA C 343 -7.69 22.52 -17.36
C ALA C 343 -8.42 21.26 -16.91
N PRO C 344 -7.70 20.27 -16.36
CA PRO C 344 -8.36 19.07 -15.86
C PRO C 344 -9.26 19.34 -14.65
N THR C 345 -9.90 18.29 -14.13
CA THR C 345 -10.91 18.46 -13.09
C THR C 345 -10.31 19.00 -11.79
N ASN C 346 -9.05 18.69 -11.49
CA ASN C 346 -8.46 19.13 -10.23
C ASN C 346 -8.36 20.64 -10.16
N GLU C 347 -8.03 21.28 -11.28
CA GLU C 347 -7.96 22.74 -11.36
C GLU C 347 -8.94 23.24 -12.42
N SER C 348 -10.17 22.73 -12.35
CA SER C 348 -11.17 22.87 -13.42
C SER C 348 -11.17 24.24 -14.09
N TYR C 349 -11.11 25.31 -13.31
CA TYR C 349 -11.13 26.65 -13.90
C TYR C 349 -10.28 27.61 -13.08
N GLN C 350 -9.41 28.34 -13.77
CA GLN C 350 -8.59 29.37 -13.15
C GLN C 350 -8.19 30.37 -14.22
N LEU C 351 -8.15 31.65 -13.85
CA LEU C 351 -7.86 32.70 -14.81
C LEU C 351 -7.02 33.78 -14.15
N LEU C 352 -6.05 34.30 -14.90
CA LEU C 352 -5.14 35.33 -14.41
C LEU C 352 -5.62 36.70 -14.85
N PHE C 353 -5.48 37.69 -13.97
CA PHE C 353 -5.89 39.06 -14.24
C PHE C 353 -4.79 40.00 -13.78
N GLN C 354 -4.34 40.89 -14.67
CA GLN C 354 -3.29 41.83 -14.33
C GLN C 354 -3.82 42.95 -13.45
N MET C 355 -3.10 43.27 -12.39
CA MET C 355 -3.50 44.34 -11.50
C MET C 355 -3.27 45.70 -12.16
N LEU C 356 -3.99 46.70 -11.67
CA LEU C 356 -3.86 48.07 -12.16
C LEU C 356 -3.20 48.92 -11.09
N PRO C 357 -2.20 49.72 -11.45
CA PRO C 357 -1.46 50.48 -10.43
C PRO C 357 -2.33 51.51 -9.72
N ASN C 358 -2.05 51.69 -8.44
CA ASN C 358 -2.79 52.62 -7.58
C ASN C 358 -4.27 52.27 -7.50
N GLN C 359 -4.58 50.99 -7.61
CA GLN C 359 -5.95 50.49 -7.48
C GLN C 359 -5.94 49.27 -6.57
N GLU C 360 -6.68 49.35 -5.48
CA GLU C 360 -6.72 48.29 -4.49
C GLU C 360 -8.08 47.62 -4.35
N ILE C 361 -9.17 48.35 -4.52
CA ILE C 361 -10.51 47.79 -4.44
C ILE C 361 -10.88 47.22 -5.80
N TYR C 362 -11.33 45.96 -5.82
CA TYR C 362 -11.67 45.27 -7.05
C TYR C 362 -13.07 44.70 -6.95
N ASN C 363 -13.88 44.95 -7.97
CA ASN C 363 -15.27 44.48 -8.04
C ASN C 363 -15.38 43.65 -9.32
N PHE C 364 -15.15 42.35 -9.19
CA PHE C 364 -15.12 41.45 -10.34
C PHE C 364 -16.51 40.93 -10.66
N THR C 365 -16.77 40.75 -11.95
CA THR C 365 -18.05 40.22 -12.45
C THR C 365 -17.74 39.19 -13.53
N LEU C 366 -17.84 37.91 -13.18
CA LEU C 366 -17.61 36.82 -14.13
C LEU C 366 -18.91 36.46 -14.84
N ASN C 367 -18.85 36.35 -16.16
CA ASN C 367 -20.02 36.04 -16.98
C ASN C 367 -19.72 34.81 -17.84
N ALA C 368 -20.59 33.82 -17.76
CA ALA C 368 -20.52 32.63 -18.59
C ALA C 368 -21.65 32.62 -19.60
N HIS C 369 -21.41 32.00 -20.75
CA HIS C 369 -22.40 32.00 -21.82
C HIS C 369 -22.23 30.75 -22.68
N ASN C 370 -23.35 30.12 -23.00
CA ASN C 370 -23.43 29.00 -23.92
C ASN C 370 -24.55 29.27 -24.90
N PRO C 371 -24.65 28.48 -25.99
CA PRO C 371 -25.74 28.70 -26.96
C PRO C 371 -27.13 28.50 -26.37
N LEU C 372 -27.23 28.13 -25.09
CA LEU C 372 -28.52 27.93 -24.44
C LEU C 372 -28.89 29.06 -23.48
N GLY C 373 -27.92 29.67 -22.82
CA GLY C 373 -28.23 30.72 -21.86
C GLY C 373 -26.99 31.47 -21.44
N ARG C 374 -27.07 32.04 -20.23
CA ARG C 374 -25.96 32.82 -19.69
C ARG C 374 -26.13 32.95 -18.19
N SER C 375 -25.01 33.12 -17.49
CA SER C 375 -25.00 33.28 -16.05
C SER C 375 -23.96 34.32 -15.67
N GLN C 376 -24.03 34.79 -14.43
CA GLN C 376 -23.12 35.82 -13.94
C GLN C 376 -22.93 35.67 -12.44
N SER C 377 -21.92 36.36 -11.92
CA SER C 377 -21.61 36.32 -10.49
C SER C 377 -20.77 37.54 -10.15
N THR C 378 -21.12 38.22 -9.06
CA THR C 378 -20.44 39.43 -8.62
C THR C 378 -19.88 39.23 -7.22
N ILE C 379 -18.74 39.87 -6.96
CA ILE C 379 -18.08 39.79 -5.67
C ILE C 379 -17.13 40.97 -5.53
N LEU C 380 -17.00 41.49 -4.32
CA LEU C 380 -16.10 42.58 -4.00
C LEU C 380 -14.92 42.02 -3.21
N VAL C 381 -13.70 42.22 -3.71
CA VAL C 381 -12.50 41.66 -3.12
C VAL C 381 -11.49 42.77 -2.88
N ASN C 382 -10.79 42.69 -1.75
CA ASN C 382 -9.72 43.61 -1.40
C ASN C 382 -8.39 42.92 -1.71
N ILE C 383 -7.66 43.44 -2.70
CA ILE C 383 -6.43 42.79 -3.14
C ILE C 383 -5.34 42.84 -2.08
N THR C 384 -5.43 43.77 -1.13
CA THR C 384 -4.42 43.87 -0.09
C THR C 384 -4.65 42.91 1.07
N GLU C 385 -5.87 42.38 1.20
CA GLU C 385 -6.19 41.44 2.26
C GLU C 385 -6.26 40.00 1.79
N LYS C 386 -6.02 39.75 0.50
CA LYS C 386 -6.09 38.41 -0.08
C LYS C 386 -4.78 38.08 -0.80
N VAL C 387 -3.66 38.37 -0.14
CA VAL C 387 -2.34 38.09 -0.68
C VAL C 387 -1.85 36.77 -0.12
N TYR C 388 -1.26 35.94 -0.98
CA TYR C 388 -0.75 34.64 -0.56
C TYR C 388 0.76 34.75 -0.38
N PRO C 389 1.27 34.62 0.85
CA PRO C 389 2.73 34.71 1.06
C PRO C 389 3.44 33.56 0.36
N HIS C 390 4.38 33.91 -0.53
CA HIS C 390 5.12 32.89 -1.27
C HIS C 390 6.05 32.13 -0.34
N THR C 391 6.36 30.90 -0.72
CA THR C 391 7.23 30.04 0.08
C THR C 391 8.64 30.59 0.09
N PRO C 392 9.22 30.88 1.25
CA PRO C 392 10.60 31.40 1.28
C PRO C 392 11.58 30.35 0.80
N THR C 393 12.63 30.80 0.11
CA THR C 393 13.64 29.93 -0.45
C THR C 393 15.03 30.45 -0.06
N SER C 394 16.04 29.63 -0.37
CA SER C 394 17.45 29.95 -0.10
C SER C 394 17.66 30.26 1.39
N PHE C 395 17.17 29.37 2.24
CA PHE C 395 17.32 29.52 3.68
C PHE C 395 18.71 29.04 4.09
N LYS C 396 19.53 29.95 4.61
CA LYS C 396 20.88 29.65 5.02
C LYS C 396 21.07 29.97 6.50
N VAL C 397 22.00 29.26 7.13
CA VAL C 397 22.32 29.42 8.55
C VAL C 397 23.78 29.85 8.66
N LYS C 398 24.03 30.90 9.45
CA LYS C 398 25.37 31.42 9.64
C LYS C 398 25.60 31.70 11.12
N ASP C 399 26.79 31.36 11.61
CA ASP C 399 27.11 31.55 13.01
C ASP C 399 27.61 32.97 13.26
N ILE C 400 27.49 33.41 14.52
CA ILE C 400 27.95 34.72 14.93
C ILE C 400 28.98 34.56 16.04
N ASN C 401 28.56 33.96 17.15
CA ASN C 401 29.44 33.73 18.30
C ASN C 401 28.88 32.54 19.07
N SER C 402 29.35 32.37 20.31
CA SER C 402 29.03 31.16 21.07
C SER C 402 27.54 31.03 21.35
N THR C 403 26.88 32.13 21.70
CA THR C 403 25.50 32.11 22.16
C THR C 403 24.57 32.86 21.22
N ALA C 404 24.80 32.72 19.91
CA ALA C 404 23.92 33.34 18.93
C ALA C 404 24.19 32.73 17.55
N VAL C 405 23.15 32.72 16.72
CA VAL C 405 23.25 32.24 15.35
C VAL C 405 22.38 33.13 14.47
N LYS C 406 22.76 33.25 13.21
CA LYS C 406 22.10 34.13 12.26
C LYS C 406 21.42 33.32 11.17
N LEU C 407 20.25 33.79 10.73
CA LEU C 407 19.48 33.15 9.68
C LEU C 407 19.30 34.13 8.52
N SER C 408 18.89 33.59 7.38
CA SER C 408 18.69 34.39 6.18
C SER C 408 17.79 33.63 5.21
N TRP C 409 16.90 34.36 4.55
CA TRP C 409 16.01 33.77 3.55
C TRP C 409 15.59 34.86 2.57
N HIS C 410 15.15 34.42 1.40
CA HIS C 410 14.76 35.33 0.32
C HIS C 410 13.25 35.25 0.08
N LEU C 411 12.65 36.39 -0.23
CA LEU C 411 11.23 36.47 -0.49
C LEU C 411 10.96 37.36 -1.69
N PRO C 412 10.57 36.79 -2.83
CA PRO C 412 10.27 37.63 -4.00
C PRO C 412 8.92 38.30 -3.89
N GLY C 413 8.88 39.57 -4.27
CA GLY C 413 7.67 40.36 -4.26
C GLY C 413 7.93 41.77 -3.78
N ASN C 414 7.01 42.67 -4.10
CA ASN C 414 7.12 44.08 -3.72
C ASN C 414 6.30 44.34 -2.46
N PHE C 415 6.86 43.90 -1.33
CA PHE C 415 6.24 44.09 -0.03
C PHE C 415 6.85 45.25 0.75
N ALA C 416 7.30 46.29 0.03
CA ALA C 416 7.96 47.42 0.67
C ALA C 416 7.02 48.26 1.52
N LYS C 417 5.71 48.10 1.37
CA LYS C 417 4.74 48.87 2.13
C LYS C 417 4.15 48.11 3.30
N ILE C 418 4.36 46.80 3.38
CA ILE C 418 3.83 45.96 4.44
C ILE C 418 4.99 45.34 5.20
N ASN C 419 4.67 44.76 6.36
CA ASN C 419 5.64 44.10 7.21
C ASN C 419 5.39 42.61 7.26
N PHE C 420 6.39 41.87 7.72
CA PHE C 420 6.33 40.42 7.82
C PHE C 420 6.40 39.98 9.27
N LEU C 421 5.65 38.93 9.59
CA LEU C 421 5.66 38.29 10.91
C LEU C 421 6.11 36.85 10.71
N CYS C 422 7.42 36.64 10.74
CA CYS C 422 8.01 35.33 10.45
C CYS C 422 8.17 34.54 11.75
N GLU C 423 7.79 33.27 11.71
CA GLU C 423 7.88 32.39 12.87
C GLU C 423 9.06 31.44 12.70
N ILE C 424 9.99 31.50 13.65
CA ILE C 424 11.18 30.65 13.64
C ILE C 424 10.96 29.51 14.63
N GLU C 425 11.03 28.27 14.14
CA GLU C 425 10.85 27.09 14.96
C GLU C 425 12.20 26.52 15.36
N ILE C 426 12.41 26.35 16.66
CA ILE C 426 13.66 25.81 17.20
C ILE C 426 13.39 24.38 17.63
N LYS C 427 14.01 23.43 16.94
CA LYS C 427 13.83 22.00 17.23
C LYS C 427 15.16 21.44 17.72
N LYS C 428 15.29 21.33 19.04
CA LYS C 428 16.47 20.73 19.66
C LYS C 428 16.26 19.24 19.85
N SER C 429 17.30 18.46 19.58
CA SER C 429 17.20 17.01 19.66
C SER C 429 16.91 16.57 21.09
N ASN C 430 15.91 15.69 21.24
CA ASN C 430 15.51 15.12 22.53
C ASN C 430 15.10 16.23 23.50
N SER C 431 14.06 16.97 23.12
CA SER C 431 13.53 18.06 23.92
C SER C 431 12.14 18.40 23.41
N VAL C 432 11.60 19.51 23.88
CA VAL C 432 10.29 20.00 23.44
C VAL C 432 10.50 20.98 22.28
N GLN C 433 9.59 20.94 21.32
CA GLN C 433 9.68 21.83 20.17
C GLN C 433 9.48 23.27 20.60
N GLU C 434 10.40 24.15 20.19
CA GLU C 434 10.35 25.56 20.54
C GLU C 434 10.04 26.40 19.31
N GLN C 435 9.23 27.44 19.51
CA GLN C 435 8.84 28.34 18.43
C GLN C 435 9.15 29.78 18.84
N ARG C 436 9.60 30.57 17.86
CA ARG C 436 9.91 31.98 18.08
C ARG C 436 9.28 32.81 16.97
N ASN C 437 8.78 33.99 17.32
CA ASN C 437 8.17 34.90 16.38
C ASN C 437 8.96 36.19 16.33
N VAL C 438 9.26 36.66 15.12
CA VAL C 438 10.03 37.88 14.91
C VAL C 438 9.37 38.67 13.79
N THR C 439 9.40 40.00 13.91
CA THR C 439 8.81 40.89 12.93
C THR C 439 9.90 41.65 12.18
N ILE C 440 9.67 41.86 10.89
CA ILE C 440 10.62 42.55 10.02
C ILE C 440 9.84 43.40 9.02
N LYS C 441 10.42 44.54 8.66
CA LYS C 441 9.82 45.42 7.66
C LYS C 441 10.08 44.84 6.26
N GLY C 442 9.00 44.67 5.50
CA GLY C 442 9.15 44.10 4.17
C GLY C 442 9.83 45.06 3.21
N VAL C 443 10.65 44.50 2.33
CA VAL C 443 11.34 45.26 1.30
C VAL C 443 11.02 44.65 -0.06
N GLU C 444 11.56 45.25 -1.11
CA GLU C 444 11.26 44.86 -2.49
C GLU C 444 12.38 43.96 -2.99
N ASN C 445 12.13 42.64 -3.01
CA ASN C 445 13.02 41.66 -3.62
C ASN C 445 14.42 41.71 -3.01
N SER C 446 14.48 41.39 -1.71
CA SER C 446 15.74 41.32 -1.00
C SER C 446 15.67 40.20 0.04
N SER C 447 16.83 39.86 0.59
CA SER C 447 16.95 38.79 1.57
C SER C 447 16.92 39.37 2.98
N TYR C 448 16.13 38.76 3.85
CA TYR C 448 16.01 39.20 5.23
C TYR C 448 16.92 38.37 6.12
N LEU C 449 17.52 39.02 7.11
CA LEU C 449 18.46 38.38 8.02
C LEU C 449 18.05 38.67 9.45
N VAL C 450 17.76 37.62 10.21
CA VAL C 450 17.35 37.73 11.61
C VAL C 450 18.23 36.80 12.43
N ALA C 451 18.85 37.33 13.48
CA ALA C 451 19.73 36.57 14.35
C ALA C 451 19.04 36.32 15.70
N LEU C 452 19.19 35.11 16.21
CA LEU C 452 18.64 34.73 17.50
C LEU C 452 19.77 34.39 18.47
N ASP C 453 19.48 34.53 19.76
CA ASP C 453 20.46 34.29 20.81
C ASP C 453 19.77 33.56 21.96
N LYS C 454 20.47 33.49 23.09
CA LYS C 454 19.96 32.84 24.30
C LYS C 454 19.62 31.38 24.04
N LEU C 455 20.64 30.61 23.69
CA LEU C 455 20.51 29.19 23.45
C LEU C 455 21.70 28.45 24.06
N ASN C 456 21.52 27.16 24.28
CA ASN C 456 22.58 26.35 24.89
C ASN C 456 23.60 25.95 23.83
N PRO C 457 24.90 26.09 24.11
CA PRO C 457 25.92 25.73 23.12
C PRO C 457 26.10 24.21 23.05
N TYR C 458 26.84 23.80 22.02
CA TYR C 458 27.12 22.40 21.75
C TYR C 458 25.84 21.58 21.65
N THR C 459 25.02 21.92 20.66
CA THR C 459 23.76 21.24 20.44
C THR C 459 23.37 21.37 18.98
N LEU C 460 23.00 20.25 18.37
CA LEU C 460 22.53 20.24 17.00
C LEU C 460 21.08 20.72 16.95
N TYR C 461 20.79 21.61 15.99
CA TYR C 461 19.47 22.19 15.84
C TYR C 461 18.98 22.01 14.41
N THR C 462 17.66 22.00 14.25
CA THR C 462 17.02 21.92 12.95
C THR C 462 16.14 23.15 12.79
N PHE C 463 16.45 23.98 11.79
CA PHE C 463 15.80 25.25 11.59
C PHE C 463 14.85 25.19 10.39
N ARG C 464 13.61 25.61 10.60
CA ARG C 464 12.65 25.78 9.52
C ARG C 464 11.77 26.99 9.87
N ILE C 465 11.49 27.81 8.86
CA ILE C 465 10.79 29.07 9.08
C ILE C 465 9.61 29.17 8.12
N ARG C 466 8.51 29.73 8.61
CA ARG C 466 7.36 30.08 7.78
C ARG C 466 6.90 31.46 8.20
N CYS C 467 6.44 32.25 7.23
CA CYS C 467 6.17 33.65 7.49
C CYS C 467 4.82 34.04 6.88
N SER C 468 4.16 34.99 7.53
CA SER C 468 2.87 35.49 7.09
C SER C 468 2.84 37.01 7.21
N THR C 469 1.90 37.62 6.49
CA THR C 469 1.77 39.07 6.50
C THR C 469 1.06 39.53 7.77
N GLU C 470 1.08 40.85 7.98
CA GLU C 470 0.42 41.43 9.15
C GLU C 470 -1.10 41.32 9.04
N THR C 471 -1.62 41.26 7.82
CA THR C 471 -3.06 41.14 7.62
C THR C 471 -3.58 39.81 8.16
N PHE C 472 -2.72 38.80 8.23
CA PHE C 472 -3.07 37.46 8.74
C PHE C 472 -4.21 36.85 7.91
N TRP C 473 -3.93 36.64 6.63
CA TRP C 473 -4.88 36.02 5.72
C TRP C 473 -4.56 34.55 5.46
N LYS C 474 -3.33 34.24 5.06
CA LYS C 474 -2.91 32.87 4.80
C LYS C 474 -1.48 32.69 5.26
N TRP C 475 -1.16 31.46 5.65
CA TRP C 475 0.17 31.11 6.13
C TRP C 475 0.97 30.45 5.02
N SER C 476 2.19 30.92 4.80
CA SER C 476 3.05 30.34 3.79
C SER C 476 3.48 28.93 4.20
N LYS C 477 3.88 28.14 3.20
CA LYS C 477 4.32 26.78 3.47
C LYS C 477 5.66 26.77 4.20
N TRP C 478 5.91 25.68 4.91
CA TRP C 478 7.17 25.54 5.63
C TRP C 478 8.33 25.36 4.65
N SER C 479 9.42 26.09 4.91
CA SER C 479 10.60 25.99 4.09
C SER C 479 11.37 24.70 4.40
N ASN C 480 12.42 24.44 3.63
CA ASN C 480 13.20 23.23 3.83
C ASN C 480 13.98 23.31 5.15
N LYS C 481 13.97 22.20 5.88
CA LYS C 481 14.67 22.15 7.16
C LYS C 481 16.19 22.16 6.93
N LYS C 482 16.89 22.91 7.78
CA LYS C 482 18.35 23.00 7.71
C LYS C 482 18.93 22.66 9.07
N GLN C 483 19.84 21.69 9.08
CA GLN C 483 20.50 21.24 10.30
C GLN C 483 21.87 21.90 10.42
N HIS C 484 22.13 22.52 11.56
CA HIS C 484 23.40 23.21 11.80
C HIS C 484 23.83 22.98 13.24
N LEU C 485 25.14 22.97 13.45
CA LEU C 485 25.74 22.74 14.76
C LEU C 485 26.17 24.07 15.38
N THR C 486 26.07 24.13 16.70
CA THR C 486 26.45 25.33 17.45
C THR C 486 27.97 25.38 17.62
N THR C 487 28.44 26.27 18.47
CA THR C 487 29.87 26.48 18.66
C THR C 487 30.48 25.35 19.48
N GLU C 488 31.76 25.48 19.82
CA GLU C 488 32.53 24.41 20.45
C GLU C 488 31.99 24.00 21.81
N ALA C 489 32.07 24.91 22.79
CA ALA C 489 31.71 24.58 24.17
C ALA C 489 31.70 25.85 24.99
N SER C 490 31.27 25.71 26.24
CA SER C 490 31.28 26.78 27.23
C SER C 490 31.37 26.17 28.63
N PRO C 491 32.53 26.24 29.28
CA PRO C 491 32.66 25.64 30.61
C PRO C 491 31.90 26.43 31.66
N SER C 492 31.24 25.70 32.57
CA SER C 492 30.44 26.31 33.63
C SER C 492 30.96 26.01 35.02
N LYS C 493 31.20 24.73 35.33
CA LYS C 493 31.62 24.33 36.67
C LYS C 493 32.70 23.27 36.53
N GLY C 494 33.13 22.71 37.66
CA GLY C 494 34.15 21.70 37.68
C GLY C 494 33.62 20.33 38.04
N PRO C 495 34.32 19.28 37.64
CA PRO C 495 33.87 17.92 37.92
C PRO C 495 34.11 17.53 39.38
N ASP C 496 33.42 16.47 39.79
CA ASP C 496 33.59 15.92 41.12
C ASP C 496 34.83 15.04 41.16
N THR C 497 35.71 15.29 42.12
CA THR C 497 36.99 14.60 42.22
C THR C 497 37.12 13.90 43.57
N TRP C 498 38.02 12.91 43.61
CA TRP C 498 38.32 12.19 44.83
C TRP C 498 39.67 11.50 44.65
N ARG C 499 40.45 11.47 45.73
CA ARG C 499 41.79 10.90 45.72
C ARG C 499 41.86 9.69 46.65
N GLU C 500 42.71 8.73 46.29
CA GLU C 500 42.94 7.55 47.10
C GLU C 500 44.42 7.22 47.09
N TRP C 501 44.88 6.54 48.13
CA TRP C 501 46.27 6.13 48.25
C TRP C 501 46.44 4.69 47.80
N SER C 502 47.59 4.41 47.21
CA SER C 502 47.90 3.07 46.73
C SER C 502 48.33 2.17 47.89
N SER C 503 48.59 0.90 47.57
CA SER C 503 48.99 -0.06 48.60
C SER C 503 50.43 0.13 49.05
N ASP C 504 51.26 0.83 48.25
CA ASP C 504 52.66 1.04 48.60
C ASP C 504 52.88 2.28 49.46
N GLY C 505 51.86 3.12 49.64
CA GLY C 505 52.02 4.32 50.43
C GLY C 505 52.86 5.40 49.79
N LYS C 506 53.11 5.31 48.49
CA LYS C 506 53.92 6.29 47.77
C LYS C 506 53.15 6.99 46.67
N ASN C 507 52.35 6.26 45.89
CA ASN C 507 51.60 6.84 44.79
C ASN C 507 50.19 7.21 45.23
N LEU C 508 49.67 8.28 44.65
CA LEU C 508 48.32 8.78 44.96
C LEU C 508 47.49 8.74 43.69
N ILE C 509 46.54 7.83 43.62
CA ILE C 509 45.65 7.72 42.47
C ILE C 509 44.50 8.70 42.63
N ILE C 510 44.11 9.34 41.52
CA ILE C 510 43.07 10.35 41.51
C ILE C 510 41.93 9.88 40.61
N TYR C 511 40.70 10.06 41.07
CA TYR C 511 39.52 9.70 40.32
C TYR C 511 38.60 10.91 40.17
N TRP C 512 37.92 10.99 39.04
CA TRP C 512 37.00 12.09 38.78
C TRP C 512 35.92 11.61 37.81
N LYS C 513 34.74 12.22 37.94
CA LYS C 513 33.59 11.90 37.10
C LYS C 513 33.50 12.86 35.92
N PRO C 514 33.03 12.38 34.76
CA PRO C 514 32.88 13.28 33.61
C PRO C 514 31.73 14.25 33.82
N LEU C 515 31.95 15.50 33.41
CA LEU C 515 30.93 16.52 33.56
C LEU C 515 29.76 16.24 32.62
N PRO C 516 28.52 16.38 33.10
CA PRO C 516 27.37 16.13 32.22
C PRO C 516 27.21 17.18 31.14
N ILE C 517 26.22 17.00 30.27
CA ILE C 517 26.02 17.93 29.17
C ILE C 517 25.48 19.26 29.69
N ASN C 518 24.61 19.22 30.69
CA ASN C 518 24.05 20.46 31.24
C ASN C 518 25.06 21.26 32.05
N GLU C 519 26.17 20.63 32.45
CA GLU C 519 27.21 21.31 33.21
C GLU C 519 28.42 21.67 32.37
N ALA C 520 28.94 20.72 31.58
CA ALA C 520 30.09 21.01 30.73
C ALA C 520 29.69 21.87 29.54
N ASN C 521 28.48 21.68 29.01
CA ASN C 521 27.99 22.43 27.84
C ASN C 521 28.91 22.25 26.63
N GLY C 522 29.55 21.09 26.53
CA GLY C 522 30.45 20.84 25.42
C GLY C 522 31.26 19.59 25.67
N LYS C 523 31.93 19.16 24.60
CA LYS C 523 32.77 17.97 24.66
C LYS C 523 34.09 18.31 25.35
N ILE C 524 34.43 17.55 26.39
CA ILE C 524 35.68 17.78 27.11
C ILE C 524 36.85 17.30 26.26
N LEU C 525 37.89 18.12 26.18
CA LEU C 525 39.07 17.78 25.40
C LEU C 525 40.12 17.05 26.25
N SER C 526 40.41 17.58 27.44
CA SER C 526 41.40 16.97 28.32
C SER C 526 41.15 17.46 29.74
N TYR C 527 41.90 16.90 30.68
CA TYR C 527 41.83 17.26 32.08
C TYR C 527 43.20 17.69 32.57
N ASN C 528 43.27 18.84 33.22
CA ASN C 528 44.51 19.40 33.72
C ASN C 528 44.63 19.05 35.20
N VAL C 529 45.46 18.05 35.51
CA VAL C 529 45.68 17.62 36.89
C VAL C 529 46.97 18.24 37.39
N SER C 530 47.00 18.55 38.69
CA SER C 530 48.17 19.17 39.29
C SER C 530 48.08 18.99 40.81
N CYS C 531 49.11 18.37 41.39
CA CYS C 531 49.24 18.23 42.83
C CYS C 531 50.35 19.18 43.28
N SER C 532 49.97 20.36 43.76
CA SER C 532 50.90 21.42 44.09
C SER C 532 50.84 21.72 45.59
N SER C 533 51.96 22.18 46.13
CA SER C 533 52.05 22.60 47.52
C SER C 533 51.89 24.11 47.60
N ASP C 534 52.11 24.68 48.78
CA ASP C 534 51.99 26.11 48.98
C ASP C 534 53.25 26.88 48.62
N GLU C 535 54.25 26.24 48.02
CA GLU C 535 55.50 26.91 47.71
C GLU C 535 55.85 26.80 46.23
N GLU C 536 55.43 25.71 45.59
CA GLU C 536 55.79 25.48 44.20
C GLU C 536 54.76 24.57 43.55
N THR C 537 54.36 24.92 42.33
CA THR C 537 53.44 24.11 41.55
C THR C 537 54.23 23.06 40.77
N GLN C 538 53.89 21.79 40.98
CA GLN C 538 54.58 20.69 40.35
C GLN C 538 53.57 19.72 39.74
N SER C 539 54.09 18.84 38.89
CA SER C 539 53.33 17.77 38.24
C SER C 539 52.09 18.33 37.54
N LEU C 540 52.33 19.15 36.52
CA LEU C 540 51.28 19.74 35.70
C LEU C 540 51.17 18.89 34.43
N SER C 541 50.27 17.92 34.44
CA SER C 541 50.06 17.01 33.33
C SER C 541 48.64 17.14 32.80
N GLU C 542 48.46 16.79 31.53
CA GLU C 542 47.17 16.85 30.86
C GLU C 542 46.81 15.46 30.36
N ILE C 543 45.70 14.93 30.83
CA ILE C 543 45.22 13.60 30.45
C ILE C 543 43.98 13.78 29.58
N PRO C 544 43.88 13.10 28.42
CA PRO C 544 42.69 13.25 27.58
C PRO C 544 41.60 12.25 27.91
N ASP C 545 40.46 12.38 27.24
CA ASP C 545 39.34 11.46 27.41
C ASP C 545 39.61 10.16 26.66
N PRO C 546 38.97 9.04 27.06
CA PRO C 546 38.03 8.91 28.17
C PRO C 546 38.69 8.50 29.48
N GLN C 547 40.00 8.72 29.59
CA GLN C 547 40.72 8.33 30.81
C GLN C 547 40.31 9.25 31.95
N HIS C 548 39.67 8.67 32.98
CA HIS C 548 39.18 9.42 34.13
C HIS C 548 40.00 9.15 35.39
N LYS C 549 41.23 8.68 35.23
CA LYS C 549 42.12 8.42 36.36
C LYS C 549 43.54 8.75 35.96
N ALA C 550 44.32 9.20 36.94
CA ALA C 550 45.71 9.56 36.69
C ALA C 550 46.49 9.43 38.00
N GLU C 551 47.77 9.11 37.86
CA GLU C 551 48.66 8.93 39.00
C GLU C 551 49.75 10.00 38.99
N ILE C 552 50.10 10.48 40.18
CA ILE C 552 51.14 11.50 40.34
C ILE C 552 51.91 11.17 41.61
N ARG C 553 53.22 10.99 41.48
CA ARG C 553 54.07 10.67 42.63
C ARG C 553 54.29 11.91 43.48
N LEU C 554 54.05 11.79 44.78
CA LEU C 554 54.20 12.87 45.72
C LEU C 554 55.09 12.45 46.87
N ASP C 555 55.92 13.39 47.35
CA ASP C 555 56.82 13.12 48.46
C ASP C 555 56.26 13.54 49.80
N LYS C 556 55.32 14.49 49.82
CA LYS C 556 54.73 14.99 51.05
C LYS C 556 53.23 15.01 50.89
N ASN C 557 52.51 15.07 52.02
CA ASN C 557 51.06 14.95 52.04
C ASN C 557 50.34 16.29 52.08
N ASP C 558 51.07 17.40 52.01
CA ASP C 558 50.47 18.73 52.05
C ASP C 558 50.19 19.30 50.67
N TYR C 559 50.18 18.47 49.64
CA TYR C 559 49.92 18.93 48.27
C TYR C 559 48.43 18.96 47.99
N ILE C 560 47.98 20.03 47.34
CA ILE C 560 46.57 20.19 46.97
C ILE C 560 46.42 19.78 45.51
N ILE C 561 45.27 19.20 45.19
CA ILE C 561 44.97 18.69 43.86
C ILE C 561 44.00 19.65 43.18
N SER C 562 44.31 20.04 41.95
CA SER C 562 43.48 20.95 41.15
C SER C 562 43.23 20.30 39.79
N VAL C 563 42.14 19.54 39.70
CA VAL C 563 41.76 18.89 38.45
C VAL C 563 40.90 19.87 37.65
N VAL C 564 41.39 20.27 36.48
CA VAL C 564 40.74 21.27 35.65
C VAL C 564 40.43 20.64 34.29
N ALA C 565 39.16 20.62 33.92
CA ALA C 565 38.76 20.14 32.60
C ALA C 565 39.08 21.19 31.55
N LYS C 566 39.55 20.73 30.39
CA LYS C 566 39.97 21.61 29.30
C LYS C 566 38.97 21.54 28.16
N ASN C 567 38.61 22.71 27.63
CA ASN C 567 37.70 22.83 26.51
C ASN C 567 38.39 23.58 25.36
N SER C 568 37.63 23.81 24.29
CA SER C 568 38.17 24.48 23.11
C SER C 568 38.24 26.00 23.27
N VAL C 569 37.57 26.57 24.26
CA VAL C 569 37.54 28.01 24.46
C VAL C 569 38.31 28.43 25.70
N GLY C 570 38.27 27.63 26.75
CA GLY C 570 38.95 27.95 27.98
C GLY C 570 39.12 26.74 28.86
N SER C 571 39.07 26.94 30.17
CA SER C 571 39.25 25.88 31.15
C SER C 571 38.11 25.89 32.15
N SER C 572 37.80 24.71 32.68
CA SER C 572 36.75 24.59 33.68
C SER C 572 37.22 25.16 35.02
N PRO C 573 36.30 25.63 35.85
CA PRO C 573 36.66 26.08 37.19
C PRO C 573 37.36 24.98 37.97
N PRO C 574 38.44 25.29 38.68
CA PRO C 574 39.20 24.24 39.37
C PRO C 574 38.44 23.69 40.58
N SER C 575 38.56 22.39 40.78
CA SER C 575 37.97 21.70 41.91
C SER C 575 39.09 21.28 42.86
N LYS C 576 39.17 21.93 44.01
CA LYS C 576 40.23 21.67 44.97
C LYS C 576 39.85 20.53 45.90
N ILE C 577 40.82 19.67 46.20
CA ILE C 577 40.62 18.57 47.13
C ILE C 577 41.94 18.29 47.82
N ALA C 578 41.87 17.94 49.11
CA ALA C 578 43.05 17.71 49.91
C ALA C 578 43.57 16.29 49.73
N SER C 579 44.87 16.11 49.95
CA SER C 579 45.53 14.82 49.82
C SER C 579 46.00 14.23 51.13
N MET C 580 46.04 15.03 52.20
CA MET C 580 46.46 14.53 53.51
C MET C 580 45.32 13.72 54.13
N GLU C 581 45.67 12.54 54.65
CA GLU C 581 44.71 11.64 55.29
C GLU C 581 45.06 11.55 56.77
N ILE C 582 44.27 12.20 57.61
CA ILE C 582 44.50 12.20 59.05
C ILE C 582 44.11 10.83 59.61
N PRO C 583 44.99 10.15 60.32
CA PRO C 583 44.64 8.84 60.88
C PRO C 583 43.59 8.95 61.96
N ASN C 584 42.86 7.85 62.16
CA ASN C 584 41.81 7.77 63.17
C ASN C 584 41.72 6.34 63.66
N ASP C 585 42.23 6.10 64.87
CA ASP C 585 42.25 4.75 65.43
C ASP C 585 40.91 4.35 66.04
N ASP C 586 40.06 5.32 66.38
CA ASP C 586 38.76 5.04 66.99
C ASP C 586 37.71 4.81 65.89
N LEU C 587 37.86 3.66 65.23
CA LEU C 587 36.96 3.25 64.16
C LEU C 587 36.13 2.05 64.62
N LYS C 588 34.86 2.04 64.23
CA LYS C 588 33.95 0.97 64.60
C LYS C 588 33.08 0.59 63.40
N ILE C 589 32.86 -0.71 63.23
CA ILE C 589 32.05 -1.21 62.14
C ILE C 589 30.58 -1.12 62.53
N GLU C 590 29.76 -0.58 61.63
CA GLU C 590 28.34 -0.40 61.88
C GLU C 590 27.53 -1.07 60.77
N GLN C 591 26.25 -1.30 61.05
CA GLN C 591 25.34 -1.94 60.12
C GLN C 591 24.28 -0.95 59.68
N VAL C 592 23.88 -1.04 58.41
CA VAL C 592 22.86 -0.17 57.84
C VAL C 592 21.86 -1.03 57.07
N VAL C 593 20.63 -0.54 56.97
CA VAL C 593 19.56 -1.24 56.28
C VAL C 593 19.03 -0.33 55.17
N GLY C 594 19.09 -0.82 53.94
CA GLY C 594 18.61 -0.05 52.81
C GLY C 594 17.10 -0.05 52.74
N MET C 595 16.51 1.15 52.73
CA MET C 595 15.06 1.31 52.66
C MET C 595 14.69 1.50 51.19
N GLY C 596 14.36 0.40 50.53
CA GLY C 596 13.98 0.43 49.12
C GLY C 596 15.20 0.35 48.20
N LYS C 597 15.45 1.42 47.46
CA LYS C 597 16.57 1.46 46.53
C LYS C 597 17.81 2.09 47.14
N GLY C 598 17.65 3.14 47.96
CA GLY C 598 18.79 3.80 48.55
C GLY C 598 19.01 3.44 50.01
N ILE C 599 20.24 3.57 50.48
CA ILE C 599 20.62 3.26 51.85
C ILE C 599 20.86 4.58 52.59
N LEU C 600 20.21 4.73 53.73
CA LEU C 600 20.35 5.95 54.52
C LEU C 600 21.62 5.89 55.36
N LEU C 601 22.22 7.07 55.57
CA LEU C 601 23.43 7.19 56.37
C LEU C 601 23.21 8.24 57.44
N THR C 602 23.42 7.87 58.70
CA THR C 602 23.22 8.75 59.84
C THR C 602 24.53 8.94 60.58
N TRP C 603 24.94 10.20 60.76
CA TRP C 603 26.14 10.52 61.52
C TRP C 603 25.92 11.83 62.25
N HIS C 604 26.64 11.98 63.37
CA HIS C 604 26.53 13.19 64.18
C HIS C 604 27.29 14.34 63.54
N TYR C 605 26.76 15.55 63.74
CA TYR C 605 27.39 16.74 63.18
C TYR C 605 28.69 17.04 63.93
N ASP C 606 29.77 17.26 63.17
CA ASP C 606 31.06 17.57 63.75
C ASP C 606 31.42 19.01 63.43
N PRO C 607 31.60 19.88 64.44
CA PRO C 607 31.86 21.30 64.15
C PRO C 607 33.25 21.56 63.59
N ASN C 608 34.19 20.63 63.72
CA ASN C 608 35.55 20.85 63.24
C ASN C 608 35.70 20.64 61.74
N MET C 609 34.67 20.13 61.07
CA MET C 609 34.76 19.92 59.63
C MET C 609 34.77 21.25 58.89
N THR C 610 35.61 21.33 57.86
CA THR C 610 35.89 22.60 57.19
C THR C 610 35.22 22.70 55.82
N CYS C 611 35.48 21.76 54.91
CA CYS C 611 35.08 21.94 53.51
C CYS C 611 33.78 21.20 53.17
N ASP C 612 33.74 19.89 53.33
CA ASP C 612 32.53 19.11 53.03
C ASP C 612 32.70 17.70 53.59
N TYR C 613 31.77 16.82 53.24
CA TYR C 613 31.83 15.40 53.61
C TYR C 613 31.94 14.56 52.35
N VAL C 614 32.67 13.45 52.43
CA VAL C 614 32.85 12.54 51.32
C VAL C 614 32.55 11.13 51.80
N ILE C 615 31.69 10.42 51.06
CA ILE C 615 31.32 9.05 51.36
C ILE C 615 31.59 8.20 50.13
N LYS C 616 32.42 7.17 50.30
CA LYS C 616 32.77 6.26 49.21
C LYS C 616 32.28 4.85 49.52
N TRP C 617 32.12 4.05 48.47
CA TRP C 617 31.62 2.70 48.61
C TRP C 617 32.01 1.89 47.38
N CYS C 618 32.13 0.58 47.57
CA CYS C 618 32.44 -0.33 46.48
C CYS C 618 31.87 -1.70 46.81
N ASN C 619 32.19 -2.68 45.98
CA ASN C 619 31.73 -4.06 46.18
C ASN C 619 32.74 -4.81 47.03
N SER C 620 32.29 -5.33 48.16
CA SER C 620 33.15 -6.08 49.07
C SER C 620 33.06 -7.59 48.85
N SER C 621 32.28 -8.04 47.85
CA SER C 621 32.13 -9.46 47.55
C SER C 621 32.95 -9.89 46.35
N ARG C 622 34.00 -9.14 46.02
CA ARG C 622 34.84 -9.45 44.86
C ARG C 622 36.30 -9.18 45.23
N SER C 623 37.18 -10.08 44.78
CA SER C 623 38.61 -9.90 44.99
C SER C 623 39.23 -8.92 44.02
N GLU C 624 38.54 -8.59 42.92
CA GLU C 624 39.04 -7.62 41.97
C GLU C 624 38.97 -6.22 42.57
N PRO C 625 39.75 -5.28 42.03
CA PRO C 625 39.68 -3.90 42.52
C PRO C 625 38.28 -3.32 42.36
N CYS C 626 37.87 -2.53 43.35
CA CYS C 626 36.52 -1.98 43.38
C CYS C 626 36.29 -0.99 42.25
N LEU C 627 35.03 -0.82 41.89
CA LEU C 627 34.59 0.29 41.04
C LEU C 627 34.11 1.43 41.93
N MET C 628 35.07 2.06 42.60
CA MET C 628 34.78 3.00 43.67
C MET C 628 34.00 4.21 43.15
N ASP C 629 32.96 4.58 43.88
CA ASP C 629 32.16 5.77 43.59
C ASP C 629 32.05 6.59 44.87
N TRP C 630 31.96 7.91 44.69
CA TRP C 630 31.92 8.84 45.80
C TRP C 630 30.87 9.90 45.55
N ARG C 631 30.63 10.73 46.57
CA ARG C 631 29.65 11.81 46.46
C ARG C 631 29.98 12.84 47.52
N LYS C 632 30.20 14.08 47.11
CA LYS C 632 30.53 15.16 48.04
C LYS C 632 29.26 15.72 48.65
N VAL C 633 29.23 15.81 49.98
CA VAL C 633 28.09 16.32 50.73
C VAL C 633 28.57 17.52 51.54
N PRO C 634 27.88 18.65 51.48
CA PRO C 634 28.32 19.82 52.27
C PRO C 634 28.26 19.55 53.76
N SER C 635 28.91 20.44 54.52
CA SER C 635 29.02 20.26 55.96
C SER C 635 27.72 20.54 56.69
N ASN C 636 26.78 21.25 56.05
CA ASN C 636 25.51 21.57 56.71
C ASN C 636 24.53 20.42 56.72
N SER C 637 24.83 19.32 56.03
CA SER C 637 23.95 18.17 55.96
C SER C 637 24.43 17.09 56.94
N THR C 638 23.46 16.41 57.56
CA THR C 638 23.76 15.34 58.51
C THR C 638 23.14 14.00 58.13
N GLU C 639 22.21 13.97 57.17
CA GLU C 639 21.57 12.72 56.76
C GLU C 639 21.35 12.77 55.26
N THR C 640 21.92 11.81 54.54
CA THR C 640 21.78 11.73 53.10
C THR C 640 21.55 10.28 52.69
N VAL C 641 21.23 10.09 51.41
CA VAL C 641 20.99 8.77 50.84
C VAL C 641 21.83 8.62 49.59
N ILE C 642 22.18 7.39 49.26
CA ILE C 642 23.03 7.06 48.11
C ILE C 642 22.15 6.44 47.04
N GLU C 643 22.18 7.02 45.85
CA GLU C 643 21.40 6.55 44.71
C GLU C 643 22.37 6.03 43.65
N SER C 644 22.39 4.72 43.43
CA SER C 644 23.25 4.11 42.44
C SER C 644 22.57 2.86 41.89
N ASP C 645 22.80 2.61 40.59
CA ASP C 645 22.21 1.46 39.92
C ASP C 645 22.97 0.17 40.17
N GLU C 646 24.16 0.24 40.77
CA GLU C 646 24.96 -0.95 41.02
C GLU C 646 24.55 -1.69 42.29
N PHE C 647 23.64 -1.13 43.08
CA PHE C 647 23.19 -1.79 44.30
C PHE C 647 22.29 -2.97 43.95
N ARG C 648 22.72 -4.18 44.31
CA ARG C 648 21.98 -5.39 44.02
C ARG C 648 21.68 -6.14 45.31
N PRO C 649 20.56 -6.86 45.38
CA PRO C 649 20.26 -7.62 46.60
C PRO C 649 21.26 -8.74 46.82
N GLY C 650 21.65 -8.92 48.08
CA GLY C 650 22.60 -9.96 48.44
C GLY C 650 24.05 -9.57 48.29
N ILE C 651 24.36 -8.32 47.99
CA ILE C 651 25.73 -7.86 47.82
C ILE C 651 26.01 -6.83 48.91
N ARG C 652 27.10 -7.04 49.65
CA ARG C 652 27.49 -6.15 50.73
C ARG C 652 28.39 -5.05 50.21
N TYR C 653 28.12 -3.82 50.64
CA TYR C 653 28.89 -2.65 50.25
C TYR C 653 29.45 -1.97 51.50
N ASN C 654 30.74 -1.65 51.47
CA ASN C 654 31.40 -0.99 52.59
C ASN C 654 31.35 0.52 52.38
N PHE C 655 30.77 1.23 53.33
CA PHE C 655 30.64 2.68 53.27
C PHE C 655 31.64 3.32 54.22
N PHE C 656 32.40 4.29 53.71
CA PHE C 656 33.41 4.99 54.48
C PHE C 656 33.09 6.48 54.50
N LEU C 657 33.02 7.04 55.70
CA LEU C 657 32.72 8.46 55.89
C LEU C 657 34.01 9.19 56.28
N TYR C 658 34.39 10.18 55.48
CA TYR C 658 35.60 10.96 55.73
C TYR C 658 35.23 12.36 56.21
N GLY C 659 36.09 12.93 57.04
CA GLY C 659 35.88 14.24 57.62
C GLY C 659 36.93 15.22 57.15
N CYS C 660 36.48 16.41 56.76
CA CYS C 660 37.34 17.47 56.24
C CYS C 660 37.77 18.37 57.40
N ARG C 661 38.84 17.96 58.09
CA ARG C 661 39.33 18.67 59.26
C ARG C 661 40.76 19.11 59.01
N ASN C 662 40.96 20.43 58.91
CA ASN C 662 42.29 21.04 58.77
C ASN C 662 43.03 20.52 57.54
N GLN C 663 42.43 20.77 56.38
CA GLN C 663 43.02 20.44 55.08
C GLN C 663 43.34 18.94 54.97
N GLY C 664 42.56 18.11 55.65
CA GLY C 664 42.80 16.68 55.63
C GLY C 664 41.52 15.87 55.73
N TYR C 665 41.46 14.76 54.98
CA TYR C 665 40.30 13.87 55.00
C TYR C 665 40.53 12.78 56.04
N GLN C 666 39.79 12.85 57.14
CA GLN C 666 39.91 11.91 58.24
C GLN C 666 38.68 11.02 58.27
N LEU C 667 38.91 9.70 58.26
CA LEU C 667 37.80 8.76 58.28
C LEU C 667 37.09 8.80 59.62
N LEU C 668 35.75 8.69 59.58
CA LEU C 668 34.92 8.78 60.77
C LEU C 668 34.20 7.48 61.06
N ARG C 669 33.44 6.96 60.11
CA ARG C 669 32.62 5.78 60.32
C ARG C 669 32.78 4.81 59.16
N SER C 670 32.85 3.52 59.46
CA SER C 670 32.89 2.45 58.47
C SER C 670 31.62 1.62 58.64
N MET C 671 30.72 1.70 57.66
CA MET C 671 29.42 1.05 57.73
C MET C 671 29.27 0.07 56.57
N ILE C 672 28.68 -1.09 56.86
CA ILE C 672 28.39 -2.10 55.85
C ILE C 672 26.91 -2.43 55.91
N GLY C 673 26.38 -2.90 54.79
CA GLY C 673 24.97 -3.25 54.72
C GLY C 673 24.59 -3.66 53.32
N TYR C 674 23.30 -3.97 53.17
CA TYR C 674 22.73 -4.40 51.91
C TYR C 674 21.64 -3.42 51.48
N ILE C 675 21.23 -3.54 50.21
CA ILE C 675 20.17 -2.68 49.70
C ILE C 675 18.83 -3.05 50.31
N GLU C 676 18.65 -4.32 50.70
CA GLU C 676 17.41 -4.77 51.31
C GLU C 676 17.74 -5.78 52.41
N GLU C 677 17.04 -5.66 53.52
CA GLU C 677 17.22 -6.57 54.66
C GLU C 677 15.86 -6.87 55.25
N LEU C 678 15.52 -8.16 55.35
CA LEU C 678 14.24 -8.59 55.88
C LEU C 678 14.44 -9.92 56.61
N ALA C 679 13.34 -10.60 56.91
CA ALA C 679 13.41 -11.88 57.58
C ALA C 679 13.94 -12.96 56.63
N PRO C 680 14.62 -13.98 57.15
CA PRO C 680 15.09 -15.06 56.28
C PRO C 680 13.94 -15.80 55.64
N ILE C 681 14.24 -16.42 54.49
CA ILE C 681 13.20 -17.12 53.74
C ILE C 681 13.11 -18.61 54.09
N VAL C 682 14.18 -19.20 54.62
CA VAL C 682 14.18 -20.61 54.99
C VAL C 682 14.83 -20.75 56.36
N ALA C 683 14.39 -21.79 57.09
CA ALA C 683 14.92 -22.11 58.42
C ALA C 683 16.17 -22.97 58.29
N PRO C 684 17.12 -22.85 59.24
CA PRO C 684 18.33 -23.66 59.17
C PRO C 684 18.03 -25.14 59.36
N ASN C 685 18.55 -25.97 58.46
CA ASN C 685 18.34 -27.41 58.54
C ASN C 685 19.18 -28.01 59.66
N PHE C 686 18.52 -28.72 60.57
CA PHE C 686 19.18 -29.34 61.71
C PHE C 686 18.92 -30.84 61.69
N THR C 687 19.85 -31.59 62.29
CA THR C 687 19.75 -33.05 62.33
C THR C 687 20.26 -33.53 63.68
N VAL C 688 19.71 -34.63 64.16
CA VAL C 688 20.13 -35.22 65.42
C VAL C 688 21.30 -36.15 65.18
N GLU C 689 22.31 -36.07 66.05
CA GLU C 689 23.50 -36.92 65.95
C GLU C 689 23.51 -38.02 67.00
N ASP C 690 23.39 -37.64 68.27
CA ASP C 690 23.39 -38.58 69.38
C ASP C 690 22.24 -38.26 70.32
N THR C 691 21.70 -39.29 70.95
CA THR C 691 20.61 -39.15 71.91
C THR C 691 20.78 -40.19 73.00
N SER C 692 20.72 -39.74 74.25
CA SER C 692 20.84 -40.61 75.41
C SER C 692 19.48 -40.74 76.10
N ALA C 693 19.47 -41.48 77.20
CA ALA C 693 18.24 -41.63 77.97
C ALA C 693 17.86 -40.35 78.70
N ASP C 694 18.79 -39.41 78.85
CA ASP C 694 18.51 -38.16 79.53
C ASP C 694 19.15 -36.96 78.85
N SER C 695 19.58 -37.07 77.58
CA SER C 695 20.17 -35.96 76.87
C SER C 695 20.03 -36.18 75.37
N ILE C 696 19.99 -35.08 74.62
CA ILE C 696 19.93 -35.11 73.17
C ILE C 696 21.01 -34.18 72.62
N LEU C 697 21.21 -34.26 71.30
CA LEU C 697 22.22 -33.46 70.62
C LEU C 697 21.68 -33.08 69.25
N VAL C 698 21.87 -31.80 68.88
CA VAL C 698 21.38 -31.29 67.61
C VAL C 698 22.48 -30.42 66.99
N LYS C 699 22.43 -30.28 65.67
CA LYS C 699 23.42 -29.51 64.93
C LYS C 699 22.76 -28.91 63.71
N TRP C 700 22.76 -27.58 63.62
CA TRP C 700 22.20 -26.87 62.48
C TRP C 700 23.33 -26.32 61.61
N GLU C 701 23.07 -26.27 60.30
CA GLU C 701 24.04 -25.79 59.34
C GLU C 701 23.96 -24.26 59.23
N ASP C 702 25.11 -23.64 59.00
CA ASP C 702 25.18 -22.19 58.90
C ASP C 702 24.40 -21.70 57.69
N ILE C 703 23.55 -20.71 57.91
CA ILE C 703 22.72 -20.18 56.82
C ILE C 703 23.56 -19.22 55.98
N PRO C 704 23.63 -19.40 54.66
CA PRO C 704 24.38 -18.46 53.83
C PRO C 704 23.74 -17.09 53.82
N VAL C 705 24.56 -16.09 53.49
CA VAL C 705 24.09 -14.70 53.47
C VAL C 705 23.17 -14.41 52.30
N GLU C 706 23.08 -15.30 51.32
CA GLU C 706 22.21 -15.07 50.17
C GLU C 706 20.75 -15.21 50.56
N GLU C 707 20.43 -16.12 51.47
CA GLU C 707 19.06 -16.33 51.92
C GLU C 707 18.79 -15.76 53.30
N LEU C 708 19.83 -15.31 54.02
CA LEU C 708 19.60 -14.71 55.33
C LEU C 708 18.92 -13.36 55.20
N ARG C 709 19.28 -12.58 54.18
CA ARG C 709 18.70 -11.26 53.92
C ARG C 709 18.87 -10.34 55.14
N GLY C 710 20.05 -10.36 55.72
CA GLY C 710 20.35 -9.54 56.88
C GLY C 710 21.33 -10.22 57.79
N PHE C 711 21.61 -9.55 58.92
CA PHE C 711 22.54 -10.06 59.92
C PHE C 711 21.79 -10.95 60.89
N LEU C 712 22.16 -12.23 60.93
CA LEU C 712 21.52 -13.18 61.83
C LEU C 712 21.95 -12.92 63.27
N ARG C 713 20.97 -12.71 64.14
CA ARG C 713 21.24 -12.40 65.55
C ARG C 713 21.32 -13.65 66.43
N GLY C 714 20.74 -14.76 66.00
CA GLY C 714 20.79 -15.97 66.81
C GLY C 714 19.78 -16.98 66.32
N TYR C 715 19.50 -17.96 67.18
CA TYR C 715 18.57 -19.04 66.88
C TYR C 715 17.61 -19.24 68.03
N LEU C 716 16.35 -19.52 67.71
CA LEU C 716 15.31 -19.78 68.70
C LEU C 716 14.93 -21.25 68.61
N PHE C 717 15.39 -22.04 69.57
CA PHE C 717 15.13 -23.48 69.61
C PHE C 717 13.99 -23.76 70.56
N TYR C 718 12.96 -24.46 70.07
CA TYR C 718 11.80 -24.83 70.86
C TYR C 718 11.72 -26.34 71.00
N PHE C 719 11.30 -26.80 72.18
CA PHE C 719 11.18 -28.23 72.45
C PHE C 719 10.11 -28.44 73.51
N GLY C 720 9.33 -29.50 73.35
CA GLY C 720 8.28 -29.81 74.29
C GLY C 720 7.61 -31.12 73.94
N LYS C 721 6.89 -31.66 74.91
CA LYS C 721 6.20 -32.93 74.73
C LYS C 721 5.11 -32.80 73.67
N GLY C 722 5.06 -33.78 72.77
CA GLY C 722 4.08 -33.78 71.70
C GLY C 722 4.13 -35.03 70.84
N ASP C 738 3.49 -26.20 77.80
CA ASP C 738 4.38 -27.30 78.14
C ASP C 738 5.67 -27.22 77.31
N ILE C 739 5.80 -26.15 76.53
CA ILE C 739 6.97 -25.94 75.68
C ILE C 739 7.88 -24.91 76.34
N LYS C 740 9.17 -25.04 76.07
CA LYS C 740 10.18 -24.15 76.63
C LYS C 740 10.87 -23.39 75.49
N VAL C 741 11.27 -22.16 75.80
CA VAL C 741 11.94 -21.28 74.83
C VAL C 741 13.31 -20.94 75.38
N LYS C 742 14.36 -21.33 74.65
CA LYS C 742 15.74 -21.06 75.03
C LYS C 742 16.44 -20.40 73.85
N ASN C 743 16.75 -19.11 73.99
CA ASN C 743 17.39 -18.35 72.93
C ASN C 743 18.91 -18.50 73.02
N ILE C 744 19.54 -18.64 71.85
CA ILE C 744 20.99 -18.77 71.74
C ILE C 744 21.46 -17.59 70.89
N THR C 745 21.99 -16.55 71.54
CA THR C 745 22.46 -15.37 70.84
C THR C 745 23.86 -15.53 70.27
N ASP C 746 24.53 -16.65 70.55
CA ASP C 746 25.88 -16.90 70.04
C ASP C 746 25.79 -17.35 68.59
N ILE C 747 26.26 -16.51 67.67
CA ILE C 747 26.21 -16.86 66.26
C ILE C 747 27.23 -17.92 65.90
N SER C 748 28.29 -18.07 66.70
CA SER C 748 29.31 -19.07 66.42
C SER C 748 29.01 -20.42 67.05
N GLN C 749 28.14 -20.47 68.07
CA GLN C 749 27.77 -21.72 68.72
C GLN C 749 26.76 -22.45 67.85
N LYS C 750 27.20 -23.52 67.20
CA LYS C 750 26.34 -24.34 66.36
C LYS C 750 25.91 -25.63 67.03
N THR C 751 26.35 -25.88 68.27
CA THR C 751 26.04 -27.10 69.00
C THR C 751 25.15 -26.77 70.19
N LEU C 752 24.13 -27.60 70.39
CA LEU C 752 23.16 -27.39 71.46
C LEU C 752 22.82 -28.72 72.10
N ARG C 753 22.83 -28.75 73.43
CA ARG C 753 22.48 -29.95 74.20
C ARG C 753 21.52 -29.57 75.31
N ILE C 754 20.57 -30.46 75.59
CA ILE C 754 19.55 -30.25 76.61
C ILE C 754 19.68 -31.35 77.66
N ALA C 755 19.73 -30.95 78.92
CA ALA C 755 19.87 -31.88 80.05
C ALA C 755 18.55 -31.97 80.81
N ASP C 756 18.55 -32.80 81.84
CA ASP C 756 17.37 -33.04 82.68
C ASP C 756 16.19 -33.52 81.83
N LEU C 757 16.39 -34.68 81.20
CA LEU C 757 15.44 -35.23 80.25
C LEU C 757 14.96 -36.59 80.72
N GLN C 758 13.71 -36.91 80.40
CA GLN C 758 13.09 -38.18 80.75
C GLN C 758 13.00 -39.08 79.53
N GLY C 759 12.87 -40.38 79.79
CA GLY C 759 12.85 -41.35 78.70
C GLY C 759 11.46 -41.68 78.21
N LYS C 760 11.42 -42.23 76.99
CA LYS C 760 10.19 -42.70 76.36
C LYS C 760 9.13 -41.59 76.31
N THR C 761 9.55 -40.42 75.81
CA THR C 761 8.66 -39.29 75.63
C THR C 761 8.95 -38.65 74.28
N SER C 762 7.91 -38.49 73.46
CA SER C 762 8.05 -37.91 72.13
C SER C 762 8.02 -36.39 72.25
N TYR C 763 9.09 -35.74 71.81
CA TYR C 763 9.23 -34.29 71.88
C TYR C 763 9.17 -33.68 70.49
N HIS C 764 8.70 -32.44 70.41
CA HIS C 764 8.59 -31.70 69.17
C HIS C 764 9.67 -30.62 69.14
N LEU C 765 10.73 -30.87 68.37
CA LEU C 765 11.85 -29.93 68.29
C LEU C 765 11.59 -28.95 67.15
N VAL C 766 11.59 -27.66 67.48
CA VAL C 766 11.34 -26.59 66.52
C VAL C 766 12.49 -25.59 66.61
N LEU C 767 13.05 -25.24 65.45
CA LEU C 767 14.15 -24.29 65.37
C LEU C 767 13.73 -23.17 64.41
N ARG C 768 13.79 -21.93 64.88
CA ARG C 768 13.38 -20.77 64.10
C ARG C 768 14.43 -19.68 64.22
N ALA C 769 14.86 -19.16 63.08
CA ALA C 769 15.83 -18.09 63.05
C ALA C 769 15.14 -16.73 63.05
N TYR C 770 15.79 -15.75 63.67
CA TYR C 770 15.24 -14.40 63.79
C TYR C 770 16.33 -13.38 63.46
N THR C 771 15.92 -12.29 62.83
CA THR C 771 16.85 -11.21 62.47
C THR C 771 16.29 -9.86 62.90
N ASP C 772 16.97 -8.78 62.53
CA ASP C 772 16.48 -7.45 62.88
C ASP C 772 15.25 -7.06 62.07
N GLY C 773 15.16 -7.52 60.83
CA GLY C 773 14.04 -7.21 59.96
C GLY C 773 12.86 -8.16 60.05
N GLY C 774 12.89 -9.10 60.99
CA GLY C 774 11.80 -10.05 61.14
C GLY C 774 12.24 -11.43 61.55
N VAL C 775 11.29 -12.33 61.75
CA VAL C 775 11.55 -13.71 62.14
C VAL C 775 11.20 -14.62 60.98
N GLY C 776 12.12 -15.50 60.61
CA GLY C 776 11.92 -16.40 59.50
C GLY C 776 11.05 -17.59 59.86
N PRO C 777 10.97 -18.56 58.96
CA PRO C 777 10.16 -19.76 59.20
C PRO C 777 10.88 -20.71 60.17
N GLU C 778 10.23 -21.85 60.40
CA GLU C 778 10.74 -22.84 61.35
C GLU C 778 10.65 -24.23 60.74
N LYS C 779 11.56 -25.10 61.19
CA LYS C 779 11.57 -26.50 60.80
C LYS C 779 11.32 -27.36 62.03
N SER C 780 10.62 -28.47 61.85
CA SER C 780 10.24 -29.34 62.95
C SER C 780 10.43 -30.80 62.56
N MET C 781 10.64 -31.64 63.58
CA MET C 781 10.78 -33.06 63.40
C MET C 781 10.49 -33.76 64.72
N TYR C 782 10.10 -35.03 64.62
CA TYR C 782 9.73 -35.83 65.78
C TYR C 782 10.75 -36.95 65.96
N VAL C 783 11.30 -37.06 67.18
CA VAL C 783 12.24 -38.12 67.53
C VAL C 783 11.90 -38.62 68.92
N VAL C 784 12.22 -39.87 69.19
CA VAL C 784 12.00 -40.50 70.49
C VAL C 784 13.34 -40.70 71.17
N THR C 785 13.44 -40.26 72.43
CA THR C 785 14.68 -40.41 73.17
C THR C 785 14.96 -41.88 73.49
N LYS C 786 16.23 -42.18 73.73
CA LYS C 786 16.64 -43.55 74.00
C LYS C 786 16.27 -43.95 75.43
N GLU C 787 16.51 -45.22 75.73
CA GLU C 787 16.18 -45.77 77.04
C GLU C 787 17.45 -46.14 77.80
C1 NAG D . 8.67 8.27 -47.64
C2 NAG D . 9.89 8.57 -48.51
C3 NAG D . 10.61 9.81 -47.99
C4 NAG D . 9.66 10.98 -47.87
C5 NAG D . 8.45 10.59 -47.02
C6 NAG D . 7.41 11.67 -46.95
C7 NAG D . 11.14 6.83 -49.70
C8 NAG D . 12.07 5.66 -49.56
N2 NAG D . 10.79 7.43 -48.57
O3 NAG D . 11.68 10.14 -48.88
O4 NAG D . 10.30 12.13 -47.33
O5 NAG D . 7.82 9.43 -47.59
O6 NAG D . 6.86 11.78 -45.64
O7 NAG D . 10.72 7.20 -50.79
C1 NAG D . 11.05 11.79 -46.13
C2 NAG D . 12.43 12.44 -46.23
C3 NAG D . 13.24 12.17 -44.98
C4 NAG D . 12.46 12.58 -43.74
C5 NAG D . 11.09 11.93 -43.73
C6 NAG D . 10.21 12.40 -42.59
C7 NAG D . 13.62 12.81 -48.34
C8 NAG D . 14.32 12.16 -49.50
N2 NAG D . 13.14 11.98 -47.41
O3 NAG D . 14.47 12.88 -45.03
O4 NAG D . 13.17 12.20 -42.56
O5 NAG D . 10.39 12.25 -44.95
O6 NAG D . 10.87 12.26 -41.34
O7 NAG D . 13.49 14.03 -48.27
C1 NAG E . 50.19 23.92 -12.28
C2 NAG E . 50.72 23.13 -13.48
C3 NAG E . 52.26 23.13 -13.48
C4 NAG E . 52.83 22.78 -12.10
C5 NAG E . 52.15 23.60 -11.01
C6 NAG E . 53.14 24.40 -10.19
C7 NAG E . 49.58 21.23 -14.52
C8 NAG E . 49.11 19.82 -14.34
N2 NAG E . 50.21 21.77 -13.48
O3 NAG E . 52.73 24.40 -13.89
O4 NAG E . 52.63 21.39 -11.83
O5 NAG E . 51.26 24.55 -11.60
O6 NAG E . 53.87 25.31 -10.99
O7 NAG E . 49.38 21.85 -15.55
C1 NAG E . 53.59 20.62 -12.57
C2 NAG E . 54.58 19.97 -11.58
C3 NAG E . 55.57 19.08 -12.33
C4 NAG E . 54.83 18.07 -13.19
C5 NAG E . 53.85 18.80 -14.11
C6 NAG E . 52.99 17.85 -14.92
C7 NAG E . 56.10 21.93 -11.30
C8 NAG E . 56.71 22.86 -10.31
N2 NAG E . 55.29 20.98 -10.79
O3 NAG E . 56.39 18.40 -11.38
O4 NAG E . 55.76 17.34 -13.98
O5 NAG E . 52.95 19.60 -13.33
O6 NAG E . 52.33 16.91 -14.09
O7 NAG E . 56.31 22.02 -12.50
C1 NAG F . -19.70 46.07 -9.54
C2 NAG F . -20.61 47.09 -8.85
C3 NAG F . -22.02 47.06 -9.46
C4 NAG F . -21.94 47.24 -10.97
C5 NAG F . -21.02 46.18 -11.57
C6 NAG F . -20.84 46.33 -13.06
C7 NAG F . -20.84 47.82 -6.52
C8 NAG F . -20.88 47.40 -5.09
N2 NAG F . -20.67 46.85 -7.42
O3 NAG F . -22.81 48.08 -8.88
O4 NAG F . -23.23 47.18 -11.58
O5 NAG F . -19.72 46.28 -10.97
O6 NAG F . -20.62 45.07 -13.69
O7 NAG F . -20.95 49.01 -6.85
C1 NAG F . -24.02 46.09 -11.09
C2 NAG F . -25.45 46.61 -10.89
C3 NAG F . -26.36 45.47 -10.42
C4 NAG F . -26.26 44.28 -11.35
C5 NAG F . -24.81 43.86 -11.53
C6 NAG F . -24.62 42.76 -12.54
C7 NAG F . -25.55 49.00 -10.35
C8 NAG F . -25.58 50.02 -9.26
N2 NAG F . -25.49 47.72 -9.96
O3 NAG F . -27.71 45.95 -10.36
O4 NAG F . -27.01 43.19 -10.82
O5 NAG F . -24.02 44.98 -11.99
O6 NAG F . -24.68 41.48 -11.92
O7 NAG F . -25.58 49.31 -11.55
C1 NAG G . -8.37 46.91 2.06
C2 NAG G . -9.22 47.73 3.02
C3 NAG G . -8.42 48.94 3.51
C4 NAG G . -7.09 48.51 4.10
C5 NAG G . -6.33 47.66 3.09
C6 NAG G . -5.04 47.09 3.64
C7 NAG G . -11.61 47.52 2.55
C8 NAG G . -12.79 48.10 1.83
N2 NAG G . -10.46 48.16 2.39
O3 NAG G . -9.19 49.64 4.50
O4 NAG G . -6.31 49.65 4.44
O5 NAG G . -7.13 46.54 2.69
O6 NAG G . -5.30 46.12 4.66
O7 NAG G . -11.71 46.51 3.24
C1 NAG G . -6.17 49.72 5.87
C2 NAG G . -4.81 50.33 6.19
C3 NAG G . -4.63 50.46 7.70
C4 NAG G . -5.80 51.22 8.31
C5 NAG G . -7.12 50.57 7.90
C6 NAG G . -8.33 51.35 8.36
C7 NAG G . -2.79 50.05 4.81
C8 NAG G . -2.92 51.51 4.50
N2 NAG G . -3.73 49.54 5.62
O3 NAG G . -3.41 51.14 7.98
O4 NAG G . -5.70 51.22 9.72
O5 NAG G . -7.20 50.50 6.47
O6 NAG G . -9.04 50.64 9.38
O7 NAG G . -1.89 49.36 4.33
C1 NAG H . -49.56 28.81 -53.34
C2 NAG H . -50.85 28.77 -54.16
C3 NAG H . -50.53 28.79 -55.65
C4 NAG H . -49.62 29.97 -55.98
C5 NAG H . -48.38 29.94 -55.10
C6 NAG H . -47.48 31.14 -55.30
C7 NAG H . -51.29 26.34 -53.95
C8 NAG H . -52.30 25.32 -53.55
N2 NAG H . -51.68 27.63 -53.82
O3 NAG H . -51.74 28.87 -56.40
O4 NAG H . -49.24 29.92 -57.35
O5 NAG H . -48.76 29.94 -53.72
O6 NAG H . -46.61 31.33 -54.20
O7 NAG H . -50.19 26.03 -54.39
C1 NAG H . -49.86 31.03 -58.05
C2 NAG H . -48.92 31.51 -59.15
C3 NAG H . -49.56 32.65 -59.94
C4 NAG H . -50.93 32.22 -60.45
C5 NAG H . -51.79 31.72 -59.30
C6 NAG H . -53.12 31.16 -59.76
C7 NAG H . -46.47 31.38 -58.96
C8 NAG H . -46.54 30.30 -59.98
N2 NAG H . -47.64 31.92 -58.60
O3 NAG H . -48.72 33.00 -61.03
O4 NAG H . -51.58 33.33 -61.07
O5 NAG H . -51.11 30.65 -58.62
O6 NAG H . -53.01 29.83 -60.21
O7 NAG H . -45.40 31.75 -58.47
C1 NAG I . 26.23 -6.07 -14.81
C2 NAG I . 27.53 -6.74 -14.36
C3 NAG I . 27.29 -7.57 -13.08
C4 NAG I . 26.00 -8.37 -13.16
C5 NAG I . 24.82 -7.50 -13.58
C6 NAG I . 23.74 -7.44 -12.53
C7 NAG I . 28.97 -7.14 -16.30
C8 NAG I . 29.43 -8.15 -17.32
N2 NAG I . 28.08 -7.58 -15.41
O3 NAG I . 27.25 -6.69 -11.97
O4 NAG I . 26.15 -9.44 -14.10
O5 NAG I . 25.26 -6.15 -13.79
O6 NAG I . 22.56 -8.13 -12.96
O7 NAG I . 29.39 -5.99 -16.29
C1 NAG J . -21.77 -68.61 24.84
C2 NAG J . -22.29 -69.83 25.62
C3 NAG J . -21.73 -69.85 27.04
C4 NAG J . -21.76 -68.45 27.68
C5 NAG J . -21.09 -67.43 26.77
C6 NAG J . -19.85 -66.81 27.39
C7 NAG J . -24.48 -70.35 24.63
C8 NAG J . -25.96 -70.28 24.81
N2 NAG J . -23.74 -69.85 25.63
O3 NAG J . -20.40 -70.35 27.03
O4 NAG J . -23.10 -68.06 27.92
O5 NAG J . -20.67 -68.04 25.55
O6 NAG J . -19.25 -67.68 28.33
O7 NAG J . -23.96 -70.82 23.62
C1 NAG K . -9.73 -16.35 -11.48
C2 NAG K . -10.44 -15.14 -12.09
C3 NAG K . -11.41 -14.52 -11.09
C4 NAG K . -10.71 -14.16 -9.77
C5 NAG K . -9.76 -15.28 -9.36
C6 NAG K . -9.88 -15.64 -7.90
C7 NAG K . -9.77 -13.28 -13.54
C8 NAG K . -8.66 -12.33 -13.90
N2 NAG K . -9.48 -14.16 -12.56
O3 NAG K . -12.49 -15.42 -10.84
O4 NAG K . -9.98 -12.96 -9.92
O5 NAG K . -10.07 -16.47 -10.11
O6 NAG K . -10.74 -16.76 -7.71
O7 NAG K . -10.85 -13.26 -14.10
C1 NAG L . -18.42 -48.45 11.48
C2 NAG L . -17.09 -47.79 11.83
C3 NAG L . -16.46 -47.16 10.59
C4 NAG L . -17.49 -46.40 9.75
C5 NAG L . -18.71 -47.27 9.46
C6 NAG L . -18.91 -47.52 7.98
C7 NAG L . -16.35 -46.58 13.84
C8 NAG L . -16.68 -45.53 14.84
N2 NAG L . -17.25 -46.80 12.89
O3 NAG L . -15.84 -48.17 9.80
O4 NAG L . -17.91 -45.23 10.44
O5 NAG L . -18.55 -48.55 10.08
O6 NAG L . -20.27 -47.31 7.60
O7 NAG L . -15.29 -47.21 13.88
C1 NAG M . -21.76 -65.50 4.73
C2 NAG M . -22.15 -65.51 3.25
C3 NAG M . -23.18 -64.42 2.96
C4 NAG M . -24.36 -64.55 3.91
C5 NAG M . -23.89 -64.57 5.36
C6 NAG M . -25.01 -64.82 6.35
C7 NAG M . -20.60 -66.27 1.50
C8 NAG M . -19.38 -65.94 0.71
N2 NAG M . -20.98 -65.35 2.40
O3 NAG M . -23.62 -64.53 1.62
O4 NAG M . -25.25 -63.45 3.73
O5 NAG M . -22.93 -65.64 5.54
O6 NAG M . -25.35 -63.64 7.06
O7 NAG M . -21.22 -67.31 1.33
C1 NAG N . 47.39 44.79 -13.81
C2 NAG N . 46.70 45.70 -14.83
C3 NAG N . 45.35 45.11 -15.25
C4 NAG N . 44.64 44.42 -14.09
C5 NAG N . 45.54 43.38 -13.41
C6 NAG N . 45.09 41.96 -13.65
C7 NAG N . 47.48 47.97 -14.38
C8 NAG N . 47.14 49.32 -13.79
N2 NAG N . 46.53 47.05 -14.31
O3 NAG N . 45.55 44.18 -16.31
O4 NAG N . 44.23 45.39 -13.12
O5 NAG N . 46.88 43.48 -13.91
O6 NAG N . 43.68 41.82 -13.47
O7 NAG N . 48.58 47.75 -14.89
C1 NAG O . -39.82 12.31 -19.17
C2 NAG O . -41.34 12.43 -19.04
C3 NAG O . -41.95 11.05 -18.85
C4 NAG O . -41.50 10.10 -19.95
C5 NAG O . -39.99 10.07 -20.05
C6 NAG O . -39.47 9.24 -21.20
C7 NAG O . -42.40 14.44 -18.12
C8 NAG O . -42.68 15.23 -16.88
N2 NAG O . -41.71 13.32 -17.95
O3 NAG O . -43.37 11.16 -18.85
O4 NAG O . -41.98 8.79 -19.69
O5 NAG O . -39.49 11.41 -20.25
O6 NAG O . -38.06 9.26 -21.26
O7 NAG O . -42.77 14.81 -19.23
C1 NAG P . 15.18 42.29 -6.91
C2 NAG P . 16.64 42.34 -7.32
C3 NAG P . 17.10 43.79 -7.52
C4 NAG P . 16.16 44.51 -8.48
C5 NAG P . 14.71 44.38 -8.02
C6 NAG P . 13.73 44.97 -8.98
C7 NAG P . 17.96 40.42 -6.53
C8 NAG P . 18.81 39.88 -5.42
N2 NAG P . 17.48 41.66 -6.36
O3 NAG P . 18.43 43.80 -8.02
O4 NAG P . 16.50 45.90 -8.53
O5 NAG P . 14.38 42.99 -7.88
O6 NAG P . 12.84 45.88 -8.34
O7 NAG P . 17.71 39.77 -7.54
C1 NAG Q . 27.02 36.72 21.36
C2 NAG Q . 27.32 37.47 22.66
C3 NAG Q . 26.02 38.03 23.25
C4 NAG Q . 25.28 38.86 22.22
C5 NAG Q . 25.08 38.06 20.94
C6 NAG Q . 24.45 38.87 19.82
C7 NAG Q . 29.30 36.69 23.87
C8 NAG Q . 29.84 35.74 24.89
N2 NAG Q . 28.00 36.61 23.62
O3 NAG Q . 26.33 38.82 24.39
O4 NAG Q . 24.02 39.26 22.73
O5 NAG Q . 26.35 37.58 20.45
O6 NAG Q . 23.12 38.46 19.56
O7 NAG Q . 30.03 37.51 23.30
#